data_6QZ8
# 
_entry.id   6QZ8 
# 
_audit_conform.dict_name       mmcif_pdbx.dic 
_audit_conform.dict_version    5.383 
_audit_conform.dict_location   http://mmcif.pdb.org/dictionaries/ascii/mmcif_pdbx.dic 
# 
loop_
_database_2.database_id 
_database_2.database_code 
_database_2.pdbx_database_accession 
_database_2.pdbx_DOI 
PDB   6QZ8         pdb_00006qz8 10.2210/pdb6qz8/pdb 
WWPDB D_1292101146 ?            ?                   
# 
loop_
_pdbx_audit_revision_history.ordinal 
_pdbx_audit_revision_history.data_content_type 
_pdbx_audit_revision_history.major_revision 
_pdbx_audit_revision_history.minor_revision 
_pdbx_audit_revision_history.revision_date 
1 'Structure model' 1 0 2019-08-07 
2 'Structure model' 1 1 2019-08-21 
3 'Structure model' 1 2 2019-09-18 
4 'Structure model' 1 3 2024-01-24 
# 
_pdbx_audit_revision_details.ordinal             1 
_pdbx_audit_revision_details.revision_ordinal    1 
_pdbx_audit_revision_details.data_content_type   'Structure model' 
_pdbx_audit_revision_details.provider            repository 
_pdbx_audit_revision_details.type                'Initial release' 
_pdbx_audit_revision_details.description         ? 
_pdbx_audit_revision_details.details             ? 
# 
loop_
_pdbx_audit_revision_group.ordinal 
_pdbx_audit_revision_group.revision_ordinal 
_pdbx_audit_revision_group.data_content_type 
_pdbx_audit_revision_group.group 
1 2 'Structure model' 'Data collection'        
2 2 'Structure model' 'Database references'    
3 3 'Structure model' 'Data collection'        
4 3 'Structure model' 'Refinement description' 
5 4 'Structure model' 'Data collection'        
6 4 'Structure model' 'Database references'    
7 4 'Structure model' 'Refinement description' 
# 
loop_
_pdbx_audit_revision_category.ordinal 
_pdbx_audit_revision_category.revision_ordinal 
_pdbx_audit_revision_category.data_content_type 
_pdbx_audit_revision_category.category 
1 2 'Structure model' citation                      
2 2 'Structure model' citation_author               
3 3 'Structure model' software                      
4 4 'Structure model' chem_comp_atom                
5 4 'Structure model' chem_comp_bond                
6 4 'Structure model' database_2                    
7 4 'Structure model' pdbx_initial_refinement_model 
# 
loop_
_pdbx_audit_revision_item.ordinal 
_pdbx_audit_revision_item.revision_ordinal 
_pdbx_audit_revision_item.data_content_type 
_pdbx_audit_revision_item.item 
1 2 'Structure model' '_citation.journal_volume'            
2 2 'Structure model' '_citation.page_first'                
3 2 'Structure model' '_citation.page_last'                 
4 2 'Structure model' '_citation_author.identifier_ORCID'   
5 3 'Structure model' '_software.version'                   
6 4 'Structure model' '_database_2.pdbx_DOI'                
7 4 'Structure model' '_database_2.pdbx_database_accession' 
# 
_pdbx_database_status.status_code                     REL 
_pdbx_database_status.status_code_sf                  REL 
_pdbx_database_status.status_code_mr                  ? 
_pdbx_database_status.entry_id                        6QZ8 
_pdbx_database_status.recvd_initial_deposition_date   2019-03-11 
_pdbx_database_status.SG_entry                        N 
_pdbx_database_status.deposit_site                    PDBE 
_pdbx_database_status.process_site                    PDBE 
_pdbx_database_status.status_code_cs                  ? 
_pdbx_database_status.methods_development_category    ? 
_pdbx_database_status.pdb_format_compatible           Y 
_pdbx_database_status.status_code_nmr_data            ? 
# 
loop_
_pdbx_database_related.db_name 
_pdbx_database_related.details 
_pdbx_database_related.db_id 
_pdbx_database_related.content_type 
PDB . 6qxj unspecified 
PDB . 6qyk unspecified 
PDB . 6qyl unspecified 
PDB . 6qyn unspecified 
PDB . 6qyo unspecified 
PDB . 6qyp unspecified 
PDB . 6qz5 unspecified 
PDB . 6qz6 unspecified 
PDB . 6qz7 unspecified 
# 
loop_
_audit_author.name 
_audit_author.pdbx_ordinal 
_audit_author.identifier_ORCID 
'Dokurno, P.'            1  0000-0002-7332-8889 
'Szlavik, Z.'            2  0000-0002-9385-806X 
'Ondi, L.'               3  ?                   
'Csekei, M.'             4  0000-0002-5781-1096 
'Paczal, A.'             5  ?                   
'Szabo, Z.B.'            6  0000-0001-7557-0305 
'Radics, G.'             7  0000-0003-4954-3025 
'Murray, J.'             8  0000-0003-1007-8218 
'Davidson, J.'           9  0000-0002-8301-1607 
'Chen, I.'               10 ?                   
'Davis, B.'              11 0000-0001-6759-7575 
'Hubbard, R.E.'          12 0000-0002-8233-7461 
'Pedder, C.'             13 ?                   
'Surgenor, A.E.'         14 ?                   
'Smith, J.'              15 ?                   
'Robertson, A.'          16 ?                   
'LeToumelin-Braizat, G.' 17 ?                   
'Cauquil, N.'            18 ?                   
'Zarka, M.'              19 ?                   
'Demarles, D.'           20 ?                   
'Perron-Sierra, F.'      21 ?                   
'Geneste, O.'            22 ?                   
'Kotschy, A.'            23 0000-0002-7675-3864 
# 
_citation.abstract                  ? 
_citation.abstract_id_CAS           ? 
_citation.book_id_ISBN              ? 
_citation.book_publisher            ? 
_citation.book_publisher_city       ? 
_citation.book_title                ? 
_citation.coordinate_linkage        ? 
_citation.country                   US 
_citation.database_id_Medline       ? 
_citation.details                   ? 
_citation.id                        primary 
_citation.journal_abbrev            J.Med.Chem. 
_citation.journal_id_ASTM           JMCMAR 
_citation.journal_id_CSD            0151 
_citation.journal_id_ISSN           0022-2623 
_citation.journal_full              ? 
_citation.journal_issue             ? 
_citation.journal_volume            62 
_citation.language                  ? 
_citation.page_first                6913 
_citation.page_last                 6924 
_citation.title                     'Structure-Guided Discovery of a Selective Mcl-1 Inhibitor with Cellular Activity.' 
_citation.year                      2019 
_citation.database_id_CSD           ? 
_citation.pdbx_database_id_DOI      10.1021/acs.jmedchem.9b00134 
_citation.pdbx_database_id_PubMed   31339316 
_citation.unpublished_flag          ? 
# 
loop_
_citation_author.citation_id 
_citation_author.name 
_citation_author.ordinal 
_citation_author.identifier_ORCID 
primary 'Szlavik, Z.'            1  ? 
primary 'Ondi, L.'               2  ? 
primary 'Csekei, M.'             3  ? 
primary 'Paczal, A.'             4  ? 
primary 'Szabo, Z.B.'            5  ? 
primary 'Radics, G.'             6  ? 
primary 'Murray, J.'             7  ? 
primary 'Davidson, J.'           8  ? 
primary 'Chen, I.'               9  ? 
primary 'Davis, B.'              10 ? 
primary 'Hubbard, R.E.'          11 ? 
primary 'Pedder, C.'             12 ? 
primary 'Dokurno, P.'            13 ? 
primary 'Surgenor, A.'           14 ? 
primary 'Smith, J.'              15 ? 
primary 'Robertson, A.'          16 ? 
primary 'LeToumelin-Braizat, G.' 17 ? 
primary 'Cauquil, N.'            18 ? 
primary 'Zarka, M.'              19 ? 
primary 'Demarles, D.'           20 ? 
primary 'Perron-Sierra, F.'      21 ? 
primary 'Claperon, A.'           22 ? 
primary 'Colland, F.'            23 ? 
primary 'Geneste, O.'            24 ? 
primary 'Kotschy, A.'            25 ? 
# 
loop_
_entity.id 
_entity.type 
_entity.src_method 
_entity.pdbx_description 
_entity.formula_weight 
_entity.pdbx_number_of_molecules 
_entity.pdbx_ec 
_entity.pdbx_mutation 
_entity.pdbx_fragment 
_entity.details 
1 polymer     man 'Induced myeloid leukemia cell differentiation protein Mcl-1' 19493.154 1  ? ? ? ? 
2 non-polymer syn 
'(2~{R})-2-[5-(3-chloranyl-2-methyl-4-oxidanyl-phenyl)-6-ethyl-thieno[2,3-d]pyrimidin-4-yl]oxy-3-phenyl-propanoic acid' 468.953   
1  ? ? ? ? 
3 water       nat water 18.015    41 ? ? ? ? 
# 
_entity_name_com.entity_id   1 
_entity_name_com.name        'Bcl-2-like protein 3,Bcl2-L-3,Bcl-2-related protein EAT/mcl1,mcl1/EAT' 
# 
_entity_poly.entity_id                      1 
_entity_poly.type                           'polypeptide(L)' 
_entity_poly.nstd_linkage                   no 
_entity_poly.nstd_monomer                   no 
_entity_poly.pdbx_seq_one_letter_code       
;MHHHHHHLVPRGSEDELYRQSLEIISRYLREQATGAKDTKPMGRSGATSRKALETLRRVGDGVQRNHETAFQGMLRKLDI
KNEDDVKSLSRVMIHVFSDGVTNWGRIVTLISFGAFVAKHLKTINQESCIEPLAESITDVLVRTKRDWLVKQRGWDGFVE
FFHVEDLEGG
;
_entity_poly.pdbx_seq_one_letter_code_can   
;MHHHHHHLVPRGSEDELYRQSLEIISRYLREQATGAKDTKPMGRSGATSRKALETLRRVGDGVQRNHETAFQGMLRKLDI
KNEDDVKSLSRVMIHVFSDGVTNWGRIVTLISFGAFVAKHLKTINQESCIEPLAESITDVLVRTKRDWLVKQRGWDGFVE
FFHVEDLEGG
;
_entity_poly.pdbx_strand_id                 A 
_entity_poly.pdbx_target_identifier         ? 
# 
loop_
_pdbx_entity_nonpoly.entity_id 
_pdbx_entity_nonpoly.name 
_pdbx_entity_nonpoly.comp_id 
2 '(2~{R})-2-[5-(3-chloranyl-2-methyl-4-oxidanyl-phenyl)-6-ethyl-thieno[2,3-d]pyrimidin-4-yl]oxy-3-phenyl-propanoic acid' JL8 
3 water                                                                                                                   HOH 
# 
loop_
_entity_poly_seq.entity_id 
_entity_poly_seq.num 
_entity_poly_seq.mon_id 
_entity_poly_seq.hetero 
1 1   MET n 
1 2   HIS n 
1 3   HIS n 
1 4   HIS n 
1 5   HIS n 
1 6   HIS n 
1 7   HIS n 
1 8   LEU n 
1 9   VAL n 
1 10  PRO n 
1 11  ARG n 
1 12  GLY n 
1 13  SER n 
1 14  GLU n 
1 15  ASP n 
1 16  GLU n 
1 17  LEU n 
1 18  TYR n 
1 19  ARG n 
1 20  GLN n 
1 21  SER n 
1 22  LEU n 
1 23  GLU n 
1 24  ILE n 
1 25  ILE n 
1 26  SER n 
1 27  ARG n 
1 28  TYR n 
1 29  LEU n 
1 30  ARG n 
1 31  GLU n 
1 32  GLN n 
1 33  ALA n 
1 34  THR n 
1 35  GLY n 
1 36  ALA n 
1 37  LYS n 
1 38  ASP n 
1 39  THR n 
1 40  LYS n 
1 41  PRO n 
1 42  MET n 
1 43  GLY n 
1 44  ARG n 
1 45  SER n 
1 46  GLY n 
1 47  ALA n 
1 48  THR n 
1 49  SER n 
1 50  ARG n 
1 51  LYS n 
1 52  ALA n 
1 53  LEU n 
1 54  GLU n 
1 55  THR n 
1 56  LEU n 
1 57  ARG n 
1 58  ARG n 
1 59  VAL n 
1 60  GLY n 
1 61  ASP n 
1 62  GLY n 
1 63  VAL n 
1 64  GLN n 
1 65  ARG n 
1 66  ASN n 
1 67  HIS n 
1 68  GLU n 
1 69  THR n 
1 70  ALA n 
1 71  PHE n 
1 72  GLN n 
1 73  GLY n 
1 74  MET n 
1 75  LEU n 
1 76  ARG n 
1 77  LYS n 
1 78  LEU n 
1 79  ASP n 
1 80  ILE n 
1 81  LYS n 
1 82  ASN n 
1 83  GLU n 
1 84  ASP n 
1 85  ASP n 
1 86  VAL n 
1 87  LYS n 
1 88  SER n 
1 89  LEU n 
1 90  SER n 
1 91  ARG n 
1 92  VAL n 
1 93  MET n 
1 94  ILE n 
1 95  HIS n 
1 96  VAL n 
1 97  PHE n 
1 98  SER n 
1 99  ASP n 
1 100 GLY n 
1 101 VAL n 
1 102 THR n 
1 103 ASN n 
1 104 TRP n 
1 105 GLY n 
1 106 ARG n 
1 107 ILE n 
1 108 VAL n 
1 109 THR n 
1 110 LEU n 
1 111 ILE n 
1 112 SER n 
1 113 PHE n 
1 114 GLY n 
1 115 ALA n 
1 116 PHE n 
1 117 VAL n 
1 118 ALA n 
1 119 LYS n 
1 120 HIS n 
1 121 LEU n 
1 122 LYS n 
1 123 THR n 
1 124 ILE n 
1 125 ASN n 
1 126 GLN n 
1 127 GLU n 
1 128 SER n 
1 129 CYS n 
1 130 ILE n 
1 131 GLU n 
1 132 PRO n 
1 133 LEU n 
1 134 ALA n 
1 135 GLU n 
1 136 SER n 
1 137 ILE n 
1 138 THR n 
1 139 ASP n 
1 140 VAL n 
1 141 LEU n 
1 142 VAL n 
1 143 ARG n 
1 144 THR n 
1 145 LYS n 
1 146 ARG n 
1 147 ASP n 
1 148 TRP n 
1 149 LEU n 
1 150 VAL n 
1 151 LYS n 
1 152 GLN n 
1 153 ARG n 
1 154 GLY n 
1 155 TRP n 
1 156 ASP n 
1 157 GLY n 
1 158 PHE n 
1 159 VAL n 
1 160 GLU n 
1 161 PHE n 
1 162 PHE n 
1 163 HIS n 
1 164 VAL n 
1 165 GLU n 
1 166 ASP n 
1 167 LEU n 
1 168 GLU n 
1 169 GLY n 
1 170 GLY n 
# 
_entity_src_gen.entity_id                          1 
_entity_src_gen.pdbx_src_id                        1 
_entity_src_gen.pdbx_alt_source_flag               sample 
_entity_src_gen.pdbx_seq_type                      'Biological sequence' 
_entity_src_gen.pdbx_beg_seq_num                   1 
_entity_src_gen.pdbx_end_seq_num                   170 
_entity_src_gen.gene_src_common_name               Human 
_entity_src_gen.gene_src_genus                     ? 
_entity_src_gen.pdbx_gene_src_gene                 'MCL1, BCL2L3' 
_entity_src_gen.gene_src_species                   ? 
_entity_src_gen.gene_src_strain                    ? 
_entity_src_gen.gene_src_tissue                    ? 
_entity_src_gen.gene_src_tissue_fraction           ? 
_entity_src_gen.gene_src_details                   ? 
_entity_src_gen.pdbx_gene_src_fragment             ? 
_entity_src_gen.pdbx_gene_src_scientific_name      'Homo sapiens' 
_entity_src_gen.pdbx_gene_src_ncbi_taxonomy_id     9606 
_entity_src_gen.pdbx_gene_src_variant              ? 
_entity_src_gen.pdbx_gene_src_cell_line            ? 
_entity_src_gen.pdbx_gene_src_atcc                 ? 
_entity_src_gen.pdbx_gene_src_organ                ? 
_entity_src_gen.pdbx_gene_src_organelle            ? 
_entity_src_gen.pdbx_gene_src_cell                 ? 
_entity_src_gen.pdbx_gene_src_cellular_location    ? 
_entity_src_gen.host_org_common_name               ? 
_entity_src_gen.pdbx_host_org_scientific_name      'Escherichia coli BL21(DE3)' 
_entity_src_gen.pdbx_host_org_ncbi_taxonomy_id     469008 
_entity_src_gen.host_org_genus                     ? 
_entity_src_gen.pdbx_host_org_gene                 ? 
_entity_src_gen.pdbx_host_org_organ                ? 
_entity_src_gen.host_org_species                   ? 
_entity_src_gen.pdbx_host_org_tissue               ? 
_entity_src_gen.pdbx_host_org_tissue_fraction      ? 
_entity_src_gen.pdbx_host_org_strain               ? 
_entity_src_gen.pdbx_host_org_variant              pLysS 
_entity_src_gen.pdbx_host_org_cell_line            ? 
_entity_src_gen.pdbx_host_org_atcc                 ? 
_entity_src_gen.pdbx_host_org_culture_collection   ? 
_entity_src_gen.pdbx_host_org_cell                 ? 
_entity_src_gen.pdbx_host_org_organelle            ? 
_entity_src_gen.pdbx_host_org_cellular_location    ? 
_entity_src_gen.pdbx_host_org_vector_type          ? 
_entity_src_gen.pdbx_host_org_vector               ? 
_entity_src_gen.host_org_details                   ? 
_entity_src_gen.expression_system_id               ? 
_entity_src_gen.plasmid_name                       ? 
_entity_src_gen.plasmid_details                    ? 
_entity_src_gen.pdbx_description                   ? 
# 
loop_
_chem_comp.id 
_chem_comp.type 
_chem_comp.mon_nstd_flag 
_chem_comp.name 
_chem_comp.pdbx_synonyms 
_chem_comp.formula 
_chem_comp.formula_weight 
ALA 'L-peptide linking' y ALANINE ? 'C3 H7 N O2'         89.093  
ARG 'L-peptide linking' y ARGININE ? 'C6 H15 N4 O2 1'     175.209 
ASN 'L-peptide linking' y ASPARAGINE ? 'C4 H8 N2 O3'        132.118 
ASP 'L-peptide linking' y 'ASPARTIC ACID' ? 'C4 H7 N O4'         133.103 
CYS 'L-peptide linking' y CYSTEINE ? 'C3 H7 N O2 S'       121.158 
GLN 'L-peptide linking' y GLUTAMINE ? 'C5 H10 N2 O3'       146.144 
GLU 'L-peptide linking' y 'GLUTAMIC ACID' ? 'C5 H9 N O4'         147.129 
GLY 'peptide linking'   y GLYCINE ? 'C2 H5 N O2'         75.067  
HIS 'L-peptide linking' y HISTIDINE ? 'C6 H10 N3 O2 1'     156.162 
HOH non-polymer         . WATER ? 'H2 O'               18.015  
ILE 'L-peptide linking' y ISOLEUCINE ? 'C6 H13 N O2'        131.173 
JL8 non-polymer         . 
'(2~{R})-2-[5-(3-chloranyl-2-methyl-4-oxidanyl-phenyl)-6-ethyl-thieno[2,3-d]pyrimidin-4-yl]oxy-3-phenyl-propanoic acid' ? 
'C24 H21 Cl N2 O4 S' 468.953 
LEU 'L-peptide linking' y LEUCINE ? 'C6 H13 N O2'        131.173 
LYS 'L-peptide linking' y LYSINE ? 'C6 H15 N2 O2 1'     147.195 
MET 'L-peptide linking' y METHIONINE ? 'C5 H11 N O2 S'      149.211 
PHE 'L-peptide linking' y PHENYLALANINE ? 'C9 H11 N O2'        165.189 
PRO 'L-peptide linking' y PROLINE ? 'C5 H9 N O2'         115.130 
SER 'L-peptide linking' y SERINE ? 'C3 H7 N O3'         105.093 
THR 'L-peptide linking' y THREONINE ? 'C4 H9 N O3'         119.119 
TRP 'L-peptide linking' y TRYPTOPHAN ? 'C11 H12 N2 O2'      204.225 
TYR 'L-peptide linking' y TYROSINE ? 'C9 H11 N O3'        181.189 
VAL 'L-peptide linking' y VALINE ? 'C5 H11 N O2'        117.146 
# 
loop_
_pdbx_poly_seq_scheme.asym_id 
_pdbx_poly_seq_scheme.entity_id 
_pdbx_poly_seq_scheme.seq_id 
_pdbx_poly_seq_scheme.mon_id 
_pdbx_poly_seq_scheme.ndb_seq_num 
_pdbx_poly_seq_scheme.pdb_seq_num 
_pdbx_poly_seq_scheme.auth_seq_num 
_pdbx_poly_seq_scheme.pdb_mon_id 
_pdbx_poly_seq_scheme.auth_mon_id 
_pdbx_poly_seq_scheme.pdb_strand_id 
_pdbx_poly_seq_scheme.pdb_ins_code 
_pdbx_poly_seq_scheme.hetero 
A 1 1   MET 1   158 ?   ?   ?   A . n 
A 1 2   HIS 2   159 ?   ?   ?   A . n 
A 1 3   HIS 3   160 ?   ?   ?   A . n 
A 1 4   HIS 4   161 ?   ?   ?   A . n 
A 1 5   HIS 5   162 ?   ?   ?   A . n 
A 1 6   HIS 6   163 ?   ?   ?   A . n 
A 1 7   HIS 7   164 ?   ?   ?   A . n 
A 1 8   LEU 8   165 ?   ?   ?   A . n 
A 1 9   VAL 9   166 ?   ?   ?   A . n 
A 1 10  PRO 10  167 ?   ?   ?   A . n 
A 1 11  ARG 11  168 ?   ?   ?   A . n 
A 1 12  GLY 12  169 ?   ?   ?   A . n 
A 1 13  SER 13  170 170 SER SER A . n 
A 1 14  GLU 14  171 171 GLU GLU A . n 
A 1 15  ASP 15  172 172 ASP ASP A . n 
A 1 16  GLU 16  173 173 GLU GLU A . n 
A 1 17  LEU 17  174 174 LEU LEU A . n 
A 1 18  TYR 18  175 175 TYR TYR A . n 
A 1 19  ARG 19  176 176 ARG ARG A . n 
A 1 20  GLN 20  177 177 GLN GLN A . n 
A 1 21  SER 21  178 178 SER SER A . n 
A 1 22  LEU 22  179 179 LEU LEU A . n 
A 1 23  GLU 23  180 180 GLU GLU A . n 
A 1 24  ILE 24  181 181 ILE ILE A . n 
A 1 25  ILE 25  182 182 ILE ILE A . n 
A 1 26  SER 26  183 183 SER SER A . n 
A 1 27  ARG 27  184 184 ARG ARG A . n 
A 1 28  TYR 28  185 185 TYR TYR A . n 
A 1 29  LEU 29  186 186 LEU LEU A . n 
A 1 30  ARG 30  187 187 ARG ARG A . n 
A 1 31  GLU 31  188 188 GLU GLU A . n 
A 1 32  GLN 32  189 189 GLN GLN A . n 
A 1 33  ALA 33  190 190 ALA ALA A . n 
A 1 34  THR 34  191 191 THR THR A . n 
A 1 35  GLY 35  192 192 GLY GLY A . n 
A 1 36  ALA 36  193 193 ALA ALA A . n 
A 1 37  LYS 37  194 194 LYS LYS A . n 
A 1 38  ASP 38  195 195 ASP ASP A . n 
A 1 39  THR 39  196 196 THR THR A . n 
A 1 40  LYS 40  197 197 LYS LYS A . n 
A 1 41  PRO 41  198 198 PRO PRO A . n 
A 1 42  MET 42  199 199 MET MET A . n 
A 1 43  GLY 43  200 200 GLY GLY A . n 
A 1 44  ARG 44  201 201 ARG ARG A . n 
A 1 45  SER 45  202 202 SER SER A . n 
A 1 46  GLY 46  203 203 GLY GLY A . n 
A 1 47  ALA 47  204 204 ALA ALA A . n 
A 1 48  THR 48  205 205 THR THR A . n 
A 1 49  SER 49  206 206 SER SER A . n 
A 1 50  ARG 50  207 207 ARG ARG A . n 
A 1 51  LYS 51  208 208 LYS LYS A . n 
A 1 52  ALA 52  209 209 ALA ALA A . n 
A 1 53  LEU 53  210 210 LEU LEU A . n 
A 1 54  GLU 54  211 211 GLU GLU A . n 
A 1 55  THR 55  212 212 THR THR A . n 
A 1 56  LEU 56  213 213 LEU LEU A . n 
A 1 57  ARG 57  214 214 ARG ARG A . n 
A 1 58  ARG 58  215 215 ARG ARG A . n 
A 1 59  VAL 59  216 216 VAL VAL A . n 
A 1 60  GLY 60  217 217 GLY GLY A . n 
A 1 61  ASP 61  218 218 ASP ASP A . n 
A 1 62  GLY 62  219 219 GLY GLY A . n 
A 1 63  VAL 63  220 220 VAL VAL A . n 
A 1 64  GLN 64  221 221 GLN GLN A . n 
A 1 65  ARG 65  222 222 ARG ARG A . n 
A 1 66  ASN 66  223 223 ASN ASN A . n 
A 1 67  HIS 67  224 224 HIS HIS A . n 
A 1 68  GLU 68  225 225 GLU GLU A . n 
A 1 69  THR 69  226 226 THR THR A . n 
A 1 70  ALA 70  227 227 ALA ALA A . n 
A 1 71  PHE 71  228 228 PHE PHE A . n 
A 1 72  GLN 72  229 229 GLN GLN A . n 
A 1 73  GLY 73  230 230 GLY GLY A . n 
A 1 74  MET 74  231 231 MET MET A . n 
A 1 75  LEU 75  232 232 LEU LEU A . n 
A 1 76  ARG 76  233 233 ARG ARG A . n 
A 1 77  LYS 77  234 234 LYS LYS A . n 
A 1 78  LEU 78  235 235 LEU LEU A . n 
A 1 79  ASP 79  236 236 ASP ASP A . n 
A 1 80  ILE 80  237 237 ILE ILE A . n 
A 1 81  LYS 81  238 238 LYS LYS A . n 
A 1 82  ASN 82  239 239 ASN ASN A . n 
A 1 83  GLU 83  240 240 GLU GLU A . n 
A 1 84  ASP 84  241 241 ASP ASP A . n 
A 1 85  ASP 85  242 242 ASP ASP A . n 
A 1 86  VAL 86  243 243 VAL VAL A . n 
A 1 87  LYS 87  244 244 LYS LYS A . n 
A 1 88  SER 88  245 245 SER SER A . n 
A 1 89  LEU 89  246 246 LEU LEU A . n 
A 1 90  SER 90  247 247 SER SER A . n 
A 1 91  ARG 91  248 248 ARG ARG A . n 
A 1 92  VAL 92  249 249 VAL VAL A . n 
A 1 93  MET 93  250 250 MET MET A . n 
A 1 94  ILE 94  251 251 ILE ILE A . n 
A 1 95  HIS 95  252 252 HIS HIS A . n 
A 1 96  VAL 96  253 253 VAL VAL A . n 
A 1 97  PHE 97  254 254 PHE PHE A . n 
A 1 98  SER 98  255 255 SER SER A . n 
A 1 99  ASP 99  256 256 ASP ASP A . n 
A 1 100 GLY 100 257 257 GLY GLY A . n 
A 1 101 VAL 101 258 258 VAL VAL A . n 
A 1 102 THR 102 259 259 THR THR A . n 
A 1 103 ASN 103 260 260 ASN ASN A . n 
A 1 104 TRP 104 261 261 TRP TRP A . n 
A 1 105 GLY 105 262 262 GLY GLY A . n 
A 1 106 ARG 106 263 263 ARG ARG A . n 
A 1 107 ILE 107 264 264 ILE ILE A . n 
A 1 108 VAL 108 265 265 VAL VAL A . n 
A 1 109 THR 109 266 266 THR THR A . n 
A 1 110 LEU 110 267 267 LEU LEU A . n 
A 1 111 ILE 111 268 268 ILE ILE A . n 
A 1 112 SER 112 269 269 SER SER A . n 
A 1 113 PHE 113 270 270 PHE PHE A . n 
A 1 114 GLY 114 271 271 GLY GLY A . n 
A 1 115 ALA 115 272 272 ALA ALA A . n 
A 1 116 PHE 116 273 273 PHE PHE A . n 
A 1 117 VAL 117 274 274 VAL VAL A . n 
A 1 118 ALA 118 275 275 ALA ALA A . n 
A 1 119 LYS 119 276 276 LYS LYS A . n 
A 1 120 HIS 120 277 277 HIS HIS A . n 
A 1 121 LEU 121 278 278 LEU LEU A . n 
A 1 122 LYS 122 279 279 LYS LYS A . n 
A 1 123 THR 123 280 280 THR THR A . n 
A 1 124 ILE 124 281 281 ILE ILE A . n 
A 1 125 ASN 125 282 282 ASN ASN A . n 
A 1 126 GLN 126 283 283 GLN GLN A . n 
A 1 127 GLU 127 284 284 GLU GLU A . n 
A 1 128 SER 128 285 285 SER SER A . n 
A 1 129 CYS 129 286 286 CYS CYS A . n 
A 1 130 ILE 130 287 287 ILE ILE A . n 
A 1 131 GLU 131 288 288 GLU GLU A . n 
A 1 132 PRO 132 289 289 PRO PRO A . n 
A 1 133 LEU 133 290 290 LEU LEU A . n 
A 1 134 ALA 134 291 291 ALA ALA A . n 
A 1 135 GLU 135 292 292 GLU GLU A . n 
A 1 136 SER 136 293 293 SER SER A . n 
A 1 137 ILE 137 294 294 ILE ILE A . n 
A 1 138 THR 138 295 295 THR THR A . n 
A 1 139 ASP 139 296 296 ASP ASP A . n 
A 1 140 VAL 140 297 297 VAL VAL A . n 
A 1 141 LEU 141 298 298 LEU LEU A . n 
A 1 142 VAL 142 299 299 VAL VAL A . n 
A 1 143 ARG 143 300 300 ARG ARG A . n 
A 1 144 THR 144 301 301 THR THR A . n 
A 1 145 LYS 145 302 302 LYS LYS A . n 
A 1 146 ARG 146 303 303 ARG ARG A . n 
A 1 147 ASP 147 304 304 ASP ASP A . n 
A 1 148 TRP 148 305 305 TRP TRP A . n 
A 1 149 LEU 149 306 306 LEU LEU A . n 
A 1 150 VAL 150 307 307 VAL VAL A . n 
A 1 151 LYS 151 308 308 LYS LYS A . n 
A 1 152 GLN 152 309 309 GLN GLN A . n 
A 1 153 ARG 153 310 310 ARG ARG A . n 
A 1 154 GLY 154 311 311 GLY GLY A . n 
A 1 155 TRP 155 312 312 TRP TRP A . n 
A 1 156 ASP 156 313 313 ASP ASP A . n 
A 1 157 GLY 157 314 314 GLY GLY A . n 
A 1 158 PHE 158 315 315 PHE PHE A . n 
A 1 159 VAL 159 316 316 VAL VAL A . n 
A 1 160 GLU 160 317 317 GLU GLU A . n 
A 1 161 PHE 161 318 318 PHE PHE A . n 
A 1 162 PHE 162 319 319 PHE PHE A . n 
A 1 163 HIS 163 320 320 HIS HIS A . n 
A 1 164 VAL 164 321 321 VAL VAL A . n 
A 1 165 GLU 165 322 322 GLU GLU A . n 
A 1 166 ASP 166 323 ?   ?   ?   A . n 
A 1 167 LEU 167 324 ?   ?   ?   A . n 
A 1 168 GLU 168 325 ?   ?   ?   A . n 
A 1 169 GLY 169 326 ?   ?   ?   A . n 
A 1 170 GLY 170 327 ?   ?   ?   A . n 
# 
loop_
_pdbx_nonpoly_scheme.asym_id 
_pdbx_nonpoly_scheme.entity_id 
_pdbx_nonpoly_scheme.mon_id 
_pdbx_nonpoly_scheme.ndb_seq_num 
_pdbx_nonpoly_scheme.pdb_seq_num 
_pdbx_nonpoly_scheme.auth_seq_num 
_pdbx_nonpoly_scheme.pdb_mon_id 
_pdbx_nonpoly_scheme.auth_mon_id 
_pdbx_nonpoly_scheme.pdb_strand_id 
_pdbx_nonpoly_scheme.pdb_ins_code 
B 2 JL8 1  401 401 JL8 8BS A . 
C 3 HOH 1  501 30  HOH HOH A . 
C 3 HOH 2  502 32  HOH HOH A . 
C 3 HOH 3  503 41  HOH HOH A . 
C 3 HOH 4  504 8   HOH HOH A . 
C 3 HOH 5  505 28  HOH HOH A . 
C 3 HOH 6  506 39  HOH HOH A . 
C 3 HOH 7  507 23  HOH HOH A . 
C 3 HOH 8  508 2   HOH HOH A . 
C 3 HOH 9  509 16  HOH HOH A . 
C 3 HOH 10 510 10  HOH HOH A . 
C 3 HOH 11 511 15  HOH HOH A . 
C 3 HOH 12 512 13  HOH HOH A . 
C 3 HOH 13 513 5   HOH HOH A . 
C 3 HOH 14 514 29  HOH HOH A . 
C 3 HOH 15 515 17  HOH HOH A . 
C 3 HOH 16 516 36  HOH HOH A . 
C 3 HOH 17 517 7   HOH HOH A . 
C 3 HOH 18 518 18  HOH HOH A . 
C 3 HOH 19 519 19  HOH HOH A . 
C 3 HOH 20 520 4   HOH HOH A . 
C 3 HOH 21 521 24  HOH HOH A . 
C 3 HOH 22 522 14  HOH HOH A . 
C 3 HOH 23 523 1   HOH HOH A . 
C 3 HOH 24 524 6   HOH HOH A . 
C 3 HOH 25 525 33  HOH HOH A . 
C 3 HOH 26 526 3   HOH HOH A . 
C 3 HOH 27 527 9   HOH HOH A . 
C 3 HOH 28 528 31  HOH HOH A . 
C 3 HOH 29 529 11  HOH HOH A . 
C 3 HOH 30 530 12  HOH HOH A . 
C 3 HOH 31 531 21  HOH HOH A . 
C 3 HOH 32 532 42  HOH HOH A . 
C 3 HOH 33 533 26  HOH HOH A . 
C 3 HOH 34 534 27  HOH HOH A . 
C 3 HOH 35 535 34  HOH HOH A . 
C 3 HOH 36 536 25  HOH HOH A . 
C 3 HOH 37 537 40  HOH HOH A . 
C 3 HOH 38 538 38  HOH HOH A . 
C 3 HOH 39 539 22  HOH HOH A . 
C 3 HOH 40 540 35  HOH HOH A . 
C 3 HOH 41 541 37  HOH HOH A . 
# 
loop_
_pdbx_unobs_or_zero_occ_atoms.id 
_pdbx_unobs_or_zero_occ_atoms.PDB_model_num 
_pdbx_unobs_or_zero_occ_atoms.polymer_flag 
_pdbx_unobs_or_zero_occ_atoms.occupancy_flag 
_pdbx_unobs_or_zero_occ_atoms.auth_asym_id 
_pdbx_unobs_or_zero_occ_atoms.auth_comp_id 
_pdbx_unobs_or_zero_occ_atoms.auth_seq_id 
_pdbx_unobs_or_zero_occ_atoms.PDB_ins_code 
_pdbx_unobs_or_zero_occ_atoms.auth_atom_id 
_pdbx_unobs_or_zero_occ_atoms.label_alt_id 
_pdbx_unobs_or_zero_occ_atoms.label_asym_id 
_pdbx_unobs_or_zero_occ_atoms.label_comp_id 
_pdbx_unobs_or_zero_occ_atoms.label_seq_id 
_pdbx_unobs_or_zero_occ_atoms.label_atom_id 
1  1 Y 1 A LYS 197 ? CG  ? A LYS 40  CG  
2  1 Y 1 A LYS 197 ? CD  ? A LYS 40  CD  
3  1 Y 1 A LYS 197 ? CE  ? A LYS 40  CE  
4  1 Y 1 A LYS 197 ? NZ  ? A LYS 40  NZ  
5  1 Y 1 A ARG 201 ? CG  ? A ARG 44  CG  
6  1 Y 1 A ARG 201 ? CD  ? A ARG 44  CD  
7  1 Y 1 A ARG 201 ? NE  ? A ARG 44  NE  
8  1 Y 1 A ARG 201 ? CZ  ? A ARG 44  CZ  
9  1 Y 1 A ARG 201 ? NH1 ? A ARG 44  NH1 
10 1 Y 1 A ARG 201 ? NH2 ? A ARG 44  NH2 
11 1 Y 1 A GLU 240 ? CG  ? A GLU 83  CG  
12 1 Y 1 A GLU 240 ? CD  ? A GLU 83  CD  
13 1 Y 1 A GLU 240 ? OE1 ? A GLU 83  OE1 
14 1 Y 1 A GLU 240 ? OE2 ? A GLU 83  OE2 
15 1 Y 1 A ASP 241 ? CG  ? A ASP 84  CG  
16 1 Y 1 A ASP 241 ? OD1 ? A ASP 84  OD1 
17 1 Y 1 A ASP 241 ? OD2 ? A ASP 84  OD2 
18 1 Y 1 A LYS 244 ? CG  ? A LYS 87  CG  
19 1 Y 1 A LYS 244 ? CD  ? A LYS 87  CD  
20 1 Y 1 A LYS 244 ? CE  ? A LYS 87  CE  
21 1 Y 1 A LYS 244 ? NZ  ? A LYS 87  NZ  
22 1 Y 1 A ARG 248 ? CG  ? A ARG 91  CG  
23 1 Y 1 A ARG 248 ? CD  ? A ARG 91  CD  
24 1 Y 1 A ARG 248 ? NE  ? A ARG 91  NE  
25 1 Y 1 A ARG 248 ? CZ  ? A ARG 91  CZ  
26 1 Y 1 A ARG 248 ? NH1 ? A ARG 91  NH1 
27 1 Y 1 A ARG 248 ? NH2 ? A ARG 91  NH2 
28 1 Y 1 A HIS 320 ? CG  ? A HIS 163 CG  
29 1 Y 1 A HIS 320 ? ND1 ? A HIS 163 ND1 
30 1 Y 1 A HIS 320 ? CD2 ? A HIS 163 CD2 
31 1 Y 1 A HIS 320 ? CE1 ? A HIS 163 CE1 
32 1 Y 1 A HIS 320 ? NE2 ? A HIS 163 NE2 
# 
loop_
_software.citation_id 
_software.classification 
_software.compiler_name 
_software.compiler_version 
_software.contact_author 
_software.contact_author_email 
_software.date 
_software.description 
_software.dependencies 
_software.hardware 
_software.language 
_software.location 
_software.mods 
_software.name 
_software.os 
_software.os_version 
_software.type 
_software.version 
_software.pdbx_ordinal 
? 'data reduction'  ? ? ? ? ? ? ? ? ? ? ? MOSFLM      ? ? ? 3.3.16   1 
? refinement        ? ? ? ? ? ? ? ? ? ? ? REFMAC      ? ? ? 5.8.0238 2 
? 'data extraction' ? ? ? ? ? ? ? ? ? ? ? PDB_EXTRACT ? ? ? 3.24     3 
? 'data scaling'    ? ? ? ? ? ? ? ? ? ? ? SCALA       ? ? ? .        4 
? phasing           ? ? ? ? ? ? ? ? ? ? ? MOLREP      ? ? ? .        5 
# 
_cell.angle_alpha                  90.000 
_cell.angle_alpha_esd              ? 
_cell.angle_beta                   90.000 
_cell.angle_beta_esd               ? 
_cell.angle_gamma                  120.000 
_cell.angle_gamma_esd              ? 
_cell.entry_id                     6QZ8 
_cell.details                      ? 
_cell.formula_units_Z              ? 
_cell.length_a                     39.470 
_cell.length_a_esd                 ? 
_cell.length_b                     39.470 
_cell.length_b_esd                 ? 
_cell.length_c                     326.644 
_cell.length_c_esd                 ? 
_cell.volume                       ? 
_cell.volume_esd                   ? 
_cell.Z_PDB                        12 
_cell.reciprocal_angle_alpha       ? 
_cell.reciprocal_angle_beta        ? 
_cell.reciprocal_angle_gamma       ? 
_cell.reciprocal_angle_alpha_esd   ? 
_cell.reciprocal_angle_beta_esd    ? 
_cell.reciprocal_angle_gamma_esd   ? 
_cell.reciprocal_length_a          ? 
_cell.reciprocal_length_b          ? 
_cell.reciprocal_length_c          ? 
_cell.reciprocal_length_a_esd      ? 
_cell.reciprocal_length_b_esd      ? 
_cell.reciprocal_length_c_esd      ? 
_cell.pdbx_unique_axis             ? 
# 
_symmetry.entry_id                         6QZ8 
_symmetry.cell_setting                     ? 
_symmetry.Int_Tables_number                179 
_symmetry.space_group_name_Hall            ? 
_symmetry.space_group_name_H-M             'P 65 2 2' 
_symmetry.pdbx_full_space_group_name_H-M   ? 
# 
_exptl.absorpt_coefficient_mu     ? 
_exptl.absorpt_correction_T_max   ? 
_exptl.absorpt_correction_T_min   ? 
_exptl.absorpt_correction_type    ? 
_exptl.absorpt_process_details    ? 
_exptl.entry_id                   6QZ8 
_exptl.crystals_number            1 
_exptl.details                    ? 
_exptl.method                     'X-RAY DIFFRACTION' 
_exptl.method_details             ? 
# 
_exptl_crystal.colour                      ? 
_exptl_crystal.density_diffrn              ? 
_exptl_crystal.density_Matthews            1.88 
_exptl_crystal.density_method              ? 
_exptl_crystal.density_percent_sol         34.71 
_exptl_crystal.description                 ? 
_exptl_crystal.F_000                       ? 
_exptl_crystal.id                          1 
_exptl_crystal.preparation                 ? 
_exptl_crystal.size_max                    ? 
_exptl_crystal.size_mid                    ? 
_exptl_crystal.size_min                    ? 
_exptl_crystal.size_rad                    ? 
_exptl_crystal.colour_lustre               ? 
_exptl_crystal.colour_modifier             ? 
_exptl_crystal.colour_primary              ? 
_exptl_crystal.density_meas                ? 
_exptl_crystal.density_meas_esd            ? 
_exptl_crystal.density_meas_gt             ? 
_exptl_crystal.density_meas_lt             ? 
_exptl_crystal.density_meas_temp           ? 
_exptl_crystal.density_meas_temp_esd       ? 
_exptl_crystal.density_meas_temp_gt        ? 
_exptl_crystal.density_meas_temp_lt        ? 
_exptl_crystal.pdbx_crystal_image_url      ? 
_exptl_crystal.pdbx_crystal_image_format   ? 
_exptl_crystal.pdbx_mosaicity              ? 
_exptl_crystal.pdbx_mosaicity_esd          ? 
# 
_exptl_crystal_grow.apparatus       ? 
_exptl_crystal_grow.atmosphere      ? 
_exptl_crystal_grow.crystal_id      1 
_exptl_crystal_grow.details         ? 
_exptl_crystal_grow.method          'VAPOR DIFFUSION, SITTING DROP' 
_exptl_crystal_grow.method_ref      ? 
_exptl_crystal_grow.pH              6.5 
_exptl_crystal_grow.pressure        ? 
_exptl_crystal_grow.pressure_esd    ? 
_exptl_crystal_grow.seeding         ? 
_exptl_crystal_grow.seeding_ref     ? 
_exptl_crystal_grow.temp            293 
_exptl_crystal_grow.temp_details    ? 
_exptl_crystal_grow.temp_esd        ? 
_exptl_crystal_grow.time            ? 
_exptl_crystal_grow.pdbx_details    
'0.05M BIS-TRIS pH 6.5, 30% v/v Pentaerythritol ethoxylate (15/4 EO/OH), 0.05M Ammonium Sulphate' 
_exptl_crystal_grow.pdbx_pH_range   ? 
# 
_diffrn.ambient_environment              ? 
_diffrn.ambient_temp                     100 
_diffrn.ambient_temp_details             ? 
_diffrn.ambient_temp_esd                 ? 
_diffrn.crystal_id                       1 
_diffrn.crystal_support                  ? 
_diffrn.crystal_treatment                ? 
_diffrn.details                          ? 
_diffrn.id                               1 
_diffrn.ambient_pressure                 ? 
_diffrn.ambient_pressure_esd             ? 
_diffrn.ambient_pressure_gt              ? 
_diffrn.ambient_pressure_lt              ? 
_diffrn.ambient_temp_gt                  ? 
_diffrn.ambient_temp_lt                  ? 
_diffrn.pdbx_serial_crystal_experiment   N 
# 
_diffrn_detector.details                      ? 
_diffrn_detector.detector                     CCD 
_diffrn_detector.diffrn_id                    1 
_diffrn_detector.type                         'ADSC QUANTUM 315r' 
_diffrn_detector.area_resol_mean              ? 
_diffrn_detector.dtime                        ? 
_diffrn_detector.pdbx_frames_total            ? 
_diffrn_detector.pdbx_collection_time_total   ? 
_diffrn_detector.pdbx_collection_date         2010-06-16 
_diffrn_detector.pdbx_frequency               ? 
# 
_diffrn_radiation.collimation                      ? 
_diffrn_radiation.diffrn_id                        1 
_diffrn_radiation.filter_edge                      ? 
_diffrn_radiation.inhomogeneity                    ? 
_diffrn_radiation.monochromator                    Mirrors 
_diffrn_radiation.polarisn_norm                    ? 
_diffrn_radiation.polarisn_ratio                   ? 
_diffrn_radiation.probe                            ? 
_diffrn_radiation.type                             ? 
_diffrn_radiation.xray_symbol                      ? 
_diffrn_radiation.wavelength_id                    1 
_diffrn_radiation.pdbx_monochromatic_or_laue_m_l   M 
_diffrn_radiation.pdbx_wavelength_list             ? 
_diffrn_radiation.pdbx_wavelength                  ? 
_diffrn_radiation.pdbx_diffrn_protocol             'SINGLE WAVELENGTH' 
_diffrn_radiation.pdbx_analyzer                    ? 
_diffrn_radiation.pdbx_scattering_type             x-ray 
# 
_diffrn_radiation_wavelength.id           1 
_diffrn_radiation_wavelength.wavelength   0.9762 
_diffrn_radiation_wavelength.wt           1.0 
# 
_diffrn_source.current                     ? 
_diffrn_source.details                     ? 
_diffrn_source.diffrn_id                   1 
_diffrn_source.power                       ? 
_diffrn_source.size                        ? 
_diffrn_source.source                      SYNCHROTRON 
_diffrn_source.target                      ? 
_diffrn_source.type                        'ESRF BEAMLINE ID23-1' 
_diffrn_source.voltage                     ? 
_diffrn_source.take-off_angle              ? 
_diffrn_source.pdbx_wavelength_list        0.9762 
_diffrn_source.pdbx_wavelength             ? 
_diffrn_source.pdbx_synchrotron_beamline   ID23-1 
_diffrn_source.pdbx_synchrotron_site       ESRF 
# 
_reflns.B_iso_Wilson_estimate            ? 
_reflns.entry_id                         6QZ8 
_reflns.data_reduction_details           ? 
_reflns.data_reduction_method            ? 
_reflns.d_resolution_high                2.12 
_reflns.d_resolution_low                 32.7 
_reflns.details                          ? 
_reflns.limit_h_max                      ? 
_reflns.limit_h_min                      ? 
_reflns.limit_k_max                      ? 
_reflns.limit_k_min                      ? 
_reflns.limit_l_max                      ? 
_reflns.limit_l_min                      ? 
_reflns.number_all                       ? 
_reflns.number_obs                       9561 
_reflns.observed_criterion               ? 
_reflns.observed_criterion_F_max         ? 
_reflns.observed_criterion_F_min         ? 
_reflns.observed_criterion_I_max         ? 
_reflns.observed_criterion_I_min         ? 
_reflns.observed_criterion_sigma_F       ? 
_reflns.observed_criterion_sigma_I       ? 
_reflns.percent_possible_obs             99.2 
_reflns.R_free_details                   ? 
_reflns.Rmerge_F_all                     ? 
_reflns.Rmerge_F_obs                     ? 
_reflns.Friedel_coverage                 ? 
_reflns.number_gt                        ? 
_reflns.threshold_expression             ? 
_reflns.pdbx_redundancy                  8.5 
_reflns.pdbx_Rmerge_I_obs                0.051 
_reflns.pdbx_Rmerge_I_all                ? 
_reflns.pdbx_Rsym_value                  ? 
_reflns.pdbx_netI_over_av_sigmaI         ? 
_reflns.pdbx_netI_over_sigmaI            22.5 
_reflns.pdbx_res_netI_over_av_sigmaI_2   ? 
_reflns.pdbx_res_netI_over_sigmaI_2      ? 
_reflns.pdbx_chi_squared                 ? 
_reflns.pdbx_scaling_rejects             ? 
_reflns.pdbx_d_res_high_opt              ? 
_reflns.pdbx_d_res_low_opt               ? 
_reflns.pdbx_d_res_opt_method            ? 
_reflns.phase_calculation_details        ? 
_reflns.pdbx_Rrim_I_all                  ? 
_reflns.pdbx_Rpim_I_all                  ? 
_reflns.pdbx_d_opt                       ? 
_reflns.pdbx_number_measured_all         ? 
_reflns.pdbx_diffrn_id                   1 
_reflns.pdbx_ordinal                     1 
_reflns.pdbx_CC_half                     ? 
_reflns.pdbx_R_split                     ? 
# 
_reflns_shell.d_res_high                  2.12 
_reflns_shell.d_res_low                   2.24 
_reflns_shell.meanI_over_sigI_all         ? 
_reflns_shell.meanI_over_sigI_obs         8.9 
_reflns_shell.number_measured_all         ? 
_reflns_shell.number_measured_obs         ? 
_reflns_shell.number_possible             ? 
_reflns_shell.number_unique_all           ? 
_reflns_shell.number_unique_obs           ? 
_reflns_shell.percent_possible_all        99.0 
_reflns_shell.percent_possible_obs        ? 
_reflns_shell.Rmerge_F_all                ? 
_reflns_shell.Rmerge_F_obs                ? 
_reflns_shell.Rmerge_I_all                ? 
_reflns_shell.Rmerge_I_obs                0.123 
_reflns_shell.meanI_over_sigI_gt          ? 
_reflns_shell.meanI_over_uI_all           ? 
_reflns_shell.meanI_over_uI_gt            ? 
_reflns_shell.number_measured_gt          ? 
_reflns_shell.number_unique_gt            ? 
_reflns_shell.percent_possible_gt         ? 
_reflns_shell.Rmerge_F_gt                 ? 
_reflns_shell.Rmerge_I_gt                 ? 
_reflns_shell.pdbx_redundancy             8.0 
_reflns_shell.pdbx_Rsym_value             ? 
_reflns_shell.pdbx_chi_squared            ? 
_reflns_shell.pdbx_netI_over_sigmaI_all   ? 
_reflns_shell.pdbx_netI_over_sigmaI_obs   ? 
_reflns_shell.pdbx_Rrim_I_all             ? 
_reflns_shell.pdbx_Rpim_I_all             ? 
_reflns_shell.pdbx_rejects                ? 
_reflns_shell.pdbx_ordinal                1 
_reflns_shell.pdbx_diffrn_id              1 
_reflns_shell.pdbx_CC_half                ? 
_reflns_shell.pdbx_R_split                ? 
# 
_refine.aniso_B[1][1]                            0.1300 
_refine.aniso_B[1][2]                            0.0600 
_refine.aniso_B[1][3]                            0.0000 
_refine.aniso_B[2][2]                            0.1300 
_refine.aniso_B[2][3]                            -0.0000 
_refine.aniso_B[3][3]                            -0.4200 
_refine.B_iso_max                                122.000 
_refine.B_iso_mean                               42.3640 
_refine.B_iso_min                                21.410 
_refine.correlation_coeff_Fo_to_Fc               0.9510 
_refine.correlation_coeff_Fo_to_Fc_free          0.9040 
_refine.details                                  
'HYDROGENS HAVE BEEN ADDED IN THE RIDING POSITIONS U VALUES      : REFINED INDIVIDUALLY' 
_refine.diff_density_max                         ? 
_refine.diff_density_max_esd                     ? 
_refine.diff_density_min                         ? 
_refine.diff_density_min_esd                     ? 
_refine.diff_density_rms                         ? 
_refine.diff_density_rms_esd                     ? 
_refine.entry_id                                 6QZ8 
_refine.pdbx_refine_id                           'X-RAY DIFFRACTION' 
_refine.ls_abs_structure_details                 ? 
_refine.ls_abs_structure_Flack                   ? 
_refine.ls_abs_structure_Flack_esd               ? 
_refine.ls_abs_structure_Rogers                  ? 
_refine.ls_abs_structure_Rogers_esd              ? 
_refine.ls_d_res_high                            2.1500 
_refine.ls_d_res_low                             9.9400 
_refine.ls_extinction_coef                       ? 
_refine.ls_extinction_coef_esd                   ? 
_refine.ls_extinction_expression                 ? 
_refine.ls_extinction_method                     ? 
_refine.ls_goodness_of_fit_all                   ? 
_refine.ls_goodness_of_fit_all_esd               ? 
_refine.ls_goodness_of_fit_obs                   ? 
_refine.ls_goodness_of_fit_obs_esd               ? 
_refine.ls_hydrogen_treatment                    ? 
_refine.ls_matrix_type                           ? 
_refine.ls_number_constraints                    ? 
_refine.ls_number_parameters                     ? 
_refine.ls_number_reflns_all                     ? 
_refine.ls_number_reflns_obs                     8545 
_refine.ls_number_reflns_R_free                  437 
_refine.ls_number_reflns_R_work                  ? 
_refine.ls_number_restraints                     ? 
_refine.ls_percent_reflns_obs                    97.3300 
_refine.ls_percent_reflns_R_free                 4.9000 
_refine.ls_R_factor_all                          ? 
_refine.ls_R_factor_obs                          0.2072 
_refine.ls_R_factor_R_free                       0.2864 
_refine.ls_R_factor_R_free_error                 ? 
_refine.ls_R_factor_R_free_error_details         ? 
_refine.ls_R_factor_R_work                       0.2037 
_refine.ls_R_Fsqd_factor_obs                     ? 
_refine.ls_R_I_factor_obs                        ? 
_refine.ls_redundancy_reflns_all                 ? 
_refine.ls_redundancy_reflns_obs                 ? 
_refine.ls_restrained_S_all                      ? 
_refine.ls_restrained_S_obs                      ? 
_refine.ls_shift_over_esd_max                    ? 
_refine.ls_shift_over_esd_mean                   ? 
_refine.ls_structure_factor_coef                 ? 
_refine.ls_weighting_details                     ? 
_refine.ls_weighting_scheme                      ? 
_refine.ls_wR_factor_all                         ? 
_refine.ls_wR_factor_obs                         ? 
_refine.ls_wR_factor_R_free                      ? 
_refine.ls_wR_factor_R_work                      ? 
_refine.occupancy_max                            ? 
_refine.occupancy_min                            ? 
_refine.solvent_model_details                    ? 
_refine.solvent_model_param_bsol                 ? 
_refine.solvent_model_param_ksol                 ? 
_refine.ls_R_factor_gt                           ? 
_refine.ls_goodness_of_fit_gt                    ? 
_refine.ls_goodness_of_fit_ref                   ? 
_refine.ls_shift_over_su_max                     ? 
_refine.ls_shift_over_su_max_lt                  ? 
_refine.ls_shift_over_su_mean                    ? 
_refine.ls_shift_over_su_mean_lt                 ? 
_refine.pdbx_ls_sigma_I                          ? 
_refine.pdbx_ls_sigma_F                          0.000 
_refine.pdbx_ls_sigma_Fsqd                       ? 
_refine.pdbx_data_cutoff_high_absF               ? 
_refine.pdbx_data_cutoff_high_rms_absF           ? 
_refine.pdbx_data_cutoff_low_absF                ? 
_refine.pdbx_isotropic_thermal_model             ? 
_refine.pdbx_ls_cross_valid_method               THROUGHOUT 
_refine.pdbx_method_to_determine_struct          'MOLECULAR REPLACEMENT' 
_refine.pdbx_starting_model                      6qfq 
_refine.pdbx_stereochemistry_target_values       ? 
_refine.pdbx_R_Free_selection_details            RANDOM 
_refine.pdbx_stereochem_target_val_spec_case     ? 
_refine.pdbx_overall_ESU_R                       0.2740 
_refine.pdbx_overall_ESU_R_Free                  0.2440 
_refine.pdbx_solvent_vdw_probe_radii             1.2000 
_refine.pdbx_solvent_ion_probe_radii             0.8000 
_refine.pdbx_solvent_shrinkage_radii             0.8000 
_refine.pdbx_real_space_R                        ? 
_refine.pdbx_density_correlation                 ? 
_refine.pdbx_pd_number_of_powder_patterns        ? 
_refine.pdbx_pd_number_of_points                 ? 
_refine.pdbx_pd_meas_number_of_points            ? 
_refine.pdbx_pd_proc_ls_prof_R_factor            ? 
_refine.pdbx_pd_proc_ls_prof_wR_factor           ? 
_refine.pdbx_pd_Marquardt_correlation_coeff      ? 
_refine.pdbx_pd_Fsqrd_R_factor                   ? 
_refine.pdbx_pd_ls_matrix_band_width             ? 
_refine.pdbx_overall_phase_error                 ? 
_refine.pdbx_overall_SU_R_free_Cruickshank_DPI   ? 
_refine.pdbx_overall_SU_R_free_Blow_DPI          ? 
_refine.pdbx_overall_SU_R_Blow_DPI               ? 
_refine.pdbx_TLS_residual_ADP_flag               ? 
_refine.pdbx_diffrn_id                           1 
_refine.overall_SU_B                             5.8000 
_refine.overall_SU_ML                            0.1520 
_refine.overall_SU_R_Cruickshank_DPI             0.2745 
_refine.overall_SU_R_free                        ? 
_refine.overall_FOM_free_R_set                   ? 
_refine.overall_FOM_work_R_set                   ? 
_refine.pdbx_average_fsc_overall                 ? 
_refine.pdbx_average_fsc_work                    ? 
_refine.pdbx_average_fsc_free                    ? 
# 
_refine_hist.pdbx_refine_id                   'X-RAY DIFFRACTION' 
_refine_hist.cycle_id                         final 
_refine_hist.details                          ? 
_refine_hist.d_res_high                       2.1500 
_refine_hist.d_res_low                        9.9400 
_refine_hist.number_atoms_solvent             41 
_refine_hist.number_atoms_total               1273 
_refine_hist.number_reflns_all                ? 
_refine_hist.number_reflns_obs                ? 
_refine_hist.number_reflns_R_free             ? 
_refine_hist.number_reflns_R_work             ? 
_refine_hist.R_factor_all                     ? 
_refine_hist.R_factor_obs                     ? 
_refine_hist.R_factor_R_free                  ? 
_refine_hist.R_factor_R_work                  ? 
_refine_hist.pdbx_number_residues_total       153 
_refine_hist.pdbx_B_iso_mean_ligand           30.71 
_refine_hist.pdbx_B_iso_mean_solvent          47.75 
_refine_hist.pdbx_number_atoms_protein        1200 
_refine_hist.pdbx_number_atoms_nucleic_acid   0 
_refine_hist.pdbx_number_atoms_ligand         32 
_refine_hist.pdbx_number_atoms_lipid          ? 
_refine_hist.pdbx_number_atoms_carb           ? 
_refine_hist.pdbx_pseudo_atom_details         ? 
# 
loop_
_refine_ls_restr.pdbx_refine_id 
_refine_ls_restr.criterion 
_refine_ls_restr.dev_ideal 
_refine_ls_restr.dev_ideal_target 
_refine_ls_restr.number 
_refine_ls_restr.rejects 
_refine_ls_restr.type 
_refine_ls_restr.weight 
_refine_ls_restr.pdbx_restraint_function 
'X-RAY DIFFRACTION' ? 0.009  0.013  1261 ? r_bond_refined_d       ? ? 
'X-RAY DIFFRACTION' ? 0.001  0.018  1169 ? r_bond_other_d         ? ? 
'X-RAY DIFFRACTION' ? 1.575  1.682  1705 ? r_angle_refined_deg    ? ? 
'X-RAY DIFFRACTION' ? 1.349  1.595  2666 ? r_angle_other_deg      ? ? 
'X-RAY DIFFRACTION' ? 5.059  5.000  154  ? r_dihedral_angle_1_deg ? ? 
'X-RAY DIFFRACTION' ? 32.651 21.000 70   ? r_dihedral_angle_2_deg ? ? 
'X-RAY DIFFRACTION' ? 17.975 15.000 220  ? r_dihedral_angle_3_deg ? ? 
'X-RAY DIFFRACTION' ? 26.098 15.000 12   ? r_dihedral_angle_4_deg ? ? 
'X-RAY DIFFRACTION' ? 0.078  0.200  163  ? r_chiral_restr         ? ? 
'X-RAY DIFFRACTION' ? 0.007  0.020  1415 ? r_gen_planes_refined   ? ? 
'X-RAY DIFFRACTION' ? 0.001  0.020  278  ? r_gen_planes_other     ? ? 
# 
_refine_ls_shell.pdbx_refine_id                   'X-RAY DIFFRACTION' 
_refine_ls_shell.d_res_high                       2.1500 
_refine_ls_shell.d_res_low                        2.2600 
_refine_ls_shell.number_reflns_all                1209 
_refine_ls_shell.number_reflns_obs                ? 
_refine_ls_shell.number_reflns_R_free             65 
_refine_ls_shell.number_reflns_R_work             1144 
_refine_ls_shell.percent_reflns_obs               98.7700 
_refine_ls_shell.percent_reflns_R_free            ? 
_refine_ls_shell.R_factor_all                     ? 
_refine_ls_shell.R_factor_obs                     ? 
_refine_ls_shell.R_factor_R_free                  0.2870 
_refine_ls_shell.R_factor_R_free_error            0.0000 
_refine_ls_shell.R_factor_R_work                  0.2380 
_refine_ls_shell.redundancy_reflns_all            ? 
_refine_ls_shell.redundancy_reflns_obs            ? 
_refine_ls_shell.wR_factor_all                    ? 
_refine_ls_shell.wR_factor_obs                    ? 
_refine_ls_shell.wR_factor_R_free                 ? 
_refine_ls_shell.wR_factor_R_work                 ? 
_refine_ls_shell.pdbx_total_number_of_bins_used   10 
_refine_ls_shell.pdbx_phase_error                 ? 
_refine_ls_shell.pdbx_fsc_work                    ? 
_refine_ls_shell.pdbx_fsc_free                    ? 
# 
_struct.entry_id                     6QZ8 
_struct.title                        'Structure of Mcl-1 in complex with compound 10d' 
_struct.pdbx_model_details           ? 
_struct.pdbx_formula_weight          ? 
_struct.pdbx_formula_weight_method   ? 
_struct.pdbx_model_type_details      ? 
_struct.pdbx_CASP_flag               N 
# 
_struct_keywords.entry_id        6QZ8 
_struct_keywords.text            'Apoptosis-inhibitor complex, Mcl1, Small molecule inhibitor, APOPTOSIS' 
_struct_keywords.pdbx_keywords   APOPTOSIS 
# 
loop_
_struct_asym.id 
_struct_asym.pdbx_blank_PDB_chainid_flag 
_struct_asym.pdbx_modified 
_struct_asym.entity_id 
_struct_asym.details 
A N N 1 ? 
B N N 2 ? 
C N N 3 ? 
# 
_struct_ref.id                         1 
_struct_ref.db_name                    UNP 
_struct_ref.db_code                    MCL1_HUMAN 
_struct_ref.pdbx_db_accession          Q07820 
_struct_ref.pdbx_db_isoform            ? 
_struct_ref.entity_id                  1 
_struct_ref.pdbx_seq_one_letter_code   
;EDELYRQSLEIISRYLREQATGAKDTKPMGRSGATSRKALETLRRVGDGVQRNHETAFQGMLRKLDIKNEDDVKSLSRVM
IHVFSDGVTNWGRIVTLISFGAFVAKHLKTINQESCIEPLAESITDVLVRTKRDWLVKQRGWDGFVEFFHVEDLEGG
;
_struct_ref.pdbx_align_begin           171 
# 
_struct_ref_seq.align_id                      1 
_struct_ref_seq.ref_id                        1 
_struct_ref_seq.pdbx_PDB_id_code              6QZ8 
_struct_ref_seq.pdbx_strand_id                A 
_struct_ref_seq.seq_align_beg                 14 
_struct_ref_seq.pdbx_seq_align_beg_ins_code   ? 
_struct_ref_seq.seq_align_end                 170 
_struct_ref_seq.pdbx_seq_align_end_ins_code   ? 
_struct_ref_seq.pdbx_db_accession             Q07820 
_struct_ref_seq.db_align_beg                  171 
_struct_ref_seq.pdbx_db_align_beg_ins_code    ? 
_struct_ref_seq.db_align_end                  327 
_struct_ref_seq.pdbx_db_align_end_ins_code    ? 
_struct_ref_seq.pdbx_auth_seq_align_beg       171 
_struct_ref_seq.pdbx_auth_seq_align_end       327 
# 
loop_
_struct_ref_seq_dif.align_id 
_struct_ref_seq_dif.pdbx_pdb_id_code 
_struct_ref_seq_dif.mon_id 
_struct_ref_seq_dif.pdbx_pdb_strand_id 
_struct_ref_seq_dif.seq_num 
_struct_ref_seq_dif.pdbx_pdb_ins_code 
_struct_ref_seq_dif.pdbx_seq_db_name 
_struct_ref_seq_dif.pdbx_seq_db_accession_code 
_struct_ref_seq_dif.db_mon_id 
_struct_ref_seq_dif.pdbx_seq_db_seq_num 
_struct_ref_seq_dif.details 
_struct_ref_seq_dif.pdbx_auth_seq_num 
_struct_ref_seq_dif.pdbx_ordinal 
1 6QZ8 MET A 1  ? UNP Q07820 ? ? 'initiating methionine' 158 1  
1 6QZ8 HIS A 2  ? UNP Q07820 ? ? 'expression tag'        159 2  
1 6QZ8 HIS A 3  ? UNP Q07820 ? ? 'expression tag'        160 3  
1 6QZ8 HIS A 4  ? UNP Q07820 ? ? 'expression tag'        161 4  
1 6QZ8 HIS A 5  ? UNP Q07820 ? ? 'expression tag'        162 5  
1 6QZ8 HIS A 6  ? UNP Q07820 ? ? 'expression tag'        163 6  
1 6QZ8 HIS A 7  ? UNP Q07820 ? ? 'expression tag'        164 7  
1 6QZ8 LEU A 8  ? UNP Q07820 ? ? 'expression tag'        165 8  
1 6QZ8 VAL A 9  ? UNP Q07820 ? ? 'expression tag'        166 9  
1 6QZ8 PRO A 10 ? UNP Q07820 ? ? 'expression tag'        167 10 
1 6QZ8 ARG A 11 ? UNP Q07820 ? ? 'expression tag'        168 11 
1 6QZ8 GLY A 12 ? UNP Q07820 ? ? 'expression tag'        169 12 
1 6QZ8 SER A 13 ? UNP Q07820 ? ? 'expression tag'        170 13 
# 
_pdbx_struct_assembly.id                   1 
_pdbx_struct_assembly.details              author_defined_assembly 
_pdbx_struct_assembly.method_details       ? 
_pdbx_struct_assembly.oligomeric_details   monomeric 
_pdbx_struct_assembly.oligomeric_count     1 
# 
loop_
_pdbx_struct_assembly_prop.biol_id 
_pdbx_struct_assembly_prop.type 
_pdbx_struct_assembly_prop.value 
_pdbx_struct_assembly_prop.details 
1 'ABSA (A^2)' 0    ? 
1 MORE         0    ? 
1 'SSA (A^2)'  7850 ? 
# 
_pdbx_struct_assembly_gen.assembly_id       1 
_pdbx_struct_assembly_gen.oper_expression   1 
_pdbx_struct_assembly_gen.asym_id_list      A,B,C 
# 
_pdbx_struct_assembly_auth_evidence.id                     1 
_pdbx_struct_assembly_auth_evidence.assembly_id            1 
_pdbx_struct_assembly_auth_evidence.experimental_support   'gel filtration' 
_pdbx_struct_assembly_auth_evidence.details                ? 
# 
_pdbx_struct_oper_list.id                   1 
_pdbx_struct_oper_list.type                 'identity operation' 
_pdbx_struct_oper_list.name                 1_555 
_pdbx_struct_oper_list.symmetry_operation   x,y,z 
_pdbx_struct_oper_list.matrix[1][1]         1.0000000000 
_pdbx_struct_oper_list.matrix[1][2]         0.0000000000 
_pdbx_struct_oper_list.matrix[1][3]         0.0000000000 
_pdbx_struct_oper_list.vector[1]            0.0000000000 
_pdbx_struct_oper_list.matrix[2][1]         0.0000000000 
_pdbx_struct_oper_list.matrix[2][2]         1.0000000000 
_pdbx_struct_oper_list.matrix[2][3]         0.0000000000 
_pdbx_struct_oper_list.vector[2]            0.0000000000 
_pdbx_struct_oper_list.matrix[3][1]         0.0000000000 
_pdbx_struct_oper_list.matrix[3][2]         0.0000000000 
_pdbx_struct_oper_list.matrix[3][3]         1.0000000000 
_pdbx_struct_oper_list.vector[3]            0.0000000000 
# 
loop_
_struct_conf.conf_type_id 
_struct_conf.id 
_struct_conf.pdbx_PDB_helix_id 
_struct_conf.beg_label_comp_id 
_struct_conf.beg_label_asym_id 
_struct_conf.beg_label_seq_id 
_struct_conf.pdbx_beg_PDB_ins_code 
_struct_conf.end_label_comp_id 
_struct_conf.end_label_asym_id 
_struct_conf.end_label_seq_id 
_struct_conf.pdbx_end_PDB_ins_code 
_struct_conf.beg_auth_comp_id 
_struct_conf.beg_auth_asym_id 
_struct_conf.beg_auth_seq_id 
_struct_conf.end_auth_comp_id 
_struct_conf.end_auth_asym_id 
_struct_conf.end_auth_seq_id 
_struct_conf.pdbx_PDB_helix_class 
_struct_conf.details 
_struct_conf.pdbx_PDB_helix_length 
HELX_P HELX_P1 AA1 ASP A 15  ? GLY A 35  ? ASP A 172 GLY A 192 1 ? 21 
HELX_P HELX_P2 AA2 SER A 45  ? HIS A 67  ? SER A 202 HIS A 224 1 ? 23 
HELX_P HELX_P3 AA3 HIS A 67  ? ASP A 79  ? HIS A 224 ASP A 236 1 ? 13 
HELX_P HELX_P4 AA4 ASN A 82  ? GLY A 100 ? ASN A 239 GLY A 257 1 ? 19 
HELX_P HELX_P5 AA5 ASN A 103 ? ILE A 124 ? ASN A 260 ILE A 281 1 ? 22 
HELX_P HELX_P6 AA6 GLN A 126 ? SER A 128 ? GLN A 283 SER A 285 5 ? 3  
HELX_P HELX_P7 AA7 CYS A 129 ? GLN A 152 ? CYS A 286 GLN A 309 1 ? 24 
HELX_P HELX_P8 AA8 ARG A 153 ? PHE A 162 ? ARG A 310 PHE A 319 1 ? 10 
# 
_struct_conf_type.id          HELX_P 
_struct_conf_type.criteria    ? 
_struct_conf_type.reference   ? 
# 
_struct_site.id                   AC1 
_struct_site.pdbx_evidence_code   Software 
_struct_site.pdbx_auth_asym_id    A 
_struct_site.pdbx_auth_comp_id    JL8 
_struct_site.pdbx_auth_seq_id     401 
_struct_site.pdbx_auth_ins_code   ? 
_struct_site.pdbx_num_residues    11 
_struct_site.details              'binding site for residue JL8 A 401' 
# 
loop_
_struct_site_gen.id 
_struct_site_gen.site_id 
_struct_site_gen.pdbx_num_res 
_struct_site_gen.label_comp_id 
_struct_site_gen.label_asym_id 
_struct_site_gen.label_seq_id 
_struct_site_gen.pdbx_auth_ins_code 
_struct_site_gen.auth_comp_id 
_struct_site_gen.auth_asym_id 
_struct_site_gen.auth_seq_id 
_struct_site_gen.label_atom_id 
_struct_site_gen.label_alt_id 
_struct_site_gen.symmetry 
_struct_site_gen.details 
1  AC1 11 HIS A 67  ? HIS A 224 . ? 8_555 ? 
2  AC1 11 ALA A 70  ? ALA A 227 . ? 1_555 ? 
3  AC1 11 MET A 74  ? MET A 231 . ? 1_555 ? 
4  AC1 11 VAL A 92  ? VAL A 249 . ? 1_555 ? 
5  AC1 11 ARG A 106 ? ARG A 263 . ? 1_555 ? 
6  AC1 11 THR A 109 ? THR A 266 . ? 1_555 ? 
7  AC1 11 LEU A 110 ? LEU A 267 . ? 1_555 ? 
8  AC1 11 HOH C .   ? HOH A 505 . ? 8_555 ? 
9  AC1 11 HOH C .   ? HOH A 505 . ? 1_555 ? 
10 AC1 11 HOH C .   ? HOH A 521 . ? 1_555 ? 
11 AC1 11 HOH C .   ? HOH A 523 . ? 1_555 ? 
# 
loop_
_pdbx_validate_symm_contact.id 
_pdbx_validate_symm_contact.PDB_model_num 
_pdbx_validate_symm_contact.auth_atom_id_1 
_pdbx_validate_symm_contact.auth_asym_id_1 
_pdbx_validate_symm_contact.auth_comp_id_1 
_pdbx_validate_symm_contact.auth_seq_id_1 
_pdbx_validate_symm_contact.PDB_ins_code_1 
_pdbx_validate_symm_contact.label_alt_id_1 
_pdbx_validate_symm_contact.site_symmetry_1 
_pdbx_validate_symm_contact.auth_atom_id_2 
_pdbx_validate_symm_contact.auth_asym_id_2 
_pdbx_validate_symm_contact.auth_comp_id_2 
_pdbx_validate_symm_contact.auth_seq_id_2 
_pdbx_validate_symm_contact.PDB_ins_code_2 
_pdbx_validate_symm_contact.label_alt_id_2 
_pdbx_validate_symm_contact.site_symmetry_2 
_pdbx_validate_symm_contact.dist 
1 1 O A SER 170 ? ? 1_555 O A THR 301 ? ? 12_554 2.06 
2 1 O A HOH 535 ? ? 1_555 O A HOH 536 ? ? 8_555  2.11 
# 
loop_
_pdbx_validate_torsion.id 
_pdbx_validate_torsion.PDB_model_num 
_pdbx_validate_torsion.auth_comp_id 
_pdbx_validate_torsion.auth_asym_id 
_pdbx_validate_torsion.auth_seq_id 
_pdbx_validate_torsion.PDB_ins_code 
_pdbx_validate_torsion.label_alt_id 
_pdbx_validate_torsion.phi 
_pdbx_validate_torsion.psi 
1 1 VAL A 258 ? ? -59.95 171.23 
2 1 ARG A 310 ? ? 77.21  31.65  
# 
_pdbx_struct_special_symmetry.id              1 
_pdbx_struct_special_symmetry.PDB_model_num   1 
_pdbx_struct_special_symmetry.auth_asym_id    A 
_pdbx_struct_special_symmetry.auth_comp_id    HOH 
_pdbx_struct_special_symmetry.auth_seq_id     505 
_pdbx_struct_special_symmetry.PDB_ins_code    ? 
_pdbx_struct_special_symmetry.label_asym_id   C 
_pdbx_struct_special_symmetry.label_comp_id   HOH 
_pdbx_struct_special_symmetry.label_seq_id    . 
# 
_pdbx_distant_solvent_atoms.id                                1 
_pdbx_distant_solvent_atoms.PDB_model_num                     1 
_pdbx_distant_solvent_atoms.auth_atom_id                      O 
_pdbx_distant_solvent_atoms.label_alt_id                      ? 
_pdbx_distant_solvent_atoms.auth_asym_id                      A 
_pdbx_distant_solvent_atoms.auth_comp_id                      HOH 
_pdbx_distant_solvent_atoms.auth_seq_id                       541 
_pdbx_distant_solvent_atoms.PDB_ins_code                      ? 
_pdbx_distant_solvent_atoms.neighbor_macromolecule_distance   7.23 
_pdbx_distant_solvent_atoms.neighbor_ligand_distance          . 
# 
loop_
_pdbx_unobs_or_zero_occ_residues.id 
_pdbx_unobs_or_zero_occ_residues.PDB_model_num 
_pdbx_unobs_or_zero_occ_residues.polymer_flag 
_pdbx_unobs_or_zero_occ_residues.occupancy_flag 
_pdbx_unobs_or_zero_occ_residues.auth_asym_id 
_pdbx_unobs_or_zero_occ_residues.auth_comp_id 
_pdbx_unobs_or_zero_occ_residues.auth_seq_id 
_pdbx_unobs_or_zero_occ_residues.PDB_ins_code 
_pdbx_unobs_or_zero_occ_residues.label_asym_id 
_pdbx_unobs_or_zero_occ_residues.label_comp_id 
_pdbx_unobs_or_zero_occ_residues.label_seq_id 
1  1 Y 1 A MET 158 ? A MET 1   
2  1 Y 1 A HIS 159 ? A HIS 2   
3  1 Y 1 A HIS 160 ? A HIS 3   
4  1 Y 1 A HIS 161 ? A HIS 4   
5  1 Y 1 A HIS 162 ? A HIS 5   
6  1 Y 1 A HIS 163 ? A HIS 6   
7  1 Y 1 A HIS 164 ? A HIS 7   
8  1 Y 1 A LEU 165 ? A LEU 8   
9  1 Y 1 A VAL 166 ? A VAL 9   
10 1 Y 1 A PRO 167 ? A PRO 10  
11 1 Y 1 A ARG 168 ? A ARG 11  
12 1 Y 1 A GLY 169 ? A GLY 12  
13 1 Y 1 A ASP 323 ? A ASP 166 
14 1 Y 1 A LEU 324 ? A LEU 167 
15 1 Y 1 A GLU 325 ? A GLU 168 
16 1 Y 1 A GLY 326 ? A GLY 169 
17 1 Y 1 A GLY 327 ? A GLY 170 
# 
loop_
_chem_comp_atom.comp_id 
_chem_comp_atom.atom_id 
_chem_comp_atom.type_symbol 
_chem_comp_atom.pdbx_aromatic_flag 
_chem_comp_atom.pdbx_stereo_config 
_chem_comp_atom.pdbx_ordinal 
ALA N    N  N N 1   
ALA CA   C  N S 2   
ALA C    C  N N 3   
ALA O    O  N N 4   
ALA CB   C  N N 5   
ALA OXT  O  N N 6   
ALA H    H  N N 7   
ALA H2   H  N N 8   
ALA HA   H  N N 9   
ALA HB1  H  N N 10  
ALA HB2  H  N N 11  
ALA HB3  H  N N 12  
ALA HXT  H  N N 13  
ARG N    N  N N 14  
ARG CA   C  N S 15  
ARG C    C  N N 16  
ARG O    O  N N 17  
ARG CB   C  N N 18  
ARG CG   C  N N 19  
ARG CD   C  N N 20  
ARG NE   N  N N 21  
ARG CZ   C  N N 22  
ARG NH1  N  N N 23  
ARG NH2  N  N N 24  
ARG OXT  O  N N 25  
ARG H    H  N N 26  
ARG H2   H  N N 27  
ARG HA   H  N N 28  
ARG HB2  H  N N 29  
ARG HB3  H  N N 30  
ARG HG2  H  N N 31  
ARG HG3  H  N N 32  
ARG HD2  H  N N 33  
ARG HD3  H  N N 34  
ARG HE   H  N N 35  
ARG HH11 H  N N 36  
ARG HH12 H  N N 37  
ARG HH21 H  N N 38  
ARG HH22 H  N N 39  
ARG HXT  H  N N 40  
ASN N    N  N N 41  
ASN CA   C  N S 42  
ASN C    C  N N 43  
ASN O    O  N N 44  
ASN CB   C  N N 45  
ASN CG   C  N N 46  
ASN OD1  O  N N 47  
ASN ND2  N  N N 48  
ASN OXT  O  N N 49  
ASN H    H  N N 50  
ASN H2   H  N N 51  
ASN HA   H  N N 52  
ASN HB2  H  N N 53  
ASN HB3  H  N N 54  
ASN HD21 H  N N 55  
ASN HD22 H  N N 56  
ASN HXT  H  N N 57  
ASP N    N  N N 58  
ASP CA   C  N S 59  
ASP C    C  N N 60  
ASP O    O  N N 61  
ASP CB   C  N N 62  
ASP CG   C  N N 63  
ASP OD1  O  N N 64  
ASP OD2  O  N N 65  
ASP OXT  O  N N 66  
ASP H    H  N N 67  
ASP H2   H  N N 68  
ASP HA   H  N N 69  
ASP HB2  H  N N 70  
ASP HB3  H  N N 71  
ASP HD2  H  N N 72  
ASP HXT  H  N N 73  
CYS N    N  N N 74  
CYS CA   C  N R 75  
CYS C    C  N N 76  
CYS O    O  N N 77  
CYS CB   C  N N 78  
CYS SG   S  N N 79  
CYS OXT  O  N N 80  
CYS H    H  N N 81  
CYS H2   H  N N 82  
CYS HA   H  N N 83  
CYS HB2  H  N N 84  
CYS HB3  H  N N 85  
CYS HG   H  N N 86  
CYS HXT  H  N N 87  
GLN N    N  N N 88  
GLN CA   C  N S 89  
GLN C    C  N N 90  
GLN O    O  N N 91  
GLN CB   C  N N 92  
GLN CG   C  N N 93  
GLN CD   C  N N 94  
GLN OE1  O  N N 95  
GLN NE2  N  N N 96  
GLN OXT  O  N N 97  
GLN H    H  N N 98  
GLN H2   H  N N 99  
GLN HA   H  N N 100 
GLN HB2  H  N N 101 
GLN HB3  H  N N 102 
GLN HG2  H  N N 103 
GLN HG3  H  N N 104 
GLN HE21 H  N N 105 
GLN HE22 H  N N 106 
GLN HXT  H  N N 107 
GLU N    N  N N 108 
GLU CA   C  N S 109 
GLU C    C  N N 110 
GLU O    O  N N 111 
GLU CB   C  N N 112 
GLU CG   C  N N 113 
GLU CD   C  N N 114 
GLU OE1  O  N N 115 
GLU OE2  O  N N 116 
GLU OXT  O  N N 117 
GLU H    H  N N 118 
GLU H2   H  N N 119 
GLU HA   H  N N 120 
GLU HB2  H  N N 121 
GLU HB3  H  N N 122 
GLU HG2  H  N N 123 
GLU HG3  H  N N 124 
GLU HE2  H  N N 125 
GLU HXT  H  N N 126 
GLY N    N  N N 127 
GLY CA   C  N N 128 
GLY C    C  N N 129 
GLY O    O  N N 130 
GLY OXT  O  N N 131 
GLY H    H  N N 132 
GLY H2   H  N N 133 
GLY HA2  H  N N 134 
GLY HA3  H  N N 135 
GLY HXT  H  N N 136 
HIS N    N  N N 137 
HIS CA   C  N S 138 
HIS C    C  N N 139 
HIS O    O  N N 140 
HIS CB   C  N N 141 
HIS CG   C  Y N 142 
HIS ND1  N  Y N 143 
HIS CD2  C  Y N 144 
HIS CE1  C  Y N 145 
HIS NE2  N  Y N 146 
HIS OXT  O  N N 147 
HIS H    H  N N 148 
HIS H2   H  N N 149 
HIS HA   H  N N 150 
HIS HB2  H  N N 151 
HIS HB3  H  N N 152 
HIS HD1  H  N N 153 
HIS HD2  H  N N 154 
HIS HE1  H  N N 155 
HIS HE2  H  N N 156 
HIS HXT  H  N N 157 
HOH O    O  N N 158 
HOH H1   H  N N 159 
HOH H2   H  N N 160 
ILE N    N  N N 161 
ILE CA   C  N S 162 
ILE C    C  N N 163 
ILE O    O  N N 164 
ILE CB   C  N S 165 
ILE CG1  C  N N 166 
ILE CG2  C  N N 167 
ILE CD1  C  N N 168 
ILE OXT  O  N N 169 
ILE H    H  N N 170 
ILE H2   H  N N 171 
ILE HA   H  N N 172 
ILE HB   H  N N 173 
ILE HG12 H  N N 174 
ILE HG13 H  N N 175 
ILE HG21 H  N N 176 
ILE HG22 H  N N 177 
ILE HG23 H  N N 178 
ILE HD11 H  N N 179 
ILE HD12 H  N N 180 
ILE HD13 H  N N 181 
ILE HXT  H  N N 182 
JL8 C6   C  Y N 183 
JL8 C8   C  Y N 184 
JL8 C10  C  N N 185 
JL8 C13  C  N N 186 
JL8 C17  C  Y N 187 
JL8 C21  C  Y N 188 
JL8 C24  C  Y N 189 
JL8 C28  C  Y N 190 
JL8 C2   C  Y N 191 
JL8 C9   C  Y N 192 
JL8 C18  C  Y N 193 
JL8 C23  C  Y N 194 
JL8 C27  C  Y N 195 
JL8 C29  C  Y N 196 
JL8 C30  C  N N 197 
JL8 C25  C  Y N 198 
JL8 CL   CL N N 199 
JL8 C26  C  Y N 200 
JL8 O31  O  N N 201 
JL8 C7   C  Y N 202 
JL8 C22  C  N N 203 
JL8 S5   S  Y N 204 
JL8 N3   N  Y N 205 
JL8 N1   N  Y N 206 
JL8 C4   C  Y N 207 
JL8 O11  O  N N 208 
JL8 C12  C  N R 209 
JL8 C14  C  N N 210 
JL8 O16  O  N N 211 
JL8 O15  O  N N 212 
JL8 C19  C  Y N 213 
JL8 C20  C  Y N 214 
JL8 H1   H  N N 215 
JL8 H2   H  N N 216 
JL8 H3   H  N N 217 
JL8 H4   H  N N 218 
JL8 H5   H  N N 219 
JL8 H6   H  N N 220 
JL8 H7   H  N N 221 
JL8 H8   H  N N 222 
JL8 H9   H  N N 223 
JL8 H10  H  N N 224 
JL8 H11  H  N N 225 
JL8 H12  H  N N 226 
JL8 H13  H  N N 227 
JL8 H14  H  N N 228 
JL8 H15  H  N N 229 
JL8 H16  H  N N 230 
JL8 H17  H  N N 231 
JL8 H18  H  N N 232 
JL8 H19  H  N N 233 
JL8 H20  H  N N 234 
JL8 H21  H  N N 235 
LEU N    N  N N 236 
LEU CA   C  N S 237 
LEU C    C  N N 238 
LEU O    O  N N 239 
LEU CB   C  N N 240 
LEU CG   C  N N 241 
LEU CD1  C  N N 242 
LEU CD2  C  N N 243 
LEU OXT  O  N N 244 
LEU H    H  N N 245 
LEU H2   H  N N 246 
LEU HA   H  N N 247 
LEU HB2  H  N N 248 
LEU HB3  H  N N 249 
LEU HG   H  N N 250 
LEU HD11 H  N N 251 
LEU HD12 H  N N 252 
LEU HD13 H  N N 253 
LEU HD21 H  N N 254 
LEU HD22 H  N N 255 
LEU HD23 H  N N 256 
LEU HXT  H  N N 257 
LYS N    N  N N 258 
LYS CA   C  N S 259 
LYS C    C  N N 260 
LYS O    O  N N 261 
LYS CB   C  N N 262 
LYS CG   C  N N 263 
LYS CD   C  N N 264 
LYS CE   C  N N 265 
LYS NZ   N  N N 266 
LYS OXT  O  N N 267 
LYS H    H  N N 268 
LYS H2   H  N N 269 
LYS HA   H  N N 270 
LYS HB2  H  N N 271 
LYS HB3  H  N N 272 
LYS HG2  H  N N 273 
LYS HG3  H  N N 274 
LYS HD2  H  N N 275 
LYS HD3  H  N N 276 
LYS HE2  H  N N 277 
LYS HE3  H  N N 278 
LYS HZ1  H  N N 279 
LYS HZ2  H  N N 280 
LYS HZ3  H  N N 281 
LYS HXT  H  N N 282 
MET N    N  N N 283 
MET CA   C  N S 284 
MET C    C  N N 285 
MET O    O  N N 286 
MET CB   C  N N 287 
MET CG   C  N N 288 
MET SD   S  N N 289 
MET CE   C  N N 290 
MET OXT  O  N N 291 
MET H    H  N N 292 
MET H2   H  N N 293 
MET HA   H  N N 294 
MET HB2  H  N N 295 
MET HB3  H  N N 296 
MET HG2  H  N N 297 
MET HG3  H  N N 298 
MET HE1  H  N N 299 
MET HE2  H  N N 300 
MET HE3  H  N N 301 
MET HXT  H  N N 302 
PHE N    N  N N 303 
PHE CA   C  N S 304 
PHE C    C  N N 305 
PHE O    O  N N 306 
PHE CB   C  N N 307 
PHE CG   C  Y N 308 
PHE CD1  C  Y N 309 
PHE CD2  C  Y N 310 
PHE CE1  C  Y N 311 
PHE CE2  C  Y N 312 
PHE CZ   C  Y N 313 
PHE OXT  O  N N 314 
PHE H    H  N N 315 
PHE H2   H  N N 316 
PHE HA   H  N N 317 
PHE HB2  H  N N 318 
PHE HB3  H  N N 319 
PHE HD1  H  N N 320 
PHE HD2  H  N N 321 
PHE HE1  H  N N 322 
PHE HE2  H  N N 323 
PHE HZ   H  N N 324 
PHE HXT  H  N N 325 
PRO N    N  N N 326 
PRO CA   C  N S 327 
PRO C    C  N N 328 
PRO O    O  N N 329 
PRO CB   C  N N 330 
PRO CG   C  N N 331 
PRO CD   C  N N 332 
PRO OXT  O  N N 333 
PRO H    H  N N 334 
PRO HA   H  N N 335 
PRO HB2  H  N N 336 
PRO HB3  H  N N 337 
PRO HG2  H  N N 338 
PRO HG3  H  N N 339 
PRO HD2  H  N N 340 
PRO HD3  H  N N 341 
PRO HXT  H  N N 342 
SER N    N  N N 343 
SER CA   C  N S 344 
SER C    C  N N 345 
SER O    O  N N 346 
SER CB   C  N N 347 
SER OG   O  N N 348 
SER OXT  O  N N 349 
SER H    H  N N 350 
SER H2   H  N N 351 
SER HA   H  N N 352 
SER HB2  H  N N 353 
SER HB3  H  N N 354 
SER HG   H  N N 355 
SER HXT  H  N N 356 
THR N    N  N N 357 
THR CA   C  N S 358 
THR C    C  N N 359 
THR O    O  N N 360 
THR CB   C  N R 361 
THR OG1  O  N N 362 
THR CG2  C  N N 363 
THR OXT  O  N N 364 
THR H    H  N N 365 
THR H2   H  N N 366 
THR HA   H  N N 367 
THR HB   H  N N 368 
THR HG1  H  N N 369 
THR HG21 H  N N 370 
THR HG22 H  N N 371 
THR HG23 H  N N 372 
THR HXT  H  N N 373 
TRP N    N  N N 374 
TRP CA   C  N S 375 
TRP C    C  N N 376 
TRP O    O  N N 377 
TRP CB   C  N N 378 
TRP CG   C  Y N 379 
TRP CD1  C  Y N 380 
TRP CD2  C  Y N 381 
TRP NE1  N  Y N 382 
TRP CE2  C  Y N 383 
TRP CE3  C  Y N 384 
TRP CZ2  C  Y N 385 
TRP CZ3  C  Y N 386 
TRP CH2  C  Y N 387 
TRP OXT  O  N N 388 
TRP H    H  N N 389 
TRP H2   H  N N 390 
TRP HA   H  N N 391 
TRP HB2  H  N N 392 
TRP HB3  H  N N 393 
TRP HD1  H  N N 394 
TRP HE1  H  N N 395 
TRP HE3  H  N N 396 
TRP HZ2  H  N N 397 
TRP HZ3  H  N N 398 
TRP HH2  H  N N 399 
TRP HXT  H  N N 400 
TYR N    N  N N 401 
TYR CA   C  N S 402 
TYR C    C  N N 403 
TYR O    O  N N 404 
TYR CB   C  N N 405 
TYR CG   C  Y N 406 
TYR CD1  C  Y N 407 
TYR CD2  C  Y N 408 
TYR CE1  C  Y N 409 
TYR CE2  C  Y N 410 
TYR CZ   C  Y N 411 
TYR OH   O  N N 412 
TYR OXT  O  N N 413 
TYR H    H  N N 414 
TYR H2   H  N N 415 
TYR HA   H  N N 416 
TYR HB2  H  N N 417 
TYR HB3  H  N N 418 
TYR HD1  H  N N 419 
TYR HD2  H  N N 420 
TYR HE1  H  N N 421 
TYR HE2  H  N N 422 
TYR HH   H  N N 423 
TYR HXT  H  N N 424 
VAL N    N  N N 425 
VAL CA   C  N S 426 
VAL C    C  N N 427 
VAL O    O  N N 428 
VAL CB   C  N N 429 
VAL CG1  C  N N 430 
VAL CG2  C  N N 431 
VAL OXT  O  N N 432 
VAL H    H  N N 433 
VAL H2   H  N N 434 
VAL HA   H  N N 435 
VAL HB   H  N N 436 
VAL HG11 H  N N 437 
VAL HG12 H  N N 438 
VAL HG13 H  N N 439 
VAL HG21 H  N N 440 
VAL HG22 H  N N 441 
VAL HG23 H  N N 442 
VAL HXT  H  N N 443 
# 
loop_
_chem_comp_bond.comp_id 
_chem_comp_bond.atom_id_1 
_chem_comp_bond.atom_id_2 
_chem_comp_bond.value_order 
_chem_comp_bond.pdbx_aromatic_flag 
_chem_comp_bond.pdbx_stereo_config 
_chem_comp_bond.pdbx_ordinal 
ALA N   CA   sing N N 1   
ALA N   H    sing N N 2   
ALA N   H2   sing N N 3   
ALA CA  C    sing N N 4   
ALA CA  CB   sing N N 5   
ALA CA  HA   sing N N 6   
ALA C   O    doub N N 7   
ALA C   OXT  sing N N 8   
ALA CB  HB1  sing N N 9   
ALA CB  HB2  sing N N 10  
ALA CB  HB3  sing N N 11  
ALA OXT HXT  sing N N 12  
ARG N   CA   sing N N 13  
ARG N   H    sing N N 14  
ARG N   H2   sing N N 15  
ARG CA  C    sing N N 16  
ARG CA  CB   sing N N 17  
ARG CA  HA   sing N N 18  
ARG C   O    doub N N 19  
ARG C   OXT  sing N N 20  
ARG CB  CG   sing N N 21  
ARG CB  HB2  sing N N 22  
ARG CB  HB3  sing N N 23  
ARG CG  CD   sing N N 24  
ARG CG  HG2  sing N N 25  
ARG CG  HG3  sing N N 26  
ARG CD  NE   sing N N 27  
ARG CD  HD2  sing N N 28  
ARG CD  HD3  sing N N 29  
ARG NE  CZ   sing N N 30  
ARG NE  HE   sing N N 31  
ARG CZ  NH1  sing N N 32  
ARG CZ  NH2  doub N N 33  
ARG NH1 HH11 sing N N 34  
ARG NH1 HH12 sing N N 35  
ARG NH2 HH21 sing N N 36  
ARG NH2 HH22 sing N N 37  
ARG OXT HXT  sing N N 38  
ASN N   CA   sing N N 39  
ASN N   H    sing N N 40  
ASN N   H2   sing N N 41  
ASN CA  C    sing N N 42  
ASN CA  CB   sing N N 43  
ASN CA  HA   sing N N 44  
ASN C   O    doub N N 45  
ASN C   OXT  sing N N 46  
ASN CB  CG   sing N N 47  
ASN CB  HB2  sing N N 48  
ASN CB  HB3  sing N N 49  
ASN CG  OD1  doub N N 50  
ASN CG  ND2  sing N N 51  
ASN ND2 HD21 sing N N 52  
ASN ND2 HD22 sing N N 53  
ASN OXT HXT  sing N N 54  
ASP N   CA   sing N N 55  
ASP N   H    sing N N 56  
ASP N   H2   sing N N 57  
ASP CA  C    sing N N 58  
ASP CA  CB   sing N N 59  
ASP CA  HA   sing N N 60  
ASP C   O    doub N N 61  
ASP C   OXT  sing N N 62  
ASP CB  CG   sing N N 63  
ASP CB  HB2  sing N N 64  
ASP CB  HB3  sing N N 65  
ASP CG  OD1  doub N N 66  
ASP CG  OD2  sing N N 67  
ASP OD2 HD2  sing N N 68  
ASP OXT HXT  sing N N 69  
CYS N   CA   sing N N 70  
CYS N   H    sing N N 71  
CYS N   H2   sing N N 72  
CYS CA  C    sing N N 73  
CYS CA  CB   sing N N 74  
CYS CA  HA   sing N N 75  
CYS C   O    doub N N 76  
CYS C   OXT  sing N N 77  
CYS CB  SG   sing N N 78  
CYS CB  HB2  sing N N 79  
CYS CB  HB3  sing N N 80  
CYS SG  HG   sing N N 81  
CYS OXT HXT  sing N N 82  
GLN N   CA   sing N N 83  
GLN N   H    sing N N 84  
GLN N   H2   sing N N 85  
GLN CA  C    sing N N 86  
GLN CA  CB   sing N N 87  
GLN CA  HA   sing N N 88  
GLN C   O    doub N N 89  
GLN C   OXT  sing N N 90  
GLN CB  CG   sing N N 91  
GLN CB  HB2  sing N N 92  
GLN CB  HB3  sing N N 93  
GLN CG  CD   sing N N 94  
GLN CG  HG2  sing N N 95  
GLN CG  HG3  sing N N 96  
GLN CD  OE1  doub N N 97  
GLN CD  NE2  sing N N 98  
GLN NE2 HE21 sing N N 99  
GLN NE2 HE22 sing N N 100 
GLN OXT HXT  sing N N 101 
GLU N   CA   sing N N 102 
GLU N   H    sing N N 103 
GLU N   H2   sing N N 104 
GLU CA  C    sing N N 105 
GLU CA  CB   sing N N 106 
GLU CA  HA   sing N N 107 
GLU C   O    doub N N 108 
GLU C   OXT  sing N N 109 
GLU CB  CG   sing N N 110 
GLU CB  HB2  sing N N 111 
GLU CB  HB3  sing N N 112 
GLU CG  CD   sing N N 113 
GLU CG  HG2  sing N N 114 
GLU CG  HG3  sing N N 115 
GLU CD  OE1  doub N N 116 
GLU CD  OE2  sing N N 117 
GLU OE2 HE2  sing N N 118 
GLU OXT HXT  sing N N 119 
GLY N   CA   sing N N 120 
GLY N   H    sing N N 121 
GLY N   H2   sing N N 122 
GLY CA  C    sing N N 123 
GLY CA  HA2  sing N N 124 
GLY CA  HA3  sing N N 125 
GLY C   O    doub N N 126 
GLY C   OXT  sing N N 127 
GLY OXT HXT  sing N N 128 
HIS N   CA   sing N N 129 
HIS N   H    sing N N 130 
HIS N   H2   sing N N 131 
HIS CA  C    sing N N 132 
HIS CA  CB   sing N N 133 
HIS CA  HA   sing N N 134 
HIS C   O    doub N N 135 
HIS C   OXT  sing N N 136 
HIS CB  CG   sing N N 137 
HIS CB  HB2  sing N N 138 
HIS CB  HB3  sing N N 139 
HIS CG  ND1  sing Y N 140 
HIS CG  CD2  doub Y N 141 
HIS ND1 CE1  doub Y N 142 
HIS ND1 HD1  sing N N 143 
HIS CD2 NE2  sing Y N 144 
HIS CD2 HD2  sing N N 145 
HIS CE1 NE2  sing Y N 146 
HIS CE1 HE1  sing N N 147 
HIS NE2 HE2  sing N N 148 
HIS OXT HXT  sing N N 149 
HOH O   H1   sing N N 150 
HOH O   H2   sing N N 151 
ILE N   CA   sing N N 152 
ILE N   H    sing N N 153 
ILE N   H2   sing N N 154 
ILE CA  C    sing N N 155 
ILE CA  CB   sing N N 156 
ILE CA  HA   sing N N 157 
ILE C   O    doub N N 158 
ILE C   OXT  sing N N 159 
ILE CB  CG1  sing N N 160 
ILE CB  CG2  sing N N 161 
ILE CB  HB   sing N N 162 
ILE CG1 CD1  sing N N 163 
ILE CG1 HG12 sing N N 164 
ILE CG1 HG13 sing N N 165 
ILE CG2 HG21 sing N N 166 
ILE CG2 HG22 sing N N 167 
ILE CG2 HG23 sing N N 168 
ILE CD1 HD11 sing N N 169 
ILE CD1 HD12 sing N N 170 
ILE CD1 HD13 sing N N 171 
ILE OXT HXT  sing N N 172 
JL8 C23 C20  doub Y N 173 
JL8 C23 C17  sing Y N 174 
JL8 C20 C19  sing Y N 175 
JL8 O31 C26  sing N N 176 
JL8 C13 C17  sing N N 177 
JL8 C13 C12  sing N N 178 
JL8 C17 C18  doub Y N 179 
JL8 C27 C26  doub Y N 180 
JL8 C27 C29  sing Y N 181 
JL8 O16 C14  doub N N 182 
JL8 O15 C14  sing N N 183 
JL8 C14 C12  sing N N 184 
JL8 C26 C28  sing Y N 185 
JL8 C19 C21  doub Y N 186 
JL8 C12 O11  sing N N 187 
JL8 C29 C24  doub Y N 188 
JL8 C18 C21  sing Y N 189 
JL8 O11 C4   sing N N 190 
JL8 C28 CL   sing N N 191 
JL8 C28 C25  doub Y N 192 
JL8 C24 C25  sing Y N 193 
JL8 C24 C7   sing N N 194 
JL8 C4  N1   doub Y N 195 
JL8 C4  C8   sing Y N 196 
JL8 C25 C30  sing N N 197 
JL8 N1  C2   sing Y N 198 
JL8 C7  C8   sing Y N 199 
JL8 C7  C6   doub Y N 200 
JL8 C8  C9   doub Y N 201 
JL8 C2  N3   doub Y N 202 
JL8 C6  C10  sing N N 203 
JL8 C6  S5   sing Y N 204 
JL8 C10 C22  sing N N 205 
JL8 C9  N3   sing Y N 206 
JL8 C9  S5   sing Y N 207 
JL8 C10 H1   sing N N 208 
JL8 C10 H2   sing N N 209 
JL8 C13 H3   sing N N 210 
JL8 C13 H4   sing N N 211 
JL8 C21 H5   sing N N 212 
JL8 C2  H6   sing N N 213 
JL8 C18 H7   sing N N 214 
JL8 C23 H8   sing N N 215 
JL8 C27 H9   sing N N 216 
JL8 C29 H10  sing N N 217 
JL8 C30 H11  sing N N 218 
JL8 C30 H12  sing N N 219 
JL8 C30 H13  sing N N 220 
JL8 O31 H14  sing N N 221 
JL8 C22 H15  sing N N 222 
JL8 C22 H16  sing N N 223 
JL8 C22 H17  sing N N 224 
JL8 C12 H18  sing N N 225 
JL8 O15 H19  sing N N 226 
JL8 C19 H20  sing N N 227 
JL8 C20 H21  sing N N 228 
LEU N   CA   sing N N 229 
LEU N   H    sing N N 230 
LEU N   H2   sing N N 231 
LEU CA  C    sing N N 232 
LEU CA  CB   sing N N 233 
LEU CA  HA   sing N N 234 
LEU C   O    doub N N 235 
LEU C   OXT  sing N N 236 
LEU CB  CG   sing N N 237 
LEU CB  HB2  sing N N 238 
LEU CB  HB3  sing N N 239 
LEU CG  CD1  sing N N 240 
LEU CG  CD2  sing N N 241 
LEU CG  HG   sing N N 242 
LEU CD1 HD11 sing N N 243 
LEU CD1 HD12 sing N N 244 
LEU CD1 HD13 sing N N 245 
LEU CD2 HD21 sing N N 246 
LEU CD2 HD22 sing N N 247 
LEU CD2 HD23 sing N N 248 
LEU OXT HXT  sing N N 249 
LYS N   CA   sing N N 250 
LYS N   H    sing N N 251 
LYS N   H2   sing N N 252 
LYS CA  C    sing N N 253 
LYS CA  CB   sing N N 254 
LYS CA  HA   sing N N 255 
LYS C   O    doub N N 256 
LYS C   OXT  sing N N 257 
LYS CB  CG   sing N N 258 
LYS CB  HB2  sing N N 259 
LYS CB  HB3  sing N N 260 
LYS CG  CD   sing N N 261 
LYS CG  HG2  sing N N 262 
LYS CG  HG3  sing N N 263 
LYS CD  CE   sing N N 264 
LYS CD  HD2  sing N N 265 
LYS CD  HD3  sing N N 266 
LYS CE  NZ   sing N N 267 
LYS CE  HE2  sing N N 268 
LYS CE  HE3  sing N N 269 
LYS NZ  HZ1  sing N N 270 
LYS NZ  HZ2  sing N N 271 
LYS NZ  HZ3  sing N N 272 
LYS OXT HXT  sing N N 273 
MET N   CA   sing N N 274 
MET N   H    sing N N 275 
MET N   H2   sing N N 276 
MET CA  C    sing N N 277 
MET CA  CB   sing N N 278 
MET CA  HA   sing N N 279 
MET C   O    doub N N 280 
MET C   OXT  sing N N 281 
MET CB  CG   sing N N 282 
MET CB  HB2  sing N N 283 
MET CB  HB3  sing N N 284 
MET CG  SD   sing N N 285 
MET CG  HG2  sing N N 286 
MET CG  HG3  sing N N 287 
MET SD  CE   sing N N 288 
MET CE  HE1  sing N N 289 
MET CE  HE2  sing N N 290 
MET CE  HE3  sing N N 291 
MET OXT HXT  sing N N 292 
PHE N   CA   sing N N 293 
PHE N   H    sing N N 294 
PHE N   H2   sing N N 295 
PHE CA  C    sing N N 296 
PHE CA  CB   sing N N 297 
PHE CA  HA   sing N N 298 
PHE C   O    doub N N 299 
PHE C   OXT  sing N N 300 
PHE CB  CG   sing N N 301 
PHE CB  HB2  sing N N 302 
PHE CB  HB3  sing N N 303 
PHE CG  CD1  doub Y N 304 
PHE CG  CD2  sing Y N 305 
PHE CD1 CE1  sing Y N 306 
PHE CD1 HD1  sing N N 307 
PHE CD2 CE2  doub Y N 308 
PHE CD2 HD2  sing N N 309 
PHE CE1 CZ   doub Y N 310 
PHE CE1 HE1  sing N N 311 
PHE CE2 CZ   sing Y N 312 
PHE CE2 HE2  sing N N 313 
PHE CZ  HZ   sing N N 314 
PHE OXT HXT  sing N N 315 
PRO N   CA   sing N N 316 
PRO N   CD   sing N N 317 
PRO N   H    sing N N 318 
PRO CA  C    sing N N 319 
PRO CA  CB   sing N N 320 
PRO CA  HA   sing N N 321 
PRO C   O    doub N N 322 
PRO C   OXT  sing N N 323 
PRO CB  CG   sing N N 324 
PRO CB  HB2  sing N N 325 
PRO CB  HB3  sing N N 326 
PRO CG  CD   sing N N 327 
PRO CG  HG2  sing N N 328 
PRO CG  HG3  sing N N 329 
PRO CD  HD2  sing N N 330 
PRO CD  HD3  sing N N 331 
PRO OXT HXT  sing N N 332 
SER N   CA   sing N N 333 
SER N   H    sing N N 334 
SER N   H2   sing N N 335 
SER CA  C    sing N N 336 
SER CA  CB   sing N N 337 
SER CA  HA   sing N N 338 
SER C   O    doub N N 339 
SER C   OXT  sing N N 340 
SER CB  OG   sing N N 341 
SER CB  HB2  sing N N 342 
SER CB  HB3  sing N N 343 
SER OG  HG   sing N N 344 
SER OXT HXT  sing N N 345 
THR N   CA   sing N N 346 
THR N   H    sing N N 347 
THR N   H2   sing N N 348 
THR CA  C    sing N N 349 
THR CA  CB   sing N N 350 
THR CA  HA   sing N N 351 
THR C   O    doub N N 352 
THR C   OXT  sing N N 353 
THR CB  OG1  sing N N 354 
THR CB  CG2  sing N N 355 
THR CB  HB   sing N N 356 
THR OG1 HG1  sing N N 357 
THR CG2 HG21 sing N N 358 
THR CG2 HG22 sing N N 359 
THR CG2 HG23 sing N N 360 
THR OXT HXT  sing N N 361 
TRP N   CA   sing N N 362 
TRP N   H    sing N N 363 
TRP N   H2   sing N N 364 
TRP CA  C    sing N N 365 
TRP CA  CB   sing N N 366 
TRP CA  HA   sing N N 367 
TRP C   O    doub N N 368 
TRP C   OXT  sing N N 369 
TRP CB  CG   sing N N 370 
TRP CB  HB2  sing N N 371 
TRP CB  HB3  sing N N 372 
TRP CG  CD1  doub Y N 373 
TRP CG  CD2  sing Y N 374 
TRP CD1 NE1  sing Y N 375 
TRP CD1 HD1  sing N N 376 
TRP CD2 CE2  doub Y N 377 
TRP CD2 CE3  sing Y N 378 
TRP NE1 CE2  sing Y N 379 
TRP NE1 HE1  sing N N 380 
TRP CE2 CZ2  sing Y N 381 
TRP CE3 CZ3  doub Y N 382 
TRP CE3 HE3  sing N N 383 
TRP CZ2 CH2  doub Y N 384 
TRP CZ2 HZ2  sing N N 385 
TRP CZ3 CH2  sing Y N 386 
TRP CZ3 HZ3  sing N N 387 
TRP CH2 HH2  sing N N 388 
TRP OXT HXT  sing N N 389 
TYR N   CA   sing N N 390 
TYR N   H    sing N N 391 
TYR N   H2   sing N N 392 
TYR CA  C    sing N N 393 
TYR CA  CB   sing N N 394 
TYR CA  HA   sing N N 395 
TYR C   O    doub N N 396 
TYR C   OXT  sing N N 397 
TYR CB  CG   sing N N 398 
TYR CB  HB2  sing N N 399 
TYR CB  HB3  sing N N 400 
TYR CG  CD1  doub Y N 401 
TYR CG  CD2  sing Y N 402 
TYR CD1 CE1  sing Y N 403 
TYR CD1 HD1  sing N N 404 
TYR CD2 CE2  doub Y N 405 
TYR CD2 HD2  sing N N 406 
TYR CE1 CZ   doub Y N 407 
TYR CE1 HE1  sing N N 408 
TYR CE2 CZ   sing Y N 409 
TYR CE2 HE2  sing N N 410 
TYR CZ  OH   sing N N 411 
TYR OH  HH   sing N N 412 
TYR OXT HXT  sing N N 413 
VAL N   CA   sing N N 414 
VAL N   H    sing N N 415 
VAL N   H2   sing N N 416 
VAL CA  C    sing N N 417 
VAL CA  CB   sing N N 418 
VAL CA  HA   sing N N 419 
VAL C   O    doub N N 420 
VAL C   OXT  sing N N 421 
VAL CB  CG1  sing N N 422 
VAL CB  CG2  sing N N 423 
VAL CB  HB   sing N N 424 
VAL CG1 HG11 sing N N 425 
VAL CG1 HG12 sing N N 426 
VAL CG1 HG13 sing N N 427 
VAL CG2 HG21 sing N N 428 
VAL CG2 HG22 sing N N 429 
VAL CG2 HG23 sing N N 430 
VAL OXT HXT  sing N N 431 
# 
_pdbx_entity_instance_feature.ordinal        1 
_pdbx_entity_instance_feature.comp_id        JL8 
_pdbx_entity_instance_feature.asym_id        ? 
_pdbx_entity_instance_feature.seq_num        ? 
_pdbx_entity_instance_feature.auth_comp_id   JL8 
_pdbx_entity_instance_feature.auth_asym_id   ? 
_pdbx_entity_instance_feature.auth_seq_num   ? 
_pdbx_entity_instance_feature.feature_type   'SUBJECT OF INVESTIGATION' 
_pdbx_entity_instance_feature.details        ? 
# 
_pdbx_initial_refinement_model.id               1 
_pdbx_initial_refinement_model.entity_id_list   ? 
_pdbx_initial_refinement_model.type             'experimental model' 
_pdbx_initial_refinement_model.source_name      PDB 
_pdbx_initial_refinement_model.accession_code   6QFQ 
_pdbx_initial_refinement_model.details          ? 
# 
_atom_sites.entry_id                    6QZ8 
_atom_sites.fract_transf_matrix[1][1]   0.00605851 
_atom_sites.fract_transf_matrix[1][2]   0.02069417 
_atom_sites.fract_transf_matrix[1][3]   0.01977213 
_atom_sites.fract_transf_matrix[2][1]   0.02132922 
_atom_sites.fract_transf_matrix[2][2]   -0.00425827 
_atom_sites.fract_transf_matrix[2][3]   0.01956493 
_atom_sites.fract_transf_matrix[3][1]   0.00201976 
_atom_sites.fract_transf_matrix[3][2]   0.00125210 
_atom_sites.fract_transf_matrix[3][3]   -0.00192938 
_atom_sites.fract_transf_vector[1]      0.067065 
_atom_sites.fract_transf_vector[2]      0.240644 
_atom_sites.fract_transf_vector[3]      -0.038487 
# 
loop_
_atom_type.symbol 
C  
CL 
N  
O  
S  
# 
loop_
_atom_site.group_PDB 
_atom_site.id 
_atom_site.type_symbol 
_atom_site.label_atom_id 
_atom_site.label_alt_id 
_atom_site.label_comp_id 
_atom_site.label_asym_id 
_atom_site.label_entity_id 
_atom_site.label_seq_id 
_atom_site.pdbx_PDB_ins_code 
_atom_site.Cartn_x 
_atom_site.Cartn_y 
_atom_site.Cartn_z 
_atom_site.occupancy 
_atom_site.B_iso_or_equiv 
_atom_site.pdbx_formal_charge 
_atom_site.auth_seq_id 
_atom_site.auth_comp_id 
_atom_site.auth_asym_id 
_atom_site.auth_atom_id 
_atom_site.pdbx_PDB_model_num 
ATOM   1    N  N   . SER A 1 13  ? -14.743 -9.384  12.703  1.00 74.04  ? 170 SER A N   1 
ATOM   2    C  CA  . SER A 1 13  ? -13.967 -9.621  11.452  1.00 74.50  ? 170 SER A CA  1 
ATOM   3    C  C   . SER A 1 13  ? -14.803 -10.466 10.477  1.00 70.88  ? 170 SER A C   1 
ATOM   4    O  O   . SER A 1 13  ? -15.959 -10.122 10.276  1.00 78.06  ? 170 SER A O   1 
ATOM   5    C  CB  . SER A 1 13  ? -12.624 -10.246 11.748  1.00 84.85  ? 170 SER A CB  1 
ATOM   6    O  OG  . SER A 1 13  ? -11.916 -10.514 10.543  1.00 93.11  ? 170 SER A OG  1 
ATOM   7    N  N   . GLU A 1 14  ? -14.247 -11.511 9.856   1.00 59.41  ? 171 GLU A N   1 
ATOM   8    C  CA  . GLU A 1 14  ? -14.914 -12.246 8.745   1.00 56.18  ? 171 GLU A CA  1 
ATOM   9    C  C   . GLU A 1 14  ? -15.039 -11.331 7.513   1.00 43.84  ? 171 GLU A C   1 
ATOM   10   O  O   . GLU A 1 14  ? -16.162 -11.105 6.977   1.00 40.68  ? 171 GLU A O   1 
ATOM   11   C  CB  . GLU A 1 14  ? -16.272 -12.788 9.184   1.00 64.11  ? 171 GLU A CB  1 
ATOM   12   C  CG  . GLU A 1 14  ? -16.511 -14.189 8.674   1.00 69.03  ? 171 GLU A CG  1 
ATOM   13   C  CD  . GLU A 1 14  ? -17.953 -14.433 8.318   1.00 73.94  ? 171 GLU A CD  1 
ATOM   14   O  OE1 . GLU A 1 14  ? -18.575 -13.483 7.782   1.00 71.28  ? 171 GLU A OE1 1 
ATOM   15   O  OE2 . GLU A 1 14  ? -18.443 -15.554 8.590   1.00 74.60  ? 171 GLU A OE2 1 
ATOM   16   N  N   . ASP A 1 15  ? -13.884 -10.848 7.082   1.00 37.78  ? 172 ASP A N   1 
ATOM   17   C  CA  . ASP A 1 15  ? -13.643 -10.025 5.873   1.00 35.90  ? 172 ASP A CA  1 
ATOM   18   C  C   . ASP A 1 15  ? -12.257 -10.440 5.368   1.00 33.96  ? 172 ASP A C   1 
ATOM   19   O  O   . ASP A 1 15  ? -11.279 -9.801  5.755   1.00 34.31  ? 172 ASP A O   1 
ATOM   20   C  CB  . ASP A 1 15  ? -13.701 -8.527  6.211   1.00 33.11  ? 172 ASP A CB  1 
ATOM   21   C  CG  . ASP A 1 15  ? -13.726 -7.615  4.981   1.00 34.83  ? 172 ASP A CG  1 
ATOM   22   O  OD1 . ASP A 1 15  ? -13.409 -8.090  3.865   1.00 32.36  ? 172 ASP A OD1 1 
ATOM   23   O  OD2 . ASP A 1 15  ? -14.085 -6.456  5.143   1.00 33.42  ? 172 ASP A OD2 1 
ATOM   24   N  N   . GLU A 1 16  ? -12.188 -11.546 4.640   1.00 35.63  ? 173 GLU A N   1 
ATOM   25   C  CA  . GLU A 1 16  ? -10.935 -12.092 4.063   1.00 38.15  ? 173 GLU A CA  1 
ATOM   26   C  C   . GLU A 1 16  ? -10.284 -11.033 3.147   1.00 31.81  ? 173 GLU A C   1 
ATOM   27   O  O   . GLU A 1 16  ? -9.079  -10.814 3.273   1.00 34.59  ? 173 GLU A O   1 
ATOM   28   C  CB  . GLU A 1 16  ? -11.272 -13.415 3.370   1.00 40.66  ? 173 GLU A CB  1 
ATOM   29   C  CG  . GLU A 1 16  ? -10.098 -14.067 2.675   1.00 51.12  ? 173 GLU A CG  1 
ATOM   30   C  CD  . GLU A 1 16  ? -8.895  -14.385 3.552   1.00 59.30  ? 173 GLU A CD  1 
ATOM   31   O  OE1 . GLU A 1 16  ? -9.076  -14.545 4.788   1.00 61.29  ? 173 GLU A OE1 1 
ATOM   32   O  OE2 . GLU A 1 16  ? -7.772  -14.469 2.995   1.00 60.02  ? 173 GLU A OE2 1 
ATOM   33   N  N   . LEU A 1 17  ? -11.044 -10.353 2.276   1.00 32.07  ? 174 LEU A N   1 
ATOM   34   C  CA  . LEU A 1 17  ? -10.432 -9.359  1.363   1.00 28.94  ? 174 LEU A CA  1 
ATOM   35   C  C   . LEU A 1 17  ? -9.663  -8.348  2.215   1.00 28.82  ? 174 LEU A C   1 
ATOM   36   O  O   . LEU A 1 17  ? -8.484  -8.110  1.913   1.00 32.48  ? 174 LEU A O   1 
ATOM   37   C  CB  . LEU A 1 17  ? -11.481 -8.670  0.502   1.00 32.78  ? 174 LEU A CB  1 
ATOM   38   C  CG  . LEU A 1 17  ? -10.936 -7.598  -0.442  1.00 35.16  ? 174 LEU A CG  1 
ATOM   39   C  CD1 . LEU A 1 17  ? -9.760  -8.126  -1.248  1.00 35.41  ? 174 LEU A CD1 1 
ATOM   40   C  CD2 . LEU A 1 17  ? -12.038 -7.077  -1.352  1.00 32.23  ? 174 LEU A CD2 1 
ATOM   41   N  N   . TYR A 1 18  ? -10.288 -7.798  3.256   1.00 27.90  ? 175 TYR A N   1 
ATOM   42   C  CA  . TYR A 1 18  ? -9.651  -6.802  4.144   1.00 31.13  ? 175 TYR A CA  1 
ATOM   43   C  C   . TYR A 1 18  ? -8.416  -7.403  4.816   1.00 35.08  ? 175 TYR A C   1 
ATOM   44   O  O   . TYR A 1 18  ? -7.372  -6.725  4.849   1.00 31.22  ? 175 TYR A O   1 
ATOM   45   C  CB  . TYR A 1 18  ? -10.593 -6.290  5.228   1.00 32.26  ? 175 TYR A CB  1 
ATOM   46   C  CG  . TYR A 1 18  ? -9.986  -5.179  6.029   1.00 36.66  ? 175 TYR A CG  1 
ATOM   47   C  CD1 . TYR A 1 18  ? -9.204  -5.432  7.145   1.00 42.20  ? 175 TYR A CD1 1 
ATOM   48   C  CD2 . TYR A 1 18  ? -10.142 -3.868  5.622   1.00 43.81  ? 175 TYR A CD2 1 
ATOM   49   C  CE1 . TYR A 1 18  ? -8.621  -4.396  7.860   1.00 43.30  ? 175 TYR A CE1 1 
ATOM   50   C  CE2 . TYR A 1 18  ? -9.577  -2.823  6.329   1.00 45.43  ? 175 TYR A CE2 1 
ATOM   51   C  CZ  . TYR A 1 18  ? -8.809  -3.090  7.444   1.00 47.21  ? 175 TYR A CZ  1 
ATOM   52   O  OH  . TYR A 1 18  ? -8.256  -2.031  8.109   1.00 62.39  ? 175 TYR A OH  1 
ATOM   53   N  N   . ARG A 1 19  ? -8.546  -8.615  5.364   1.00 35.56  ? 176 ARG A N   1 
ATOM   54   C  CA  . ARG A 1 19  ? -7.437  -9.312  6.069   1.00 36.69  ? 176 ARG A CA  1 
ATOM   55   C  C   . ARG A 1 19  ? -6.275  -9.511  5.091   1.00 35.88  ? 176 ARG A C   1 
ATOM   56   O  O   . ARG A 1 19  ? -5.136  -9.127  5.448   1.00 31.89  ? 176 ARG A O   1 
ATOM   57   C  CB  . ARG A 1 19  ? -7.922  -10.644 6.656   1.00 39.68  ? 176 ARG A CB  1 
ATOM   58   C  CG  . ARG A 1 19  ? -6.971  -11.274 7.665   1.00 45.57  ? 176 ARG A CG  1 
ATOM   59   C  CD  . ARG A 1 19  ? -7.065  -12.806 7.704   1.00 51.98  ? 176 ARG A CD  1 
ATOM   60   N  NE  . ARG A 1 19  ? -6.898  -13.414 6.376   1.00 55.42  ? 176 ARG A NE  1 
ATOM   61   C  CZ  . ARG A 1 19  ? -5.738  -13.549 5.726   1.00 58.46  ? 176 ARG A CZ  1 
ATOM   62   N  NH1 . ARG A 1 19  ? -5.716  -14.074 4.512   1.00 56.65  ? 176 ARG A NH1 1 
ATOM   63   N  NH2 . ARG A 1 19  ? -4.601  -13.149 6.276   1.00 59.48  ? 176 ARG A NH2 1 
ATOM   64   N  N   . GLN A 1 20  ? -6.546  -10.064 3.903   1.00 33.63  ? 177 GLN A N   1 
ATOM   65   C  CA  . GLN A 1 20  ? -5.490  -10.376 2.894   1.00 33.72  ? 177 GLN A CA  1 
ATOM   66   C  C   . GLN A 1 20  ? -4.795  -9.077  2.455   1.00 33.77  ? 177 GLN A C   1 
ATOM   67   O  O   . GLN A 1 20  ? -3.557  -9.064  2.378   1.00 35.45  ? 177 GLN A O   1 
ATOM   68   C  CB  . GLN A 1 20  ? -6.086  -11.092 1.685   1.00 36.04  ? 177 GLN A CB  1 
ATOM   69   C  CG  . GLN A 1 20  ? -5.040  -11.579 0.712   1.00 39.63  ? 177 GLN A CG  1 
ATOM   70   C  CD  . GLN A 1 20  ? -5.702  -12.353 -0.393  1.00 42.58  ? 177 GLN A CD  1 
ATOM   71   O  OE1 . GLN A 1 20  ? -6.840  -12.075 -0.760  1.00 40.31  ? 177 GLN A OE1 1 
ATOM   72   N  NE2 . GLN A 1 20  ? -4.986  -13.330 -0.925  1.00 46.93  ? 177 GLN A NE2 1 
ATOM   73   N  N   . SER A 1 21  ? -5.568  -8.026  2.223   1.00 29.44  ? 178 SER A N   1 
ATOM   74   C  CA  . SER A 1 21  ? -5.087  -6.687  1.801   1.00 32.50  ? 178 SER A CA  1 
ATOM   75   C  C   . SER A 1 21  ? -4.158  -6.108  2.879   1.00 30.23  ? 178 SER A C   1 
ATOM   76   O  O   . SER A 1 21  ? -3.086  -5.646  2.529   1.00 29.53  ? 178 SER A O   1 
ATOM   77   C  CB  . SER A 1 21  ? -6.247  -5.768  1.525   1.00 27.86  ? 178 SER A CB  1 
ATOM   78   O  OG  . SER A 1 21  ? -7.061  -6.307  0.500   1.00 30.99  ? 178 SER A OG  1 
ATOM   79   N  N   . LEU A 1 22  ? -4.600  -6.080  4.136   1.00 29.21  ? 179 LEU A N   1 
ATOM   80   C  CA  . LEU A 1 22  ? -3.840  -5.505  5.276   1.00 32.41  ? 179 LEU A CA  1 
ATOM   81   C  C   . LEU A 1 22  ? -2.498  -6.236  5.395   1.00 31.76  ? 179 LEU A C   1 
ATOM   82   O  O   . LEU A 1 22  ? -1.499  -5.581  5.531   1.00 32.19  ? 179 LEU A O   1 
ATOM   83   C  CB  . LEU A 1 22  ? -4.640  -5.635  6.581   1.00 33.41  ? 179 LEU A CB  1 
ATOM   84   C  CG  . LEU A 1 22  ? -3.994  -4.981  7.805   1.00 34.96  ? 179 LEU A CG  1 
ATOM   85   C  CD1 . LEU A 1 22  ? -3.721  -3.497  7.563   1.00 39.36  ? 179 LEU A CD1 1 
ATOM   86   C  CD2 . LEU A 1 22  ? -4.868  -5.164  9.045   1.00 35.97  ? 179 LEU A CD2 1 
ATOM   87   N  N   . GLU A 1 23  ? -2.503  -7.551  5.306   1.00 32.40  ? 180 GLU A N   1 
ATOM   88   C  CA  . GLU A 1 23  ? -1.280  -8.367  5.390   1.00 37.35  ? 180 GLU A CA  1 
ATOM   89   C  C   . GLU A 1 23  ? -0.308  -7.990  4.258   1.00 36.60  ? 180 GLU A C   1 
ATOM   90   O  O   . GLU A 1 23  ? 0.869   -7.809  4.546   1.00 33.09  ? 180 GLU A O   1 
ATOM   91   C  CB  . GLU A 1 23  ? -1.639  -9.840  5.291   1.00 36.54  ? 180 GLU A CB  1 
ATOM   92   C  CG  . GLU A 1 23  ? -0.585  -10.720 5.914   0.75 46.81  ? 180 GLU A CG  1 
ATOM   93   C  CD  . GLU A 1 23  ? -0.847  -12.201 5.763   0.75 54.05  ? 180 GLU A CD  1 
ATOM   94   O  OE1 . GLU A 1 23  ? -1.868  -12.565 5.154   0.75 58.96  ? 180 GLU A OE1 1 
ATOM   95   O  OE2 . GLU A 1 23  ? -0.028  -12.976 6.258   0.75 63.54  ? 180 GLU A OE2 1 
ATOM   96   N  N   . ILE A 1 24  ? -0.765  -7.950  3.004   1.00 34.59  ? 181 ILE A N   1 
ATOM   97   C  CA  . ILE A 1 24  ? 0.110   -7.641  1.835   1.00 32.29  ? 181 ILE A CA  1 
ATOM   98   C  C   . ILE A 1 24  ? 0.694   -6.237  1.996   1.00 30.48  ? 181 ILE A C   1 
ATOM   99   O  O   . ILE A 1 24  ? 1.906   -6.088  1.807   1.00 28.28  ? 181 ILE A O   1 
ATOM   100  C  CB  . ILE A 1 24  ? -0.666  -7.799  0.523   1.00 31.77  ? 181 ILE A CB  1 
ATOM   101  C  CG1 . ILE A 1 24  ? -0.973  -9.275  0.298   1.00 32.68  ? 181 ILE A CG1 1 
ATOM   102  C  CG2 . ILE A 1 24  ? 0.071   -7.173  -0.659  1.00 31.27  ? 181 ILE A CG2 1 
ATOM   103  C  CD1 . ILE A 1 24  ? -2.022  -9.518  -0.741  1.00 30.38  ? 181 ILE A CD1 1 
ATOM   104  N  N   . ILE A 1 25  ? -0.147  -5.263  2.354   1.00 27.68  ? 182 ILE A N   1 
ATOM   105  C  CA  . ILE A 1 25  ? 0.224   -3.827  2.398   1.00 28.67  ? 182 ILE A CA  1 
ATOM   106  C  C   . ILE A 1 25  ? 1.119   -3.579  3.627   1.00 29.20  ? 182 ILE A C   1 
ATOM   107  O  O   . ILE A 1 25  ? 2.142   -2.886  3.462   1.00 26.12  ? 182 ILE A O   1 
ATOM   108  C  CB  . ILE A 1 25  ? -1.052  -2.951  2.358   1.00 28.46  ? 182 ILE A CB  1 
ATOM   109  C  CG1 . ILE A 1 25  ? -1.732  -3.059  0.979   1.00 29.18  ? 182 ILE A CG1 1 
ATOM   110  C  CG2 . ILE A 1 25  ? -0.745  -1.521  2.723   1.00 27.24  ? 182 ILE A CG2 1 
ATOM   111  C  CD1 . ILE A 1 25  ? -3.108  -2.508  0.932   1.00 29.29  ? 182 ILE A CD1 1 
ATOM   112  N  N   . SER A 1 26  ? 0.727   -4.065  4.813   1.00 30.98  ? 183 SER A N   1 
ATOM   113  C  CA  . SER A 1 26  ? 1.554   -4.000  6.053   1.00 37.22  ? 183 SER A CA  1 
ATOM   114  C  C   . SER A 1 26  ? 2.934   -4.573  5.777   1.00 31.70  ? 183 SER A C   1 
ATOM   115  O  O   . SER A 1 26  ? 3.879   -3.900  6.058   1.00 33.19  ? 183 SER A O   1 
ATOM   116  C  CB  . SER A 1 26  ? 0.957   -4.733  7.228   1.00 38.29  ? 183 SER A CB  1 
ATOM   117  O  OG  . SER A 1 26  ? -0.400  -4.413  7.344   1.00 45.14  ? 183 SER A OG  1 
ATOM   118  N  N   . ARG A 1 27  ? 3.016   -5.770  5.203   1.00 36.18  ? 184 ARG A N   1 
ATOM   119  C  CA  . ARG A 1 27  ? 4.318   -6.419  4.934   1.00 36.12  ? 184 ARG A CA  1 
ATOM   120  C  C   . ARG A 1 27  ? 5.125   -5.536  3.983   1.00 38.94  ? 184 ARG A C   1 
ATOM   121  O  O   . ARG A 1 27  ? 6.278   -5.228  4.324   1.00 33.14  ? 184 ARG A O   1 
ATOM   122  C  CB  . ARG A 1 27  ? 4.152   -7.812  4.345   1.00 42.70  ? 184 ARG A CB  1 
ATOM   123  C  CG  . ARG A 1 27  ? 4.366   -8.931  5.349   1.00 50.35  ? 184 ARG A CG  1 
ATOM   124  C  CD  . ARG A 1 27  ? 3.620   -10.170 4.923   1.00 57.02  ? 184 ARG A CD  1 
ATOM   125  N  NE  . ARG A 1 27  ? 2.963   -10.768 6.073   1.00 67.17  ? 184 ARG A NE  1 
ATOM   126  C  CZ  . ARG A 1 27  ? 3.373   -11.857 6.727   1.00 70.87  ? 184 ARG A CZ  1 
ATOM   127  N  NH1 . ARG A 1 27  ? 4.464   -12.499 6.345   1.00 68.86  ? 184 ARG A NH1 1 
ATOM   128  N  NH2 . ARG A 1 27  ? 2.681   -12.292 7.768   1.00 65.45  ? 184 ARG A NH2 1 
ATOM   129  N  N   . TYR A 1 28  ? 4.546   -5.118  2.846   1.00 33.25  ? 185 TYR A N   1 
ATOM   130  C  CA  . TYR A 1 28  ? 5.275   -4.269  1.863   1.00 32.35  ? 185 TYR A CA  1 
ATOM   131  C  C   . TYR A 1 28  ? 5.811   -3.002  2.554   1.00 32.43  ? 185 TYR A C   1 
ATOM   132  O  O   . TYR A 1 28  ? 7.045   -2.696  2.425   1.00 28.25  ? 185 TYR A O   1 
ATOM   133  C  CB  . TYR A 1 28  ? 4.411   -3.887  0.656   1.00 31.27  ? 185 TYR A CB  1 
ATOM   134  C  CG  . TYR A 1 28  ? 5.182   -3.142  -0.392  1.00 31.12  ? 185 TYR A CG  1 
ATOM   135  C  CD1 . TYR A 1 28  ? 6.373   -3.662  -0.887  1.00 34.86  ? 185 TYR A CD1 1 
ATOM   136  C  CD2 . TYR A 1 28  ? 4.733   -1.931  -0.897  1.00 34.82  ? 185 TYR A CD2 1 
ATOM   137  C  CE1 . TYR A 1 28  ? 7.098   -2.996  -1.860  1.00 34.90  ? 185 TYR A CE1 1 
ATOM   138  C  CE2 . TYR A 1 28  ? 5.438   -1.254  -1.887  1.00 34.20  ? 185 TYR A CE2 1 
ATOM   139  C  CZ  . TYR A 1 28  ? 6.618   -1.795  -2.371  1.00 36.78  ? 185 TYR A CZ  1 
ATOM   140  O  OH  . TYR A 1 28  ? 7.364   -1.121  -3.282  1.00 33.29  ? 185 TYR A OH  1 
ATOM   141  N  N   . LEU A 1 29  ? 4.942   -2.244  3.232   1.00 29.26  ? 186 LEU A N   1 
ATOM   142  C  CA  . LEU A 1 29  ? 5.380   -0.965  3.871   1.00 29.52  ? 186 LEU A CA  1 
ATOM   143  C  C   . LEU A 1 29  ? 6.469   -1.228  4.929   1.00 33.39  ? 186 LEU A C   1 
ATOM   144  O  O   . LEU A 1 29  ? 7.424   -0.410  5.041   1.00 32.56  ? 186 LEU A O   1 
ATOM   145  C  CB  . LEU A 1 29  ? 4.190   -0.237  4.492   1.00 29.48  ? 186 LEU A CB  1 
ATOM   146  C  CG  . LEU A 1 29  ? 3.547   0.825   3.596   1.00 29.81  ? 186 LEU A CG  1 
ATOM   147  C  CD1 . LEU A 1 29  ? 3.110   0.227   2.258   1.00 29.14  ? 186 LEU A CD1 1 
ATOM   148  C  CD2 . LEU A 1 29  ? 2.382   1.470   4.310   1.00 30.51  ? 186 LEU A CD2 1 
ATOM   149  N  N   . ARG A 1 30  ? 6.337   -2.302  5.709   1.00 35.97  ? 187 ARG A N   1 
ATOM   150  C  CA  . ARG A 1 30  ? 7.272   -2.578  6.829   1.00 40.63  ? 187 ARG A CA  1 
ATOM   151  C  C   . ARG A 1 30  ? 8.656   -2.896  6.263   1.00 40.68  ? 187 ARG A C   1 
ATOM   152  O  O   . ARG A 1 30  ? 9.638   -2.364  6.789   1.00 41.31  ? 187 ARG A O   1 
ATOM   153  C  CB  . ARG A 1 30  ? 6.739   -3.677  7.752   1.00 43.34  ? 187 ARG A CB  1 
ATOM   154  C  CG  . ARG A 1 30  ? 5.851   -3.130  8.870   1.00 56.48  ? 187 ARG A CG  1 
ATOM   155  C  CD  . ARG A 1 30  ? 5.546   -4.099  10.018  1.00 64.89  ? 187 ARG A CD  1 
ATOM   156  N  NE  . ARG A 1 30  ? 4.469   -5.031  9.690   1.00 68.66  ? 187 ARG A NE  1 
ATOM   157  C  CZ  . ARG A 1 30  ? 4.620   -6.290  9.264   1.00 71.75  ? 187 ARG A CZ  1 
ATOM   158  N  NH1 . ARG A 1 30  ? 3.547   -7.009  8.970   1.00 70.72  ? 187 ARG A NH1 1 
ATOM   159  N  NH2 . ARG A 1 30  ? 5.821   -6.834  9.134   1.00 71.92  ? 187 ARG A NH2 1 
ATOM   160  N  N   . GLU A 1 31  ? 8.731   -3.712  5.217   1.00 43.35  ? 188 GLU A N   1 
ATOM   161  C  CA  . GLU A 1 31  ? 10.025  -4.139  4.630   1.00 47.90  ? 188 GLU A CA  1 
ATOM   162  C  C   . GLU A 1 31  ? 10.652  -2.986  3.831   1.00 47.06  ? 188 GLU A C   1 
ATOM   163  O  O   . GLU A 1 31  ? 11.878  -2.907  3.771   1.00 42.34  ? 188 GLU A O   1 
ATOM   164  C  CB  . GLU A 1 31  ? 9.822   -5.450  3.873   1.00 45.43  ? 188 GLU A CB  1 
ATOM   165  C  CG  . GLU A 1 31  ? 9.456   -5.298  2.436   1.00 50.40  ? 188 GLU A CG  1 
ATOM   166  C  CD  . GLU A 1 31  ? 9.214   -6.623  1.742   1.00 56.53  ? 188 GLU A CD  1 
ATOM   167  O  OE1 . GLU A 1 31  ? 9.205   -6.632  0.496   1.00 59.73  ? 188 GLU A OE1 1 
ATOM   168  O  OE2 . GLU A 1 31  ? 9.040   -7.642  2.445   1.00 55.76  ? 188 GLU A OE2 1 
ATOM   169  N  N   . GLN A 1 32  ? 9.860   -2.107  3.221   1.00 50.38  ? 189 GLN A N   1 
ATOM   170  C  CA  . GLN A 1 32  ? 10.412  -0.933  2.493   1.00 48.15  ? 189 GLN A CA  1 
ATOM   171  C  C   . GLN A 1 32  ? 11.076  -0.029  3.527   1.00 44.39  ? 189 GLN A C   1 
ATOM   172  O  O   . GLN A 1 32  ? 12.219  0.378   3.296   1.00 42.67  ? 189 GLN A O   1 
ATOM   173  C  CB  . GLN A 1 32  ? 9.334   -0.219  1.682   1.00 42.95  ? 189 GLN A CB  1 
ATOM   174  C  CG  . GLN A 1 32  ? 8.880   -1.073  0.509   1.00 44.14  ? 189 GLN A CG  1 
ATOM   175  C  CD  . GLN A 1 32  ? 9.794   -0.874  -0.667  1.00 41.98  ? 189 GLN A CD  1 
ATOM   176  O  OE1 . GLN A 1 32  ? 9.967   0.257   -1.138  1.00 37.92  ? 189 GLN A OE1 1 
ATOM   177  N  NE2 . GLN A 1 32  ? 10.381  -1.968  -1.138  1.00 37.49  ? 189 GLN A NE2 1 
ATOM   178  N  N   . ALA A 1 33  ? 10.390  0.219   4.637   1.00 41.17  ? 190 ALA A N   1 
ATOM   179  C  CA  . ALA A 1 33  ? 10.865  1.103   5.723   1.00 52.19  ? 190 ALA A CA  1 
ATOM   180  C  C   . ALA A 1 33  ? 12.194  0.613   6.307   1.00 55.68  ? 190 ALA A C   1 
ATOM   181  O  O   . ALA A 1 33  ? 13.044  1.460   6.591   1.00 54.21  ? 190 ALA A O   1 
ATOM   182  C  CB  . ALA A 1 33  ? 9.828   1.201   6.803   1.00 53.40  ? 190 ALA A CB  1 
ATOM   183  N  N   . THR A 1 34  ? 12.355  -0.686  6.546   1.00 59.59  ? 191 THR A N   1 
ATOM   184  C  CA  . THR A 1 34  ? 13.465  -1.218  7.382   1.00 58.91  ? 191 THR A CA  1 
ATOM   185  C  C   . THR A 1 34  ? 14.491  -1.993  6.547   1.00 65.97  ? 191 THR A C   1 
ATOM   186  O  O   . THR A 1 34  ? 15.628  -2.116  7.007   1.00 82.57  ? 191 THR A O   1 
ATOM   187  C  CB  . THR A 1 34  ? 12.906  -2.129  8.470   1.00 55.66  ? 191 THR A CB  1 
ATOM   188  O  OG1 . THR A 1 34  ? 12.527  -3.322  7.786   1.00 52.29  ? 191 THR A OG1 1 
ATOM   189  C  CG2 . THR A 1 34  ? 11.739  -1.513  9.209   1.00 59.09  ? 191 THR A CG2 1 
ATOM   190  N  N   . GLY A 1 35  ? 14.102  -2.529  5.393   1.00 65.03  ? 192 GLY A N   1 
ATOM   191  C  CA  . GLY A 1 35  ? 14.960  -3.395  4.565   1.00 61.64  ? 192 GLY A CA  1 
ATOM   192  C  C   . GLY A 1 35  ? 14.832  -4.869  4.928   1.00 62.13  ? 192 GLY A C   1 
ATOM   193  O  O   . GLY A 1 35  ? 15.487  -5.678  4.277   1.00 62.63  ? 192 GLY A O   1 
ATOM   194  N  N   . ALA A 1 36  ? 14.004  -5.239  5.906   1.00 66.70  ? 193 ALA A N   1 
ATOM   195  C  CA  . ALA A 1 36  ? 13.867  -6.642  6.375   1.00 72.65  ? 193 ALA A CA  1 
ATOM   196  C  C   . ALA A 1 36  ? 12.562  -7.275  5.867   1.00 73.82  ? 193 ALA A C   1 
ATOM   197  O  O   . ALA A 1 36  ? 11.486  -6.745  6.204   1.00 71.00  ? 193 ALA A O   1 
ATOM   198  C  CB  . ALA A 1 36  ? 13.936  -6.682  7.883   1.00 74.78  ? 193 ALA A CB  1 
ATOM   199  N  N   . LYS A 1 37  ? 12.658  -8.403  5.151   1.00 79.90  ? 194 LYS A N   1 
ATOM   200  C  CA  . LYS A 1 37  ? 11.510  -9.163  4.579   1.00 80.22  ? 194 LYS A CA  1 
ATOM   201  C  C   . LYS A 1 37  ? 10.977  -10.130 5.640   1.00 87.55  ? 194 LYS A C   1 
ATOM   202  O  O   . LYS A 1 37  ? 11.460  -11.273 5.672   1.00 92.25  ? 194 LYS A O   1 
ATOM   203  C  CB  . LYS A 1 37  ? 11.932  -9.931  3.324   1.00 76.48  ? 194 LYS A CB  1 
ATOM   204  C  CG  . LYS A 1 37  ? 12.598  -9.087  2.247   1.00 77.26  ? 194 LYS A CG  1 
ATOM   205  C  CD  . LYS A 1 37  ? 13.226  -9.933  1.163   1.00 82.61  ? 194 LYS A CD  1 
ATOM   206  C  CE  . LYS A 1 37  ? 12.842  -9.518  -0.242  1.00 80.44  ? 194 LYS A CE  1 
ATOM   207  N  NZ  . LYS A 1 37  ? 12.674  -10.701 -1.121  1.00 80.17  ? 194 LYS A NZ  1 
ATOM   208  N  N   . ASP A 1 38  ? 10.003  -9.674  6.440   1.00 92.93  ? 195 ASP A N   1 
ATOM   209  C  CA  . ASP A 1 38  ? 9.473   -10.324 7.676   1.00 102.04 ? 195 ASP A CA  1 
ATOM   210  C  C   . ASP A 1 38  ? 8.964   -11.745 7.365   1.00 109.01 ? 195 ASP A C   1 
ATOM   211  O  O   . ASP A 1 38  ? 8.420   -11.957 6.258   1.00 104.60 ? 195 ASP A O   1 
ATOM   212  C  CB  . ASP A 1 38  ? 8.422   -9.411  8.329   1.00 100.61 ? 195 ASP A CB  1 
ATOM   213  C  CG  . ASP A 1 38  ? 7.299   -10.114 9.074   1.00 96.07  ? 195 ASP A CG  1 
ATOM   214  O  OD1 . ASP A 1 38  ? 6.399   -10.669 8.405   1.00 93.09  ? 195 ASP A OD1 1 
ATOM   215  O  OD2 . ASP A 1 38  ? 7.318   -10.074 10.317  1.00 98.48  ? 195 ASP A OD2 1 
ATOM   216  N  N   . THR A 1 39  ? 9.143   -12.680 8.311   1.00 113.95 ? 196 THR A N   1 
ATOM   217  C  CA  . THR A 1 39  ? 8.792   -14.123 8.178   1.00 113.81 ? 196 THR A CA  1 
ATOM   218  C  C   . THR A 1 39  ? 7.549   -14.432 9.022   1.00 115.82 ? 196 THR A C   1 
ATOM   219  O  O   . THR A 1 39  ? 7.610   -14.238 10.252  1.00 110.02 ? 196 THR A O   1 
ATOM   220  C  CB  . THR A 1 39  ? 9.931   -15.058 8.621   1.00 110.63 ? 196 THR A CB  1 
ATOM   221  O  OG1 . THR A 1 39  ? 11.100  -14.292 8.918   1.00 101.68 ? 196 THR A OG1 1 
ATOM   222  C  CG2 . THR A 1 39  ? 10.255  -16.114 7.586   1.00 105.63 ? 196 THR A CG2 1 
ATOM   223  N  N   . LYS A 1 40  ? 6.481   -14.912 8.380   1.00 120.19 ? 197 LYS A N   1 
ATOM   224  C  CA  . LYS A 1 40  ? 5.230   -15.377 9.039   1.00 111.27 ? 197 LYS A CA  1 
ATOM   225  C  C   . LYS A 1 40  ? 4.459   -16.240 8.038   1.00 111.11 ? 197 LYS A C   1 
ATOM   226  O  O   . LYS A 1 40  ? 4.762   -16.199 6.846   1.00 105.32 ? 197 LYS A O   1 
ATOM   227  C  CB  . LYS A 1 40  ? 4.446   -14.165 9.556   1.00 107.63 ? 197 LYS A CB  1 
ATOM   228  N  N   . PRO A 1 41  ? 3.475   -17.062 8.488   1.00 117.96 ? 198 PRO A N   1 
ATOM   229  C  CA  . PRO A 1 41  ? 2.764   -18.015 7.614   1.00 120.45 ? 198 PRO A CA  1 
ATOM   230  C  C   . PRO A 1 41  ? 1.799   -17.480 6.533   1.00 121.83 ? 198 PRO A C   1 
ATOM   231  O  O   . PRO A 1 41  ? 1.252   -18.289 5.786   1.00 122.00 ? 198 PRO A O   1 
ATOM   232  C  CB  . PRO A 1 41  ? 1.922   -18.821 8.621   1.00 121.07 ? 198 PRO A CB  1 
ATOM   233  C  CG  . PRO A 1 41  ? 1.695   -17.852 9.758   1.00 119.31 ? 198 PRO A CG  1 
ATOM   234  C  CD  . PRO A 1 41  ? 3.027   -17.149 9.890   1.00 118.42 ? 198 PRO A CD  1 
ATOM   235  N  N   . MET A 1 42  ? 1.577   -16.162 6.498   1.00 115.00 ? 199 MET A N   1 
ATOM   236  C  CA  . MET A 1 42  ? 0.792   -15.428 5.468   1.00 110.18 ? 199 MET A CA  1 
ATOM   237  C  C   . MET A 1 42  ? -0.705  -15.792 5.562   1.00 109.54 ? 199 MET A C   1 
ATOM   238  O  O   . MET A 1 42  ? -1.426  -15.612 4.556   1.00 111.14 ? 199 MET A O   1 
ATOM   239  C  CB  . MET A 1 42  ? 1.333   -15.695 4.055   1.00 104.58 ? 199 MET A CB  1 
ATOM   240  C  CG  . MET A 1 42  ? 1.104   -14.539 3.076   1.00 101.68 ? 199 MET A CG  1 
ATOM   241  S  SD  . MET A 1 42  ? 2.233   -13.126 3.309   1.00 100.95 ? 199 MET A SD  1 
ATOM   242  C  CE  . MET A 1 42  ? 2.246   -12.404 1.669   1.00 95.32  ? 199 MET A CE  1 
ATOM   243  N  N   . GLY A 1 43  ? -1.167  -16.225 6.742   1.00 105.04 ? 200 GLY A N   1 
ATOM   244  C  CA  . GLY A 1 43  ? -2.579  -16.565 7.025   1.00 105.94 ? 200 GLY A CA  1 
ATOM   245  C  C   . GLY A 1 43  ? -3.155  -17.541 6.009   1.00 103.49 ? 200 GLY A C   1 
ATOM   246  O  O   . GLY A 1 43  ? -2.420  -18.464 5.596   1.00 107.06 ? 200 GLY A O   1 
ATOM   247  N  N   . ARG A 1 44  ? -4.421  -17.341 5.623   1.00 98.14  ? 201 ARG A N   1 
ATOM   248  C  CA  . ARG A 1 44  ? -5.150  -18.140 4.596   1.00 93.39  ? 201 ARG A CA  1 
ATOM   249  C  C   . ARG A 1 44  ? -4.841  -17.583 3.196   1.00 91.31  ? 201 ARG A C   1 
ATOM   250  O  O   . ARG A 1 44  ? -4.462  -16.393 3.095   1.00 97.07  ? 201 ARG A O   1 
ATOM   251  C  CB  . ARG A 1 44  ? -6.660  -18.114 4.872   1.00 86.65  ? 201 ARG A CB  1 
ATOM   252  N  N   . SER A 1 45  ? -4.996  -18.412 2.157   1.00 83.28  ? 202 SER A N   1 
ATOM   253  C  CA  . SER A 1 45  ? -4.774  -18.055 0.728   1.00 83.19  ? 202 SER A CA  1 
ATOM   254  C  C   . SER A 1 45  ? -3.359  -17.478 0.545   1.00 79.28  ? 202 SER A C   1 
ATOM   255  O  O   . SER A 1 45  ? -3.221  -16.389 -0.068  1.00 69.67  ? 202 SER A O   1 
ATOM   256  C  CB  . SER A 1 45  ? -5.852  -17.105 0.253   1.00 81.78  ? 202 SER A CB  1 
ATOM   257  O  OG  . SER A 1 45  ? -5.465  -16.454 -0.949  1.00 89.24  ? 202 SER A OG  1 
ATOM   258  N  N   . GLY A 1 46  ? -2.354  -18.202 1.057   1.00 74.02  ? 203 GLY A N   1 
ATOM   259  C  CA  . GLY A 1 46  ? -0.950  -17.763 1.205   1.00 64.25  ? 203 GLY A CA  1 
ATOM   260  C  C   . GLY A 1 46  ? -0.192  -17.702 -0.111  1.00 60.66  ? 203 GLY A C   1 
ATOM   261  O  O   . GLY A 1 46  ? 0.659   -16.809 -0.242  1.00 64.89  ? 203 GLY A O   1 
ATOM   262  N  N   . ALA A 1 47  ? -0.432  -18.637 -1.038  0.75 53.02  ? 204 ALA A N   1 
ATOM   263  C  CA  . ALA A 1 47  ? 0.265   -18.701 -2.345  0.75 51.81  ? 204 ALA A CA  1 
ATOM   264  C  C   . ALA A 1 47  ? -0.031  -17.402 -3.103  0.75 50.47  ? 204 ALA A C   1 
ATOM   265  O  O   . ALA A 1 47  ? 0.915   -16.734 -3.521  0.75 49.56  ? 204 ALA A O   1 
ATOM   266  C  CB  . ALA A 1 47  ? -0.151  -19.926 -3.135  0.75 49.20  ? 204 ALA A CB  1 
ATOM   267  N  N   . THR A 1 48  ? -1.306  -17.037 -3.217  1.00 54.07  ? 205 THR A N   1 
ATOM   268  C  CA  . THR A 1 48  ? -1.761  -15.800 -3.899  1.00 52.28  ? 205 THR A CA  1 
ATOM   269  C  C   . THR A 1 48  ? -1.146  -14.574 -3.221  1.00 51.21  ? 205 THR A C   1 
ATOM   270  O  O   . THR A 1 48  ? -0.639  -13.696 -3.957  1.00 47.25  ? 205 THR A O   1 
ATOM   271  C  CB  . THR A 1 48  ? -3.283  -15.702 -3.917  1.00 51.92  ? 205 THR A CB  1 
ATOM   272  O  OG1 . THR A 1 48  ? -3.690  -16.783 -4.741  1.00 53.38  ? 205 THR A OG1 1 
ATOM   273  C  CG2 . THR A 1 48  ? -3.801  -14.391 -4.464  1.00 53.06  ? 205 THR A CG2 1 
ATOM   274  N  N   . SER A 1 49  ? -1.202  -14.517 -1.889  1.00 42.25  ? 206 SER A N   1 
ATOM   275  C  CA  . SER A 1 49  ? -0.658  -13.398 -1.092  1.00 42.56  ? 206 SER A CA  1 
ATOM   276  C  C   . SER A 1 49  ? 0.834   -13.226 -1.367  1.00 45.15  ? 206 SER A C   1 
ATOM   277  O  O   . SER A 1 49  ? 1.302   -12.047 -1.505  1.00 42.07  ? 206 SER A O   1 
ATOM   278  C  CB  . SER A 1 49  ? -0.920  -13.600 0.350   1.00 44.81  ? 206 SER A CB  1 
ATOM   279  O  OG  . SER A 1 49  ? -2.303  -13.450 0.586   1.00 49.63  ? 206 SER A OG  1 
ATOM   280  N  N   . ARG A 1 50  ? 1.542   -14.353 -1.425  1.00 45.30  ? 207 ARG A N   1 
ATOM   281  C  CA  . ARG A 1 50  ? 3.003   -14.443 -1.654  1.00 45.63  ? 207 ARG A CA  1 
ATOM   282  C  C   . ARG A 1 50  ? 3.291   -13.887 -3.040  1.00 42.13  ? 207 ARG A C   1 
ATOM   283  O  O   . ARG A 1 50  ? 4.196   -13.064 -3.152  1.00 37.63  ? 207 ARG A O   1 
ATOM   284  C  CB  . ARG A 1 50  ? 3.466   -15.901 -1.583  1.00 55.78  ? 207 ARG A CB  1 
ATOM   285  C  CG  . ARG A 1 50  ? 4.877   -16.117 -1.055  1.00 64.09  ? 207 ARG A CG  1 
ATOM   286  C  CD  . ARG A 1 50  ? 5.001   -17.484 -0.386  1.00 71.09  ? 207 ARG A CD  1 
ATOM   287  N  NE  . ARG A 1 50  ? 4.312   -17.563 0.912   0.75 76.18  ? 207 ARG A NE  1 
ATOM   288  C  CZ  . ARG A 1 50  ? 3.402   -18.481 1.272   0.75 73.99  ? 207 ARG A CZ  1 
ATOM   289  N  NH1 . ARG A 1 50  ? 2.872   -18.430 2.485   0.75 66.64  ? 207 ARG A NH1 1 
ATOM   290  N  NH2 . ARG A 1 50  ? 3.027   -19.443 0.440   0.75 70.54  ? 207 ARG A NH2 1 
ATOM   291  N  N   . LYS A 1 51  ? 2.562   -14.367 -4.051  1.00 42.29  ? 208 LYS A N   1 
ATOM   292  C  CA  . LYS A 1 51  ? 2.722   -13.919 -5.455  1.00 43.72  ? 208 LYS A CA  1 
ATOM   293  C  C   . LYS A 1 51  ? 2.378   -12.427 -5.529  1.00 40.65  ? 208 LYS A C   1 
ATOM   294  O  O   . LYS A 1 51  ? 3.069   -11.710 -6.258  1.00 41.00  ? 208 LYS A O   1 
ATOM   295  C  CB  . LYS A 1 51  ? 1.868   -14.744 -6.423  1.00 49.38  ? 208 LYS A CB  1 
ATOM   296  C  CG  . LYS A 1 51  ? 2.603   -15.874 -7.131  1.00 57.47  ? 208 LYS A CG  1 
ATOM   297  C  CD  . LYS A 1 51  ? 3.912   -15.442 -7.740  1.00 58.76  ? 208 LYS A CD  1 
ATOM   298  C  CE  . LYS A 1 51  ? 4.738   -16.614 -8.212  1.00 63.09  ? 208 LYS A CE  1 
ATOM   299  N  NZ  . LYS A 1 51  ? 6.184   -16.377 -8.001  1.00 62.60  ? 208 LYS A NZ  1 
ATOM   300  N  N   . ALA A 1 52  ? 1.354   -11.981 -4.806  1.00 39.33  ? 209 ALA A N   1 
ATOM   301  C  CA  . ALA A 1 52  ? 0.919   -10.562 -4.786  1.00 41.32  ? 209 ALA A CA  1 
ATOM   302  C  C   . ALA A 1 52  ? 2.034   -9.682  -4.200  1.00 34.05  ? 209 ALA A C   1 
ATOM   303  O  O   . ALA A 1 52  ? 2.394   -8.662  -4.820  1.00 32.44  ? 209 ALA A O   1 
ATOM   304  C  CB  . ALA A 1 52  ? -0.387  -10.411 -4.038  1.00 39.19  ? 209 ALA A CB  1 
ATOM   305  N  N   . LEU A 1 53  ? 2.589   -10.061 -3.055  1.00 35.89  ? 210 LEU A N   1 
ATOM   306  C  CA  . LEU A 1 53  ? 3.702   -9.306  -2.427  1.00 35.73  ? 210 LEU A CA  1 
ATOM   307  C  C   . LEU A 1 53  ? 4.917   -9.220  -3.366  1.00 39.47  ? 210 LEU A C   1 
ATOM   308  O  O   . LEU A 1 53  ? 5.496   -8.129  -3.439  1.00 33.90  ? 210 LEU A O   1 
ATOM   309  C  CB  . LEU A 1 53  ? 4.073   -10.002 -1.119  1.00 41.31  ? 210 LEU A CB  1 
ATOM   310  C  CG  . LEU A 1 53  ? 5.135   -9.308  -0.280  1.00 41.14  ? 210 LEU A CG  1 
ATOM   311  C  CD1 . LEU A 1 53  ? 4.834   -7.817  -0.112  1.00 40.94  ? 210 LEU A CD1 1 
ATOM   312  C  CD2 . LEU A 1 53  ? 5.226   -9.990  1.074   1.00 48.57  ? 210 LEU A CD2 1 
ATOM   313  N  N   . GLU A 1 54  ? 5.320   -10.333 -4.005  1.00 39.09  ? 211 GLU A N   1 
ATOM   314  C  CA  . GLU A 1 54  ? 6.446   -10.402 -4.983  1.00 41.62  ? 211 GLU A CA  1 
ATOM   315  C  C   . GLU A 1 54  ? 6.201   -9.404  -6.114  1.00 37.23  ? 211 GLU A C   1 
ATOM   316  O  O   . GLU A 1 54  ? 7.119   -8.666  -6.467  1.00 37.23  ? 211 GLU A O   1 
ATOM   317  C  CB  . GLU A 1 54  ? 6.583   -11.778 -5.643  1.00 43.22  ? 211 GLU A CB  1 
ATOM   318  C  CG  . GLU A 1 54  ? 7.614   -12.691 -5.022  0.75 44.52  ? 211 GLU A CG  1 
ATOM   319  C  CD  . GLU A 1 54  ? 7.399   -14.154 -5.394  0.50 45.59  ? 211 GLU A CD  1 
ATOM   320  O  OE1 . GLU A 1 54  ? 7.047   -14.429 -6.569  0.50 40.69  ? 211 GLU A OE1 1 
ATOM   321  O  OE2 . GLU A 1 54  ? 7.550   -15.013 -4.502  0.50 45.89  ? 211 GLU A OE2 1 
ATOM   322  N  N   . THR A 1 55  ? 4.993   -9.412  -6.669  1.00 35.21  ? 212 THR A N   1 
ATOM   323  C  CA  . THR A 1 55  ? 4.571   -8.497  -7.756  1.00 37.62  ? 212 THR A CA  1 
ATOM   324  C  C   . THR A 1 55  ? 4.658   -7.054  -7.232  1.00 35.36  ? 212 THR A C   1 
ATOM   325  O  O   . THR A 1 55  ? 5.215   -6.179  -7.929  1.00 32.07  ? 212 THR A O   1 
ATOM   326  C  CB  . THR A 1 55  ? 3.169   -8.875  -8.248  1.00 38.54  ? 212 THR A CB  1 
ATOM   327  O  OG1 . THR A 1 55  ? 3.142   -10.255 -8.631  1.00 39.57  ? 212 THR A OG1 1 
ATOM   328  C  CG2 . THR A 1 55  ? 2.724   -8.036  -9.419  1.00 41.92  ? 212 THR A CG2 1 
ATOM   329  N  N   . LEU A 1 56  ? 4.140   -6.829  -6.026  1.00 36.28  ? 213 LEU A N   1 
ATOM   330  C  CA  . LEU A 1 56  ? 4.051   -5.472  -5.450  1.00 34.79  ? 213 LEU A CA  1 
ATOM   331  C  C   . LEU A 1 56  ? 5.460   -4.929  -5.274  1.00 38.19  ? 213 LEU A C   1 
ATOM   332  O  O   . LEU A 1 56  ? 5.696   -3.755  -5.672  1.00 32.29  ? 213 LEU A O   1 
ATOM   333  C  CB  . LEU A 1 56  ? 3.265   -5.533  -4.146  1.00 37.67  ? 213 LEU A CB  1 
ATOM   334  C  CG  . LEU A 1 56  ? 2.887   -4.178  -3.563  1.00 36.22  ? 213 LEU A CG  1 
ATOM   335  C  CD1 . LEU A 1 56  ? 2.076   -3.343  -4.575  1.00 32.83  ? 213 LEU A CD1 1 
ATOM   336  C  CD2 . LEU A 1 56  ? 2.135   -4.388  -2.268  1.00 31.86  ? 213 LEU A CD2 1 
ATOM   337  N  N   . ARG A 1 57  ? 6.391   -5.770  -4.812  1.00 38.51  ? 214 ARG A N   1 
ATOM   338  C  CA  . ARG A 1 57  ? 7.823   -5.391  -4.724  1.00 39.42  ? 214 ARG A CA  1 
ATOM   339  C  C   . ARG A 1 57  ? 8.333   -4.961  -6.098  1.00 41.50  ? 214 ARG A C   1 
ATOM   340  O  O   . ARG A 1 57  ? 8.896   -3.877  -6.162  1.00 45.87  ? 214 ARG A O   1 
ATOM   341  C  CB  . ARG A 1 57  ? 8.720   -6.536  -4.268  1.00 43.25  ? 214 ARG A CB  1 
ATOM   342  C  CG  . ARG A 1 57  ? 8.577   -6.897  -2.807  1.00 46.76  ? 214 ARG A CG  1 
ATOM   343  C  CD  . ARG A 1 57  ? 9.563   -8.001  -2.472  1.00 52.78  ? 214 ARG A CD  1 
ATOM   344  N  NE  . ARG A 1 57  ? 9.305   -8.455  -1.116  1.00 52.14  ? 214 ARG A NE  1 
ATOM   345  C  CZ  . ARG A 1 57  ? 8.982   -9.687  -0.760  1.00 50.88  ? 214 ARG A CZ  1 
ATOM   346  N  NH1 . ARG A 1 57  ? 8.893   -10.647 -1.662  1.00 51.63  ? 214 ARG A NH1 1 
ATOM   347  N  NH2 . ARG A 1 57  ? 8.761   -9.954  0.515   1.00 52.33  ? 214 ARG A NH2 1 
ATOM   348  N  N   . ARG A 1 58  ? 8.192   -5.786  -7.132  1.00 40.17  ? 215 ARG A N   1 
ATOM   349  C  CA  . ARG A 1 58  ? 8.636   -5.435  -8.511  1.00 42.57  ? 215 ARG A CA  1 
ATOM   350  C  C   . ARG A 1 58  ? 8.049   -4.072  -8.924  1.00 37.57  ? 215 ARG A C   1 
ATOM   351  O  O   . ARG A 1 58  ? 8.800   -3.142  -9.275  1.00 30.22  ? 215 ARG A O   1 
ATOM   352  C  CB  . ARG A 1 58  ? 8.161   -6.482  -9.524  1.00 49.64  ? 215 ARG A CB  1 
ATOM   353  C  CG  . ARG A 1 58  ? 9.251   -7.362  -10.115 1.00 64.94  ? 215 ARG A CG  1 
ATOM   354  C  CD  . ARG A 1 58  ? 8.767   -8.058  -11.383 1.00 68.42  ? 215 ARG A CD  1 
ATOM   355  N  NE  . ARG A 1 58  ? 7.575   -8.871  -11.147 1.00 77.85  ? 215 ARG A NE  1 
ATOM   356  C  CZ  . ARG A 1 58  ? 7.557   -10.032 -10.489 1.00 77.47  ? 215 ARG A CZ  1 
ATOM   357  N  NH1 . ARG A 1 58  ? 8.677   -10.542 -9.999  1.00 79.89  ? 215 ARG A NH1 1 
ATOM   358  N  NH2 . ARG A 1 58  ? 6.417   -10.688 -10.329 1.00 73.36  ? 215 ARG A NH2 1 
ATOM   359  N  N   . VAL A 1 59  ? 6.725   -3.986  -8.971  1.00 34.52  ? 216 VAL A N   1 
ATOM   360  C  CA  . VAL A 1 59  ? 6.022   -2.858  -9.632  1.00 33.46  ? 216 VAL A CA  1 
ATOM   361  C  C   . VAL A 1 59  ? 6.099   -1.643  -8.708  1.00 28.94  ? 216 VAL A C   1 
ATOM   362  O  O   . VAL A 1 59  ? 6.307   -0.560  -9.237  1.00 27.40  ? 216 VAL A O   1 
ATOM   363  C  CB  . VAL A 1 59  ? 4.580   -3.241  -10.003 1.00 35.04  ? 216 VAL A CB  1 
ATOM   364  C  CG1 . VAL A 1 59  ? 3.826   -2.063  -10.589 1.00 39.57  ? 216 VAL A CG1 1 
ATOM   365  C  CG2 . VAL A 1 59  ? 4.577   -4.404  -10.988 1.00 38.49  ? 216 VAL A CG2 1 
ATOM   366  N  N   . GLY A 1 60  ? 5.933   -1.834  -7.387  1.00 27.17  ? 217 GLY A N   1 
ATOM   367  C  CA  . GLY A 1 60  ? 5.943   -0.736  -6.399  1.00 27.45  ? 217 GLY A CA  1 
ATOM   368  C  C   . GLY A 1 60  ? 7.314   -0.077  -6.319  1.00 27.44  ? 217 GLY A C   1 
ATOM   369  O  O   . GLY A 1 60  ? 7.384   1.154   -6.266  1.00 24.98  ? 217 GLY A O   1 
ATOM   370  N  N   . ASP A 1 61  ? 8.386   -0.855  -6.339  1.00 30.52  ? 218 ASP A N   1 
ATOM   371  C  CA  . ASP A 1 61  ? 9.772   -0.305  -6.344  1.00 32.52  ? 218 ASP A CA  1 
ATOM   372  C  C   . ASP A 1 61  ? 9.979   0.468   -7.656  1.00 30.63  ? 218 ASP A C   1 
ATOM   373  O  O   . ASP A 1 61  ? 10.571  1.545   -7.614  1.00 31.15  ? 218 ASP A O   1 
ATOM   374  C  CB  . ASP A 1 61  ? 10.820  -1.405  -6.111  1.00 35.21  ? 218 ASP A CB  1 
ATOM   375  C  CG  . ASP A 1 61  ? 10.763  -2.116  -4.749  1.00 38.85  ? 218 ASP A CG  1 
ATOM   376  O  OD1 . ASP A 1 61  ? 9.858   -1.829  -3.927  1.00 39.03  ? 218 ASP A OD1 1 
ATOM   377  O  OD2 . ASP A 1 61  ? 11.639  -2.972  -4.509  1.00 45.09  ? 218 ASP A OD2 1 
ATOM   378  N  N   . GLY A 1 62  ? 9.456   -0.029  -8.780  1.00 30.24  ? 219 GLY A N   1 
ATOM   379  C  CA  . GLY A 1 62  ? 9.525   0.662   -10.087 1.00 28.69  ? 219 GLY A CA  1 
ATOM   380  C  C   . GLY A 1 62  ? 8.827   2.010   -10.025 1.00 25.63  ? 219 GLY A C   1 
ATOM   381  O  O   . GLY A 1 62  ? 9.432   3.032   -10.392 1.00 28.31  ? 219 GLY A O   1 
ATOM   382  N  N   . VAL A 1 63  ? 7.617   2.062   -9.477  1.00 24.10  ? 220 VAL A N   1 
ATOM   383  C  CA  . VAL A 1 63  ? 6.879   3.354   -9.387  1.00 25.39  ? 220 VAL A CA  1 
ATOM   384  C  C   . VAL A 1 63  ? 7.699   4.356   -8.567  1.00 25.63  ? 220 VAL A C   1 
ATOM   385  O  O   . VAL A 1 63  ? 7.808   5.511   -8.987  1.00 24.38  ? 220 VAL A O   1 
ATOM   386  C  CB  . VAL A 1 63  ? 5.478   3.157   -8.791  1.00 27.78  ? 220 VAL A CB  1 
ATOM   387  C  CG1 . VAL A 1 63  ? 4.808   4.494   -8.520  1.00 27.41  ? 220 VAL A CG1 1 
ATOM   388  C  CG2 . VAL A 1 63  ? 4.624   2.270   -9.674  1.00 28.10  ? 220 VAL A CG2 1 
ATOM   389  N  N   . GLN A 1 64  ? 8.173   3.953   -7.386  1.00 24.22  ? 221 GLN A N   1 
ATOM   390  C  CA  . GLN A 1 64  ? 8.897   4.852   -6.452  1.00 25.01  ? 221 GLN A CA  1 
ATOM   391  C  C   . GLN A 1 64  ? 10.155  5.406   -7.108  1.00 25.81  ? 221 GLN A C   1 
ATOM   392  O  O   . GLN A 1 64  ? 10.422  6.585   -6.922  1.00 28.40  ? 221 GLN A O   1 
ATOM   393  C  CB  . GLN A 1 64  ? 9.318   4.117   -5.175  1.00 23.64  ? 221 GLN A CB  1 
ATOM   394  C  CG  . GLN A 1 64  ? 8.161   3.817   -4.251  1.00 24.25  ? 221 GLN A CG  1 
ATOM   395  C  CD  . GLN A 1 64  ? 8.663   3.087   -3.035  1.00 27.03  ? 221 GLN A CD  1 
ATOM   396  O  OE1 . GLN A 1 64  ? 9.370   3.669   -2.215  1.00 33.08  ? 221 GLN A OE1 1 
ATOM   397  N  NE2 . GLN A 1 64  ? 8.367   1.795   -2.971  1.00 27.41  ? 221 GLN A NE2 1 
ATOM   398  N  N   . ARG A 1 65  ? 10.900  4.573   -7.824  1.00 25.03  ? 222 ARG A N   1 
ATOM   399  C  CA  . ARG A 1 65  ? 12.130  4.962   -8.565  1.00 30.56  ? 222 ARG A CA  1 
ATOM   400  C  C   . ARG A 1 65  ? 11.762  5.842   -9.776  1.00 30.06  ? 222 ARG A C   1 
ATOM   401  O  O   . ARG A 1 65  ? 12.390  6.875   -9.965  1.00 25.60  ? 222 ARG A O   1 
ATOM   402  C  CB  . ARG A 1 65  ? 12.790  3.643   -8.971  1.00 37.67  ? 222 ARG A CB  1 
ATOM   403  C  CG  . ARG A 1 65  ? 14.116  3.741   -9.703  1.00 43.15  ? 222 ARG A CG  1 
ATOM   404  C  CD  . ARG A 1 65  ? 14.583  2.301   -9.796  1.00 50.45  ? 222 ARG A CD  1 
ATOM   405  N  NE  . ARG A 1 65  ? 14.882  1.788   -8.451  1.00 60.16  ? 222 ARG A NE  1 
ATOM   406  C  CZ  . ARG A 1 65  ? 14.561  0.581   -7.959  1.00 62.20  ? 222 ARG A CZ  1 
ATOM   407  N  NH1 . ARG A 1 65  ? 13.885  -0.302  -8.680  1.00 65.96  ? 222 ARG A NH1 1 
ATOM   408  N  NH2 . ARG A 1 65  ? 14.893  0.280   -6.716  1.00 56.00  ? 222 ARG A NH2 1 
ATOM   409  N  N   . ASN A 1 66  ? 10.758  5.449   -10.571 1.00 28.36  ? 223 ASN A N   1 
ATOM   410  C  CA  . ASN A 1 66  ? 10.408  6.159   -11.824 1.00 27.95  ? 223 ASN A CA  1 
ATOM   411  C  C   . ASN A 1 66  ? 9.819   7.535   -11.515 1.00 28.37  ? 223 ASN A C   1 
ATOM   412  O  O   . ASN A 1 66  ? 10.049  8.452   -12.308 1.00 28.77  ? 223 ASN A O   1 
ATOM   413  C  CB  . ASN A 1 66  ? 9.406   5.400   -12.678 1.00 30.90  ? 223 ASN A CB  1 
ATOM   414  C  CG  . ASN A 1 66  ? 10.042  4.264   -13.428 1.00 29.45  ? 223 ASN A CG  1 
ATOM   415  O  OD1 . ASN A 1 66  ? 11.254  4.123   -13.411 1.00 32.75  ? 223 ASN A OD1 1 
ATOM   416  N  ND2 . ASN A 1 66  ? 9.219   3.469   -14.086 1.00 39.09  ? 223 ASN A ND2 1 
ATOM   417  N  N   . HIS A 1 67  ? 9.135   7.688   -10.387 1.00 27.87  ? 224 HIS A N   1 
ATOM   418  C  CA  . HIS A 1 67  ? 8.388   8.928   -10.073 1.00 27.32  ? 224 HIS A CA  1 
ATOM   419  C  C   . HIS A 1 67  ? 8.884   9.505   -8.762  1.00 24.68  ? 224 HIS A C   1 
ATOM   420  O  O   . HIS A 1 67  ? 8.079   10.103  -8.031  1.00 25.80  ? 224 HIS A O   1 
ATOM   421  C  CB  . HIS A 1 67  ? 6.900   8.603   -10.102 1.00 25.92  ? 224 HIS A CB  1 
ATOM   422  C  CG  . HIS A 1 67  ? 6.499   8.085   -11.433 1.00 27.35  ? 224 HIS A CG  1 
ATOM   423  N  ND1 . HIS A 1 67  ? 6.376   8.919   -12.516 1.00 27.05  ? 224 HIS A ND1 1 
ATOM   424  C  CD2 . HIS A 1 67  ? 6.236   6.841   -11.874 1.00 29.39  ? 224 HIS A CD2 1 
ATOM   425  C  CE1 . HIS A 1 67  ? 6.080   8.195   -13.572 1.00 31.66  ? 224 HIS A CE1 1 
ATOM   426  N  NE2 . HIS A 1 67  ? 5.990   6.930   -13.215 1.00 27.37  ? 224 HIS A NE2 1 
ATOM   427  N  N   . GLU A 1 68  ? 10.177  9.349   -8.504  1.00 28.48  ? 225 GLU A N   1 
ATOM   428  C  CA  . GLU A 1 68  ? 10.835  9.756   -7.235  1.00 30.19  ? 225 GLU A CA  1 
ATOM   429  C  C   . GLU A 1 68  ? 10.599  11.256  -6.986  1.00 30.08  ? 225 GLU A C   1 
ATOM   430  O  O   . GLU A 1 68  ? 10.254  11.609  -5.862  1.00 30.21  ? 225 GLU A O   1 
ATOM   431  C  CB  . GLU A 1 68  ? 12.330  9.457   -7.294  1.00 31.52  ? 225 GLU A CB  1 
ATOM   432  C  CG  . GLU A 1 68  ? 12.992  9.719   -5.953  1.00 37.30  ? 225 GLU A CG  1 
ATOM   433  C  CD  . GLU A 1 68  ? 14.508  9.653   -5.956  0.75 42.05  ? 225 GLU A CD  1 
ATOM   434  O  OE1 . GLU A 1 68  ? 15.110  9.457   -7.036  0.75 44.52  ? 225 GLU A OE1 1 
ATOM   435  O  OE2 . GLU A 1 68  ? 15.075  9.821   -4.866  0.75 48.75  ? 225 GLU A OE2 1 
ATOM   436  N  N   . THR A 1 69  ? 10.781  12.096  -8.004  1.00 29.05  ? 226 THR A N   1 
ATOM   437  C  CA  . THR A 1 69  ? 10.689  13.576  -7.883  1.00 36.58  ? 226 THR A CA  1 
ATOM   438  C  C   . THR A 1 69  ? 9.254   13.988  -7.582  1.00 31.28  ? 226 THR A C   1 
ATOM   439  O  O   . THR A 1 69  ? 9.097   14.792  -6.673  1.00 31.25  ? 226 THR A O   1 
ATOM   440  C  CB  . THR A 1 69  ? 11.197  14.306  -9.123  1.00 39.26  ? 226 THR A CB  1 
ATOM   441  O  OG1 . THR A 1 69  ? 12.425  13.676  -9.467  1.00 40.81  ? 226 THR A OG1 1 
ATOM   442  C  CG2 . THR A 1 69  ? 11.435  15.769  -8.840  1.00 47.41  ? 226 THR A CG2 1 
ATOM   443  N  N   . ALA A 1 70  ? 8.258   13.390  -8.252  1.00 29.18  ? 227 ALA A N   1 
ATOM   444  C  CA  . ALA A 1 70  ? 6.831   13.646  -7.949  1.00 28.34  ? 227 ALA A CA  1 
ATOM   445  C  C   . ALA A 1 70  ? 6.563   13.253  -6.486  1.00 28.91  ? 227 ALA A C   1 
ATOM   446  O  O   . ALA A 1 70  ? 5.908   14.028  -5.765  1.00 29.23  ? 227 ALA A O   1 
ATOM   447  C  CB  . ALA A 1 70  ? 5.949   12.860  -8.887  1.00 29.32  ? 227 ALA A CB  1 
ATOM   448  N  N   . PHE A 1 71  ? 6.989   12.048  -6.082  1.00 29.55  ? 228 PHE A N   1 
ATOM   449  C  CA  . PHE A 1 71  ? 6.715   11.494  -4.725  1.00 29.39  ? 228 PHE A CA  1 
ATOM   450  C  C   . PHE A 1 71  ? 7.370   12.402  -3.692  1.00 29.89  ? 228 PHE A C   1 
ATOM   451  O  O   . PHE A 1 71  ? 6.687   12.782  -2.718  1.00 28.71  ? 228 PHE A O   1 
ATOM   452  C  CB  . PHE A 1 71  ? 7.240   10.055  -4.573  1.00 28.11  ? 228 PHE A CB  1 
ATOM   453  C  CG  . PHE A 1 71  ? 6.282   8.983   -5.034  1.00 27.68  ? 228 PHE A CG  1 
ATOM   454  C  CD1 . PHE A 1 71  ? 5.199   9.282   -5.865  1.00 30.55  ? 228 PHE A CD1 1 
ATOM   455  C  CD2 . PHE A 1 71  ? 6.458   7.668   -4.642  1.00 26.70  ? 228 PHE A CD2 1 
ATOM   456  C  CE1 . PHE A 1 71  ? 4.311   8.286   -6.261  1.00 27.75  ? 228 PHE A CE1 1 
ATOM   457  C  CE2 . PHE A 1 71  ? 5.568   6.675   -5.043  1.00 30.06  ? 228 PHE A CE2 1 
ATOM   458  C  CZ  . PHE A 1 71  ? 4.497   6.988   -5.846  1.00 26.93  ? 228 PHE A CZ  1 
ATOM   459  N  N   . GLN A 1 72  ? 8.654   12.710  -3.885  1.00 29.75  ? 229 GLN A N   1 
ATOM   460  C  CA  A GLN A 1 72  ? 9.368   13.627  -2.964  0.50 33.15  ? 229 GLN A CA  1 
ATOM   461  C  CA  B GLN A 1 72  ? 9.413   13.659  -3.023  0.50 35.07  ? 229 GLN A CA  1 
ATOM   462  C  C   . GLN A 1 72  ? 8.612   14.963  -2.910  1.00 37.60  ? 229 GLN A C   1 
ATOM   463  O  O   . GLN A 1 72  ? 8.421   15.465  -1.775  1.00 37.94  ? 229 GLN A O   1 
ATOM   464  C  CB  A GLN A 1 72  ? 10.826  13.852  -3.359  0.50 31.65  ? 229 GLN A CB  1 
ATOM   465  C  CB  B GLN A 1 72  ? 10.813  13.931  -3.592  0.50 36.07  ? 229 GLN A CB  1 
ATOM   466  C  CG  A GLN A 1 72  ? 11.565  14.665  -2.306  0.50 32.11  ? 229 GLN A CG  1 
ATOM   467  C  CG  B GLN A 1 72  ? 11.886  13.022  -3.013  0.50 38.58  ? 229 GLN A CG  1 
ATOM   468  C  CD  A GLN A 1 72  ? 11.516  13.950  -0.980  0.50 29.38  ? 229 GLN A CD  1 
ATOM   469  C  CD  B GLN A 1 72  ? 13.144  12.864  -3.833  0.50 40.32  ? 229 GLN A CD  1 
ATOM   470  O  OE1 A GLN A 1 72  ? 11.926  12.801  -0.883  0.50 29.90  ? 229 GLN A OE1 1 
ATOM   471  O  OE1 B GLN A 1 72  ? 13.348  13.504  -4.867  0.50 37.65  ? 229 GLN A OE1 1 
ATOM   472  N  NE2 A GLN A 1 72  ? 10.980  14.610  0.033   0.50 29.36  ? 229 GLN A NE2 1 
ATOM   473  N  NE2 B GLN A 1 72  ? 14.004  11.970  -3.365  0.50 38.92  ? 229 GLN A NE2 1 
ATOM   474  N  N   . GLY A 1 73  ? 8.177   15.506  -4.060  1.00 40.56  ? 230 GLY A N   1 
ATOM   475  C  CA  . GLY A 1 73  ? 7.392   16.758  -4.104  1.00 36.55  ? 230 GLY A CA  1 
ATOM   476  C  C   . GLY A 1 73  ? 6.153   16.669  -3.236  1.00 35.30  ? 230 GLY A C   1 
ATOM   477  O  O   . GLY A 1 73  ? 5.921   17.587  -2.393  1.00 35.97  ? 230 GLY A O   1 
ATOM   478  N  N   . MET A 1 74  ? 5.386   15.583  -3.371  1.00 32.36  ? 231 MET A N   1 
ATOM   479  C  CA  . MET A 1 74  ? 4.127   15.394  -2.590  1.00 35.11  ? 231 MET A CA  1 
ATOM   480  C  C   . MET A 1 74  ? 4.432   15.268  -1.088  1.00 36.62  ? 231 MET A C   1 
ATOM   481  O  O   . MET A 1 74  ? 3.729   15.910  -0.303  1.00 32.28  ? 231 MET A O   1 
ATOM   482  C  CB  . MET A 1 74  ? 3.357   14.161  -3.082  1.00 35.72  ? 231 MET A CB  1 
ATOM   483  C  CG  . MET A 1 74  ? 2.064   13.893  -2.331  1.00 36.81  ? 231 MET A CG  1 
ATOM   484  S  SD  . MET A 1 74  ? 0.817   15.191  -2.492  1.00 42.14  ? 231 MET A SD  1 
ATOM   485  C  CE  . MET A 1 74  ? 0.569   15.291  -4.263  1.00 43.23  ? 231 MET A CE  1 
ATOM   486  N  N   . LEU A 1 75  ? 5.402   14.419  -0.711  1.00 35.47  ? 232 LEU A N   1 
ATOM   487  C  CA  . LEU A 1 75  ? 5.827   14.203  0.706   1.00 41.38  ? 232 LEU A CA  1 
ATOM   488  C  C   . LEU A 1 75  ? 6.193   15.545  1.380   1.00 42.45  ? 232 LEU A C   1 
ATOM   489  O  O   . LEU A 1 75  ? 5.728   15.785  2.501   1.00 43.74  ? 232 LEU A O   1 
ATOM   490  C  CB  . LEU A 1 75  ? 7.023   13.245  0.744   1.00 35.52  ? 232 LEU A CB  1 
ATOM   491  C  CG  . LEU A 1 75  ? 7.559   12.951  2.146   1.00 37.18  ? 232 LEU A CG  1 
ATOM   492  C  CD1 . LEU A 1 75  ? 6.481   12.335  3.028   1.00 33.55  ? 232 LEU A CD1 1 
ATOM   493  C  CD2 . LEU A 1 75  ? 8.797   12.069  2.093   1.00 35.94  ? 232 LEU A CD2 1 
ATOM   494  N  N   . ARG A 1 76  ? 7.014   16.371  0.730   1.00 44.13  ? 233 ARG A N   1 
ATOM   495  C  CA  . ARG A 1 76  ? 7.386   17.735  1.217   1.00 51.34  ? 233 ARG A CA  1 
ATOM   496  C  C   . ARG A 1 76  ? 6.110   18.546  1.516   1.00 50.39  ? 233 ARG A C   1 
ATOM   497  O  O   . ARG A 1 76  ? 6.031   19.096  2.602   1.00 52.95  ? 233 ARG A O   1 
ATOM   498  C  CB  . ARG A 1 76  ? 8.294   18.395  0.177   1.00 54.60  ? 233 ARG A CB  1 
ATOM   499  C  CG  . ARG A 1 76  ? 8.714   19.831  0.462   1.00 65.71  ? 233 ARG A CG  1 
ATOM   500  C  CD  . ARG A 1 76  ? 9.682   20.284  -0.626  1.00 68.65  ? 233 ARG A CD  1 
ATOM   501  N  NE  . ARG A 1 76  ? 9.742   21.717  -0.913  1.00 72.37  ? 233 ARG A NE  1 
ATOM   502  C  CZ  . ARG A 1 76  ? 8.765   22.450  -1.454  1.00 75.92  ? 233 ARG A CZ  1 
ATOM   503  N  NH1 . ARG A 1 76  ? 7.591   21.910  -1.745  1.00 81.26  ? 233 ARG A NH1 1 
ATOM   504  N  NH2 . ARG A 1 76  ? 8.961   23.738  -1.684  1.00 72.01  ? 233 ARG A NH2 1 
ATOM   505  N  N   . LYS A 1 77  ? 5.144   18.593  0.591   1.00 50.68  ? 234 LYS A N   1 
ATOM   506  C  CA  . LYS A 1 77  ? 3.854   19.325  0.733   1.00 51.45  ? 234 LYS A CA  1 
ATOM   507  C  C   . LYS A 1 77  ? 3.059   18.818  1.946   1.00 58.11  ? 234 LYS A C   1 
ATOM   508  O  O   . LYS A 1 77  ? 2.446   19.652  2.640   1.00 56.35  ? 234 LYS A O   1 
ATOM   509  C  CB  . LYS A 1 77  ? 2.971   19.160  -0.508  1.00 54.06  ? 234 LYS A CB  1 
ATOM   510  C  CG  . LYS A 1 77  ? 3.291   20.086  -1.678  1.00 61.20  ? 234 LYS A CG  1 
ATOM   511  C  CD  . LYS A 1 77  ? 2.374   19.859  -2.877  1.00 64.93  ? 234 LYS A CD  1 
ATOM   512  C  CE  . LYS A 1 77  ? 2.966   20.338  -4.190  1.00 69.40  ? 234 LYS A CE  1 
ATOM   513  N  NZ  . LYS A 1 77  ? 1.991   20.240  -5.303  1.00 68.98  ? 234 LYS A NZ  1 
ATOM   514  N  N   . LEU A 1 78  ? 3.001   17.501  2.149   1.00 54.03  ? 235 LEU A N   1 
ATOM   515  C  CA  . LEU A 1 78  ? 2.171   16.876  3.211   1.00 57.80  ? 235 LEU A CA  1 
ATOM   516  C  C   . LEU A 1 78  ? 2.764   17.198  4.587   1.00 53.48  ? 235 LEU A C   1 
ATOM   517  O  O   . LEU A 1 78  ? 1.989   17.223  5.548   1.00 58.86  ? 235 LEU A O   1 
ATOM   518  C  CB  . LEU A 1 78  ? 2.102   15.358  2.993   1.00 52.99  ? 235 LEU A CB  1 
ATOM   519  C  CG  . LEU A 1 78  ? 1.370   14.899  1.736   1.00 53.07  ? 235 LEU A CG  1 
ATOM   520  C  CD1 . LEU A 1 78  ? 1.663   13.428  1.461   1.00 55.82  ? 235 LEU A CD1 1 
ATOM   521  C  CD2 . LEU A 1 78  ? -0.122  15.147  1.859   1.00 54.19  ? 235 LEU A CD2 1 
ATOM   522  N  N   . ASP A 1 79  ? 4.086   17.367  4.664   1.00 55.06  ? 236 ASP A N   1 
ATOM   523  C  CA  . ASP A 1 79  ? 4.839   17.796  5.878   1.00 64.08  ? 236 ASP A CA  1 
ATOM   524  C  C   . ASP A 1 79  ? 4.565   16.818  7.026   1.00 59.99  ? 236 ASP A C   1 
ATOM   525  O  O   . ASP A 1 79  ? 3.990   17.230  8.044   1.00 67.56  ? 236 ASP A O   1 
ATOM   526  C  CB  . ASP A 1 79  ? 4.466   19.237  6.243   1.00 67.58  ? 236 ASP A CB  1 
ATOM   527  C  CG  . ASP A 1 79  ? 5.203   19.789  7.448   1.00 70.18  ? 236 ASP A CG  1 
ATOM   528  O  OD1 . ASP A 1 79  ? 6.451   19.653  7.490   1.00 72.18  ? 236 ASP A OD1 1 
ATOM   529  O  OD2 . ASP A 1 79  ? 4.519   20.346  8.338   1.00 73.77  ? 236 ASP A OD2 1 
ATOM   530  N  N   . ILE A 1 80  ? 4.942   15.554  6.859   1.00 59.68  ? 237 ILE A N   1 
ATOM   531  C  CA  . ILE A 1 80  ? 4.504   14.454  7.770   1.00 60.92  ? 237 ILE A CA  1 
ATOM   532  C  C   . ILE A 1 80  ? 5.515   14.315  8.909   1.00 58.76  ? 237 ILE A C   1 
ATOM   533  O  O   . ILE A 1 80  ? 6.690   14.057  8.607   1.00 58.04  ? 237 ILE A O   1 
ATOM   534  C  CB  . ILE A 1 80  ? 4.333   13.137  6.998   1.00 57.04  ? 237 ILE A CB  1 
ATOM   535  C  CG1 . ILE A 1 80  ? 3.212   13.247  5.960   1.00 59.57  ? 237 ILE A CG1 1 
ATOM   536  C  CG2 . ILE A 1 80  ? 4.120   11.997  7.980   1.00 56.71  ? 237 ILE A CG2 1 
ATOM   537  C  CD1 . ILE A 1 80  ? 3.033   12.022  5.079   1.00 60.50  ? 237 ILE A CD1 1 
ATOM   538  N  N   . LYS A 1 81  ? 5.080   14.464  10.166  1.00 58.76  ? 238 LYS A N   1 
ATOM   539  C  CA  . LYS A 1 81  ? 5.985   14.313  11.343  1.00 64.65  ? 238 LYS A CA  1 
ATOM   540  C  C   . LYS A 1 81  ? 5.375   13.449  12.450  1.00 63.84  ? 238 LYS A C   1 
ATOM   541  O  O   . LYS A 1 81  ? 6.148   13.074  13.343  1.00 73.85  ? 238 LYS A O   1 
ATOM   542  C  CB  . LYS A 1 81  ? 6.385   15.666  11.934  1.00 61.29  ? 238 LYS A CB  1 
ATOM   543  C  CG  . LYS A 1 81  ? 6.732   16.748  10.926  1.00 63.41  ? 238 LYS A CG  1 
ATOM   544  C  CD  . LYS A 1 81  ? 7.345   17.961  11.575  1.00 65.12  ? 238 LYS A CD  1 
ATOM   545  C  CE  . LYS A 1 81  ? 6.669   19.250  11.161  1.00 71.73  ? 238 LYS A CE  1 
ATOM   546  N  NZ  . LYS A 1 81  ? 7.335   20.437  11.758  1.00 76.01  ? 238 LYS A NZ  1 
ATOM   547  N  N   . ASN A 1 82  ? 4.085   13.094  12.406  1.00 68.42  ? 239 ASN A N   1 
ATOM   548  C  CA  . ASN A 1 82  ? 3.468   12.308  13.509  1.00 71.81  ? 239 ASN A CA  1 
ATOM   549  C  C   . ASN A 1 82  ? 2.195   11.589  13.051  1.00 72.49  ? 239 ASN A C   1 
ATOM   550  O  O   . ASN A 1 82  ? 1.745   11.819  11.918  1.00 67.87  ? 239 ASN A O   1 
ATOM   551  C  CB  . ASN A 1 82  ? 3.167   13.233  14.689  1.00 76.21  ? 239 ASN A CB  1 
ATOM   552  C  CG  . ASN A 1 82  ? 2.444   14.480  14.236  1.00 80.06  ? 239 ASN A CG  1 
ATOM   553  O  OD1 . ASN A 1 82  ? 1.283   14.418  13.828  1.00 79.08  ? 239 ASN A OD1 1 
ATOM   554  N  ND2 . ASN A 1 82  ? 3.139   15.606  14.260  1.00 86.06  ? 239 ASN A ND2 1 
ATOM   555  N  N   . GLU A 1 83  ? 1.614   10.788  13.948  1.00 72.01  ? 240 GLU A N   1 
ATOM   556  C  CA  . GLU A 1 83  ? 0.343   10.050  13.731  1.00 73.46  ? 240 GLU A CA  1 
ATOM   557  C  C   . GLU A 1 83  ? -0.758  11.041  13.332  1.00 73.81  ? 240 GLU A C   1 
ATOM   558  O  O   . GLU A 1 83  ? -1.676  10.640  12.576  1.00 71.95  ? 240 GLU A O   1 
ATOM   559  C  CB  . GLU A 1 83  ? -0.037  9.253   14.983  1.00 73.20  ? 240 GLU A CB  1 
ATOM   560  N  N   . ASP A 1 84  ? -0.682  12.291  13.800  1.00 71.02  ? 241 ASP A N   1 
ATOM   561  C  CA  . ASP A 1 84  ? -1.686  13.334  13.453  1.00 71.47  ? 241 ASP A CA  1 
ATOM   562  C  C   . ASP A 1 84  ? -1.623  13.584  11.944  1.00 62.21  ? 241 ASP A C   1 
ATOM   563  O  O   . ASP A 1 84  ? -2.689  13.737  11.318  1.00 61.65  ? 241 ASP A O   1 
ATOM   564  C  CB  . ASP A 1 84  ? -1.478  14.620  14.266  1.00 78.72  ? 241 ASP A CB  1 
ATOM   565  N  N   . ASP A 1 85  ? -0.413  13.623  11.386  1.00 64.26  ? 242 ASP A N   1 
ATOM   566  C  CA  . ASP A 1 85  ? -0.175  13.915  9.945   1.00 61.87  ? 242 ASP A CA  1 
ATOM   567  C  C   . ASP A 1 85  ? -0.613  12.715  9.101   1.00 63.25  ? 242 ASP A C   1 
ATOM   568  O  O   . ASP A 1 85  ? -1.102  12.938  7.980   1.00 63.24  ? 242 ASP A O   1 
ATOM   569  C  CB  . ASP A 1 85  ? 1.275   14.344  9.718   1.00 60.73  ? 242 ASP A CB  1 
ATOM   570  C  CG  . ASP A 1 85  ? 1.595   15.616  10.484  1.00 60.53  ? 242 ASP A CG  1 
ATOM   571  O  OD1 . ASP A 1 85  ? 0.659   16.413  10.685  1.00 60.74  ? 242 ASP A OD1 1 
ATOM   572  O  OD2 . ASP A 1 85  ? 2.753   15.791  10.897  1.00 60.14  ? 242 ASP A OD2 1 
ATOM   573  N  N   . VAL A 1 86  ? -0.500  11.499  9.637   1.00 62.80  ? 243 VAL A N   1 
ATOM   574  C  CA  . VAL A 1 86  ? -0.912  10.251  8.933   1.00 64.09  ? 243 VAL A CA  1 
ATOM   575  C  C   . VAL A 1 86  ? -2.447  10.245  8.812   1.00 68.43  ? 243 VAL A C   1 
ATOM   576  O  O   . VAL A 1 86  ? -2.929  9.927   7.721   1.00 67.48  ? 243 VAL A O   1 
ATOM   577  C  CB  . VAL A 1 86  ? -0.315  9.014   9.633   1.00 65.88  ? 243 VAL A CB  1 
ATOM   578  C  CG1 . VAL A 1 86  ? -0.789  7.690   9.040   1.00 66.42  ? 243 VAL A CG1 1 
ATOM   579  C  CG2 . VAL A 1 86  ? 1.206   9.093   9.622   1.00 64.36  ? 243 VAL A CG2 1 
ATOM   580  N  N   . LYS A 1 87  ? -3.193  10.671  9.843   1.00 71.97  ? 244 LYS A N   1 
ATOM   581  C  CA  . LYS A 1 87  ? -4.685  10.729  9.797   1.00 67.17  ? 244 LYS A CA  1 
ATOM   582  C  C   . LYS A 1 87  ? -5.122  11.743  8.732   1.00 73.90  ? 244 LYS A C   1 
ATOM   583  O  O   . LYS A 1 87  ? -6.095  11.447  7.995   1.00 72.43  ? 244 LYS A O   1 
ATOM   584  C  CB  . LYS A 1 87  ? -5.302  11.101  11.148  1.00 67.50  ? 244 LYS A CB  1 
ATOM   585  N  N   . SER A 1 88  ? -4.443  12.892  8.650   1.00 68.08  ? 245 SER A N   1 
ATOM   586  C  CA  . SER A 1 88  ? -4.749  13.949  7.652   1.00 70.67  ? 245 SER A CA  1 
ATOM   587  C  C   . SER A 1 88  ? -4.387  13.443  6.247   1.00 63.74  ? 245 SER A C   1 
ATOM   588  O  O   . SER A 1 88  ? -5.090  13.812  5.284   1.00 62.53  ? 245 SER A O   1 
ATOM   589  C  CB  . SER A 1 88  ? -4.058  15.241  7.991   1.00 72.94  ? 245 SER A CB  1 
ATOM   590  O  OG  . SER A 1 88  ? -2.658  15.113  7.824   1.00 80.45  ? 245 SER A OG  1 
ATOM   591  N  N   . LEU A 1 89  ? -3.347  12.610  6.146   1.00 56.14  ? 246 LEU A N   1 
ATOM   592  C  CA  . LEU A 1 89  ? -2.943  11.945  4.880   1.00 53.83  ? 246 LEU A CA  1 
ATOM   593  C  C   . LEU A 1 89  ? -4.081  11.048  4.371   1.00 52.00  ? 246 LEU A C   1 
ATOM   594  O  O   . LEU A 1 89  ? -4.337  11.067  3.162   1.00 52.22  ? 246 LEU A O   1 
ATOM   595  C  CB  . LEU A 1 89  ? -1.664  11.141  5.105   1.00 48.26  ? 246 LEU A CB  1 
ATOM   596  C  CG  . LEU A 1 89  ? -1.199  10.307  3.914   1.00 51.24  ? 246 LEU A CG  1 
ATOM   597  C  CD1 . LEU A 1 89  ? -1.101  11.147  2.641   1.00 49.89  ? 246 LEU A CD1 1 
ATOM   598  C  CD2 . LEU A 1 89  ? 0.141   9.660   4.228   1.00 50.56  ? 246 LEU A CD2 1 
ATOM   599  N  N   . SER A 1 90  ? -4.761  10.310  5.247   1.00 49.09  ? 247 SER A N   1 
ATOM   600  C  CA  . SER A 1 90  ? -5.836  9.372   4.839   1.00 49.41  ? 247 SER A CA  1 
ATOM   601  C  C   . SER A 1 90  ? -6.971  10.141  4.156   1.00 48.62  ? 247 SER A C   1 
ATOM   602  O  O   . SER A 1 90  ? -7.534  9.612   3.168   1.00 46.98  ? 247 SER A O   1 
ATOM   603  C  CB  . SER A 1 90  ? -6.340  8.562   5.998   1.00 57.33  ? 247 SER A CB  1 
ATOM   604  O  OG  . SER A 1 90  ? -7.453  9.185   6.618   1.00 61.29  ? 247 SER A OG  1 
ATOM   605  N  N   . ARG A 1 91  ? -7.318  11.325  4.674   1.00 46.93  ? 248 ARG A N   1 
ATOM   606  C  CA  . ARG A 1 91  ? -8.352  12.226  4.078   1.00 46.97  ? 248 ARG A CA  1 
ATOM   607  C  C   . ARG A 1 91  ? -7.888  12.671  2.682   1.00 39.27  ? 248 ARG A C   1 
ATOM   608  O  O   . ARG A 1 91  ? -8.702  12.677  1.798   1.00 37.64  ? 248 ARG A O   1 
ATOM   609  C  CB  . ARG A 1 91  ? -8.630  13.442  4.975   1.00 44.27  ? 248 ARG A CB  1 
ATOM   610  N  N   . VAL A 1 92  ? -6.614  13.017  2.511   1.00 41.48  ? 249 VAL A N   1 
ATOM   611  C  CA  . VAL A 1 92  ? -6.000  13.373  1.194   1.00 41.56  ? 249 VAL A CA  1 
ATOM   612  C  C   . VAL A 1 92  ? -6.158  12.199  0.226   1.00 42.62  ? 249 VAL A C   1 
ATOM   613  O  O   . VAL A 1 92  ? -6.557  12.414  -0.928  1.00 39.87  ? 249 VAL A O   1 
ATOM   614  C  CB  . VAL A 1 92  ? -4.515  13.727  1.368   1.00 45.08  ? 249 VAL A CB  1 
ATOM   615  C  CG1 . VAL A 1 92  ? -3.761  13.731  0.050   1.00 50.11  ? 249 VAL A CG1 1 
ATOM   616  C  CG2 . VAL A 1 92  ? -4.369  15.057  2.054   1.00 48.92  ? 249 VAL A CG2 1 
ATOM   617  N  N   . MET A 1 93  ? -5.849  10.995  0.703   1.00 40.52  ? 250 MET A N   1 
ATOM   618  C  CA  . MET A 1 93  ? -5.917  9.736   -0.084  1.00 39.49  ? 250 MET A CA  1 
ATOM   619  C  C   . MET A 1 93  ? -7.362  9.435   -0.490  1.00 41.78  ? 250 MET A C   1 
ATOM   620  O  O   . MET A 1 93  ? -7.564  8.997   -1.622  1.00 39.55  ? 250 MET A O   1 
ATOM   621  C  CB  . MET A 1 93  ? -5.379  8.576   0.740   1.00 36.76  ? 250 MET A CB  1 
ATOM   622  C  CG  . MET A 1 93  ? -3.888  8.583   0.770   1.00 38.26  ? 250 MET A CG  1 
ATOM   623  S  SD  . MET A 1 93  ? -3.279  7.220   1.745   0.75 36.22  ? 250 MET A SD  1 
ATOM   624  C  CE  . MET A 1 93  ? -1.519  7.439   1.476   1.00 40.52  ? 250 MET A CE  1 
ATOM   625  N  N   . ILE A 1 94  ? -8.336  9.672   0.381   1.00 39.22  ? 251 ILE A N   1 
ATOM   626  C  CA  . ILE A 1 94  ? -9.771  9.532   -0.005  1.00 46.76  ? 251 ILE A CA  1 
ATOM   627  C  C   . ILE A 1 94  ? -10.099 10.515  -1.132  1.00 46.01  ? 251 ILE A C   1 
ATOM   628  O  O   . ILE A 1 94  ? -10.742 10.070  -2.100  1.00 51.26  ? 251 ILE A O   1 
ATOM   629  C  CB  . ILE A 1 94  ? -10.741 9.678   1.183   1.00 46.04  ? 251 ILE A CB  1 
ATOM   630  C  CG1 . ILE A 1 94  ? -10.711 8.412   2.038   1.00 45.72  ? 251 ILE A CG1 1 
ATOM   631  C  CG2 . ILE A 1 94  ? -12.153 9.993   0.695   1.00 43.66  ? 251 ILE A CG2 1 
ATOM   632  C  CD1 . ILE A 1 94  ? -11.100 8.648   3.467   1.00 50.80  ? 251 ILE A CD1 1 
ATOM   633  N  N   . HIS A 1 95  ? -9.737  11.796  -1.024  1.00 45.16  ? 252 HIS A N   1 
ATOM   634  C  CA  . HIS A 1 95  ? -10.126 12.762  -2.083  1.00 52.28  ? 252 HIS A CA  1 
ATOM   635  C  C   . HIS A 1 95  ? -9.389  12.400  -3.377  1.00 46.65  ? 252 HIS A C   1 
ATOM   636  O  O   . HIS A 1 95  ? -10.035 12.350  -4.435  1.00 49.01  ? 252 HIS A O   1 
ATOM   637  C  CB  . HIS A 1 95  ? -9.908  14.229  -1.688  1.00 59.17  ? 252 HIS A CB  1 
ATOM   638  C  CG  . HIS A 1 95  ? -10.290 15.153  -2.794  0.75 65.55  ? 252 HIS A CG  1 
ATOM   639  N  ND1 . HIS A 1 95  ? -9.353  15.816  -3.573  0.75 74.18  ? 252 HIS A ND1 1 
ATOM   640  C  CD2 . HIS A 1 95  ? -11.502 15.474  -3.298  0.75 69.09  ? 252 HIS A CD2 1 
ATOM   641  C  CE1 . HIS A 1 95  ? -9.980  16.529  -4.492  0.75 77.57  ? 252 HIS A CE1 1 
ATOM   642  N  NE2 . HIS A 1 95  ? -11.302 16.336  -4.345  0.75 70.80  ? 252 HIS A NE2 1 
ATOM   643  N  N   . VAL A 1 96  ? -8.079  12.158  -3.308  1.00 49.91  ? 253 VAL A N   1 
ATOM   644  C  CA  . VAL A 1 96  ? -7.248  11.922  -4.532  1.00 48.52  ? 253 VAL A CA  1 
ATOM   645  C  C   . VAL A 1 96  ? -7.637  10.566  -5.109  1.00 47.21  ? 253 VAL A C   1 
ATOM   646  O  O   . VAL A 1 96  ? -8.144  10.518  -6.233  1.00 41.27  ? 253 VAL A O   1 
ATOM   647  C  CB  . VAL A 1 96  ? -5.745  11.989  -4.236  1.00 45.89  ? 253 VAL A CB  1 
ATOM   648  C  CG1 . VAL A 1 96  ? -4.928  11.580  -5.448  1.00 54.03  ? 253 VAL A CG1 1 
ATOM   649  C  CG2 . VAL A 1 96  ? -5.338  13.372  -3.764  1.00 45.24  ? 253 VAL A CG2 1 
ATOM   650  N  N   . PHE A 1 97  ? -7.474  9.510   -4.310  1.00 52.06  ? 254 PHE A N   1 
ATOM   651  C  CA  . PHE A 1 97  ? -7.631  8.103   -4.753  1.00 44.74  ? 254 PHE A CA  1 
ATOM   652  C  C   . PHE A 1 97  ? -9.099  7.761   -5.008  1.00 44.38  ? 254 PHE A C   1 
ATOM   653  O  O   . PHE A 1 97  ? -9.380  7.146   -6.039  1.00 50.76  ? 254 PHE A O   1 
ATOM   654  C  CB  . PHE A 1 97  ? -7.022  7.114   -3.749  1.00 44.28  ? 254 PHE A CB  1 
ATOM   655  C  CG  . PHE A 1 97  ? -7.216  5.680   -4.159  1.00 38.12  ? 254 PHE A CG  1 
ATOM   656  C  CD1 . PHE A 1 97  ? -6.521  5.157   -5.235  1.00 34.31  ? 254 PHE A CD1 1 
ATOM   657  C  CD2 . PHE A 1 97  ? -8.112  4.868   -3.494  1.00 38.12  ? 254 PHE A CD2 1 
ATOM   658  C  CE1 . PHE A 1 97  ? -6.700  3.840   -5.612  1.00 34.93  ? 254 PHE A CE1 1 
ATOM   659  C  CE2 . PHE A 1 97  ? -8.273  3.543   -3.864  1.00 33.29  ? 254 PHE A CE2 1 
ATOM   660  C  CZ  . PHE A 1 97  ? -7.573  3.036   -4.927  1.00 33.11  ? 254 PHE A CZ  1 
ATOM   661  N  N   . SER A 1 98  ? -9.999  8.031   -4.068  1.00 44.29  ? 255 SER A N   1 
ATOM   662  C  CA  . SER A 1 98  ? -11.401 7.544   -4.144  1.00 47.08  ? 255 SER A CA  1 
ATOM   663  C  C   . SER A 1 98  ? -12.200 8.327   -5.187  1.00 45.95  ? 255 SER A C   1 
ATOM   664  O  O   . SER A 1 98  ? -12.958 7.714   -5.916  1.00 49.93  ? 255 SER A O   1 
ATOM   665  C  CB  . SER A 1 98  ? -12.067 7.580   -2.802  1.00 52.20  ? 255 SER A CB  1 
ATOM   666  O  OG  . SER A 1 98  ? -11.296 6.834   -1.880  1.00 49.91  ? 255 SER A OG  1 
ATOM   667  N  N   . ASP A 1 99  ? -12.027 9.640   -5.280  1.00 55.73  ? 256 ASP A N   1 
ATOM   668  C  CA  . ASP A 1 99  ? -12.831 10.463  -6.227  1.00 62.16  ? 256 ASP A CA  1 
ATOM   669  C  C   . ASP A 1 99  ? -12.413 10.130  -7.675  1.00 54.88  ? 256 ASP A C   1 
ATOM   670  O  O   . ASP A 1 99  ? -13.313 9.940   -8.505  1.00 65.99  ? 256 ASP A O   1 
ATOM   671  C  CB  . ASP A 1 99  ? -12.804 11.939  -5.813  1.00 65.46  ? 256 ASP A CB  1 
ATOM   672  C  CG  . ASP A 1 99  ? -13.227 12.169  -4.365  1.00 67.33  ? 256 ASP A CG  1 
ATOM   673  O  OD1 . ASP A 1 99  ? -13.750 11.228  -3.729  1.00 63.54  ? 256 ASP A OD1 1 
ATOM   674  O  OD2 . ASP A 1 99  ? -13.022 13.286  -3.878  1.00 76.82  ? 256 ASP A OD2 1 
ATOM   675  N  N   . GLY A 1 100 ? -11.114 9.957   -7.951  1.00 56.25  ? 257 GLY A N   1 
ATOM   676  C  CA  . GLY A 1 100 ? -10.585 9.437   -9.228  1.00 44.59  ? 257 GLY A CA  1 
ATOM   677  C  C   . GLY A 1 100 ? -11.018 8.000   -9.533  1.00 47.34  ? 257 GLY A C   1 
ATOM   678  O  O   . GLY A 1 100 ? -11.468 7.283   -8.600  1.00 47.05  ? 257 GLY A O   1 
ATOM   679  N  N   . VAL A 1 101 ? -10.810 7.589   -10.799 1.00 55.46  ? 258 VAL A N   1 
ATOM   680  C  CA  . VAL A 1 101 ? -11.190 6.298   -11.468 1.00 48.86  ? 258 VAL A CA  1 
ATOM   681  C  C   . VAL A 1 101 ? -10.541 5.092   -10.764 1.00 39.64  ? 258 VAL A C   1 
ATOM   682  O  O   . VAL A 1 101 ? -9.627  5.333   -9.961  1.00 41.81  ? 258 VAL A O   1 
ATOM   683  C  CB  . VAL A 1 101 ? -10.779 6.353   -12.954 1.00 46.05  ? 258 VAL A CB  1 
ATOM   684  C  CG1 . VAL A 1 101 ? -11.520 7.463   -13.694 1.00 47.30  ? 258 VAL A CG1 1 
ATOM   685  C  CG2 . VAL A 1 101 ? -9.275  6.501   -13.145 1.00 45.77  ? 258 VAL A CG2 1 
ATOM   686  N  N   . THR A 1 102 ? -10.909 3.850   -11.115 1.00 33.45  ? 259 THR A N   1 
ATOM   687  C  CA  . THR A 1 102 ? -10.385 2.640   -10.424 1.00 33.88  ? 259 THR A CA  1 
ATOM   688  C  C   . THR A 1 102 ? -9.639  1.694   -11.362 1.00 33.61  ? 259 THR A C   1 
ATOM   689  O  O   . THR A 1 102 ? -10.215 1.215   -12.326 1.00 35.04  ? 259 THR A O   1 
ATOM   690  C  CB  . THR A 1 102 ? -11.453 1.886   -9.621  1.00 36.37  ? 259 THR A CB  1 
ATOM   691  O  OG1 . THR A 1 102 ? -12.114 2.833   -8.781  1.00 37.70  ? 259 THR A OG1 1 
ATOM   692  C  CG2 . THR A 1 102 ? -10.843 0.837   -8.716  1.00 36.94  ? 259 THR A CG2 1 
ATOM   693  N  N   . ASN A 1 103 ? -8.377  1.391   -11.031 1.00 27.66  ? 260 ASN A N   1 
ATOM   694  C  CA  . ASN A 1 103 ? -7.569  0.390   -11.767 1.00 27.11  ? 260 ASN A CA  1 
ATOM   695  C  C   . ASN A 1 103 ? -6.303  0.037   -10.949 1.00 26.48  ? 260 ASN A C   1 
ATOM   696  O  O   . ASN A 1 103 ? -5.948  0.818   -10.038 1.00 27.69  ? 260 ASN A O   1 
ATOM   697  C  CB  . ASN A 1 103 ? -7.195  0.960   -13.140 1.00 30.01  ? 260 ASN A CB  1 
ATOM   698  C  CG  . ASN A 1 103 ? -6.484  2.288   -13.023 1.00 29.51  ? 260 ASN A CG  1 
ATOM   699  O  OD1 . ASN A 1 103 ? -5.313  2.337   -12.628 1.00 26.65  ? 260 ASN A OD1 1 
ATOM   700  N  ND2 . ASN A 1 103 ? -7.192  3.369   -13.335 1.00 27.29  ? 260 ASN A ND2 1 
ATOM   701  N  N   . TRP A 1 104 ? -5.635  -1.056  -11.292 1.00 23.14  ? 261 TRP A N   1 
ATOM   702  C  CA  . TRP A 1 104 ? -4.402  -1.536  -10.610 1.00 28.92  ? 261 TRP A CA  1 
ATOM   703  C  C   . TRP A 1 104 ? -3.249  -0.519  -10.699 1.00 28.99  ? 261 TRP A C   1 
ATOM   704  O  O   . TRP A 1 104 ? -2.523  -0.422  -9.732  1.00 27.49  ? 261 TRP A O   1 
ATOM   705  C  CB  . TRP A 1 104 ? -3.997  -2.912  -11.113 1.00 28.38  ? 261 TRP A CB  1 
ATOM   706  C  CG  . TRP A 1 104 ? -4.902  -4.011  -10.664 1.00 32.26  ? 261 TRP A CG  1 
ATOM   707  C  CD1 . TRP A 1 104 ? -5.582  -4.892  -11.459 1.00 32.13  ? 261 TRP A CD1 1 
ATOM   708  C  CD2 . TRP A 1 104 ? -5.184  -4.397  -9.310  1.00 36.47  ? 261 TRP A CD2 1 
ATOM   709  N  NE1 . TRP A 1 104 ? -6.258  -5.793  -10.686 1.00 33.19  ? 261 TRP A NE1 1 
ATOM   710  C  CE2 . TRP A 1 104 ? -6.057  -5.506  -9.371  1.00 34.30  ? 261 TRP A CE2 1 
ATOM   711  C  CE3 . TRP A 1 104 ? -4.790  -3.918  -8.056  1.00 36.48  ? 261 TRP A CE3 1 
ATOM   712  C  CZ2 . TRP A 1 104 ? -6.562  -6.126  -8.229  1.00 37.51  ? 261 TRP A CZ2 1 
ATOM   713  C  CZ3 . TRP A 1 104 ? -5.281  -4.542  -6.931  1.00 38.85  ? 261 TRP A CZ3 1 
ATOM   714  C  CH2 . TRP A 1 104 ? -6.154  -5.619  -7.018  1.00 34.38  ? 261 TRP A CH2 1 
ATOM   715  N  N   . GLY A 1 105 ? -3.154  0.267   -11.767 1.00 28.69  ? 262 GLY A N   1 
ATOM   716  C  CA  . GLY A 1 105 ? -2.210  1.390   -11.907 1.00 28.95  ? 262 GLY A CA  1 
ATOM   717  C  C   . GLY A 1 105 ? -2.312  2.375   -10.755 1.00 31.68  ? 262 GLY A C   1 
ATOM   718  O  O   . GLY A 1 105 ? -1.242  2.766   -10.166 1.00 25.80  ? 262 GLY A O   1 
ATOM   719  N  N   . ARG A 1 106 ? -3.530  2.796   -10.419 1.00 27.71  ? 263 ARG A N   1 
ATOM   720  C  CA  . ARG A 1 106 ? -3.733  3.807   -9.361  1.00 30.34  ? 263 ARG A CA  1 
ATOM   721  C  C   . ARG A 1 106 ? -3.562  3.148   -7.984  1.00 27.18  ? 263 ARG A C   1 
ATOM   722  O  O   . ARG A 1 106 ? -3.095  3.861   -7.094  1.00 27.63  ? 263 ARG A O   1 
ATOM   723  C  CB  . ARG A 1 106 ? -5.108  4.460   -9.488  1.00 30.75  ? 263 ARG A CB  1 
ATOM   724  C  CG  . ARG A 1 106 ? -5.252  5.292   -10.747 1.00 32.86  ? 263 ARG A CG  1 
ATOM   725  C  CD  . ARG A 1 106 ? -6.445  6.203   -10.690 1.00 29.54  ? 263 ARG A CD  1 
ATOM   726  N  NE  . ARG A 1 106 ? -6.129  7.359   -9.883  1.00 32.35  ? 263 ARG A NE  1 
ATOM   727  C  CZ  . ARG A 1 106 ? -6.976  7.929   -9.045  1.00 38.36  ? 263 ARG A CZ  1 
ATOM   728  N  NH1 . ARG A 1 106 ? -8.185  7.424   -8.898  1.00 42.47  ? 263 ARG A NH1 1 
ATOM   729  N  NH2 . ARG A 1 106 ? -6.606  8.960   -8.309  1.00 42.15  ? 263 ARG A NH2 1 
ATOM   730  N  N   . ILE A 1 107 ? -3.981  1.884   -7.838  1.00 25.78  ? 264 ILE A N   1 
ATOM   731  C  CA  . ILE A 1 107 ? -3.913  1.090   -6.569  1.00 27.77  ? 264 ILE A CA  1 
ATOM   732  C  C   . ILE A 1 107 ? -2.429  0.880   -6.212  1.00 24.40  ? 264 ILE A C   1 
ATOM   733  O  O   . ILE A 1 107 ? -2.038  1.148   -5.057  1.00 22.27  ? 264 ILE A O   1 
ATOM   734  C  CB  . ILE A 1 107 ? -4.698  -0.231  -6.699  1.00 27.49  ? 264 ILE A CB  1 
ATOM   735  C  CG1 . ILE A 1 107 ? -6.216  0.010   -6.744  1.00 27.05  ? 264 ILE A CG1 1 
ATOM   736  C  CG2 . ILE A 1 107 ? -4.342  -1.218  -5.593  1.00 29.53  ? 264 ILE A CG2 1 
ATOM   737  C  CD1 . ILE A 1 107 ? -6.989  -1.247  -7.154  1.00 26.46  ? 264 ILE A CD1 1 
ATOM   738  N  N   . VAL A 1 108 ? -1.619  0.475   -7.177  1.00 23.31  ? 265 VAL A N   1 
ATOM   739  C  CA  . VAL A 1 108 ? -0.130  0.386   -7.016  1.00 26.86  ? 265 VAL A CA  1 
ATOM   740  C  C   . VAL A 1 108 ? 0.442   1.779   -6.705  1.00 24.93  ? 265 VAL A C   1 
ATOM   741  O  O   . VAL A 1 108 ? 1.277   1.909   -5.779  1.00 22.73  ? 265 VAL A O   1 
ATOM   742  C  CB  . VAL A 1 108 ? 0.557   -0.284  -8.224  1.00 29.75  ? 265 VAL A CB  1 
ATOM   743  C  CG1 . VAL A 1 108 ? 2.076   -0.199  -8.115  1.00 36.27  ? 265 VAL A CG1 1 
ATOM   744  C  CG2 . VAL A 1 108 ? 0.154   -1.739  -8.326  1.00 33.00  ? 265 VAL A CG2 1 
ATOM   745  N  N   . THR A 1 109 ? -0.015  2.835   -7.380  1.00 21.65  ? 266 THR A N   1 
ATOM   746  C  CA  . THR A 1 109 ? 0.489   4.185   -7.068  1.00 22.20  ? 266 THR A CA  1 
ATOM   747  C  C   . THR A 1 109 ? 0.261   4.469   -5.580  1.00 24.86  ? 266 THR A C   1 
ATOM   748  O  O   . THR A 1 109 ? 1.199   4.946   -4.922  1.00 25.42  ? 266 THR A O   1 
ATOM   749  C  CB  . THR A 1 109 ? -0.123  5.275   -7.948  1.00 21.95  ? 266 THR A CB  1 
ATOM   750  O  OG1 . THR A 1 109 ? 0.228   4.945   -9.285  1.00 22.16  ? 266 THR A OG1 1 
ATOM   751  C  CG2 . THR A 1 109 ? 0.418   6.653   -7.660  1.00 21.41  ? 266 THR A CG2 1 
ATOM   752  N  N   . LEU A 1 110 ? -0.942  4.185   -5.096  1.00 23.64  ? 267 LEU A N   1 
ATOM   753  C  CA  . LEU A 1 110 ? -1.383  4.538   -3.738  1.00 26.55  ? 267 LEU A CA  1 
ATOM   754  C  C   . LEU A 1 110 ? -0.456  3.793   -2.778  1.00 25.45  ? 267 LEU A C   1 
ATOM   755  O  O   . LEU A 1 110 ? 0.128   4.445   -1.900  1.00 23.48  ? 267 LEU A O   1 
ATOM   756  C  CB  . LEU A 1 110 ? -2.851  4.147   -3.551  1.00 27.09  ? 267 LEU A CB  1 
ATOM   757  C  CG  . LEU A 1 110 ? -3.373  4.221   -2.115  1.00 27.26  ? 267 LEU A CG  1 
ATOM   758  C  CD1 . LEU A 1 110 ? -3.489  5.654   -1.661  1.00 30.36  ? 267 LEU A CD1 1 
ATOM   759  C  CD2 . LEU A 1 110 ? -4.714  3.515   -1.964  1.00 28.70  ? 267 LEU A CD2 1 
ATOM   760  N  N   . ILE A 1 111 ? -0.278  2.494   -3.009  1.00 24.76  ? 268 ILE A N   1 
ATOM   761  C  CA  . ILE A 1 111 ? 0.457   1.593   -2.083  1.00 25.15  ? 268 ILE A CA  1 
ATOM   762  C  C   . ILE A 1 111 ? 1.942   1.996   -2.107  1.00 27.38  ? 268 ILE A C   1 
ATOM   763  O  O   . ILE A 1 111 ? 2.593   1.982   -1.036  1.00 24.77  ? 268 ILE A O   1 
ATOM   764  C  CB  . ILE A 1 111 ? 0.219   0.119   -2.455  1.00 23.89  ? 268 ILE A CB  1 
ATOM   765  C  CG1 . ILE A 1 111 ? -1.208  -0.321  -2.144  1.00 24.82  ? 268 ILE A CG1 1 
ATOM   766  C  CG2 . ILE A 1 111 ? 1.208   -0.788  -1.740  1.00 29.17  ? 268 ILE A CG2 1 
ATOM   767  C  CD1 . ILE A 1 111 ? -1.583  -1.636  -2.772  1.00 21.91  ? 268 ILE A CD1 1 
ATOM   768  N  N   . SER A 1 112 ? 2.446   2.346   -3.298  1.00 26.51  ? 269 SER A N   1 
ATOM   769  C  CA  . SER A 1 112 ? 3.849   2.732   -3.554  1.00 27.94  ? 269 SER A CA  1 
ATOM   770  C  C   . SER A 1 112 ? 4.173   4.025   -2.817  1.00 26.88  ? 269 SER A C   1 
ATOM   771  O  O   . SER A 1 112 ? 5.310   4.159   -2.309  1.00 21.50  ? 269 SER A O   1 
ATOM   772  C  CB  . SER A 1 112 ? 4.116   2.919   -5.034  1.00 30.17  ? 269 SER A CB  1 
ATOM   773  O  OG  . SER A 1 112 ? 4.038   1.678   -5.659  1.00 35.47  ? 269 SER A OG  1 
ATOM   774  N  N   . PHE A 1 113 ? 3.274   4.999   -2.891  1.00 26.03  ? 270 PHE A N   1 
ATOM   775  C  CA  . PHE A 1 113 ? 3.441   6.287   -2.163  1.00 26.58  ? 270 PHE A CA  1 
ATOM   776  C  C   . PHE A 1 113 ? 3.419   6.007   -0.641  1.00 29.55  ? 270 PHE A C   1 
ATOM   777  O  O   . PHE A 1 113 ? 4.192   6.651   0.113   1.00 26.36  ? 270 PHE A O   1 
ATOM   778  C  CB  . PHE A 1 113 ? 2.385   7.316   -2.563  1.00 26.94  ? 270 PHE A CB  1 
ATOM   779  C  CG  . PHE A 1 113 ? 2.629   8.648   -1.898  1.00 29.35  ? 270 PHE A CG  1 
ATOM   780  C  CD1 . PHE A 1 113 ? 3.756   9.395   -2.213  1.00 29.85  ? 270 PHE A CD1 1 
ATOM   781  C  CD2 . PHE A 1 113 ? 1.802   9.104   -0.889  1.00 29.24  ? 270 PHE A CD2 1 
ATOM   782  C  CE1 . PHE A 1 113 ? 4.017   10.599  -1.581  1.00 28.36  ? 270 PHE A CE1 1 
ATOM   783  C  CE2 . PHE A 1 113 ? 2.064   10.308  -0.251  1.00 30.28  ? 270 PHE A CE2 1 
ATOM   784  C  CZ  . PHE A 1 113 ? 3.177   11.038  -0.584  1.00 30.29  ? 270 PHE A CZ  1 
ATOM   785  N  N   . GLY A 1 114 ? 2.548   5.086   -0.208  1.00 27.42  ? 271 GLY A N   1 
ATOM   786  C  CA  . GLY A 1 114 ? 2.537   4.572   1.165   1.00 27.83  ? 271 GLY A CA  1 
ATOM   787  C  C   . GLY A 1 114 ? 3.940   4.102   1.544   1.00 29.01  ? 271 GLY A C   1 
ATOM   788  O  O   . GLY A 1 114 ? 4.412   4.504   2.610   1.00 27.98  ? 271 GLY A O   1 
ATOM   789  N  N   . ALA A 1 115 ? 4.561   3.252   0.724   1.00 28.76  ? 272 ALA A N   1 
ATOM   790  C  CA  . ALA A 1 115 ? 5.907   2.681   1.004   1.00 30.44  ? 272 ALA A CA  1 
ATOM   791  C  C   . ALA A 1 115 ? 6.935   3.815   1.038   1.00 30.99  ? 272 ALA A C   1 
ATOM   792  O  O   . ALA A 1 115 ? 7.731   3.820   1.947   1.00 28.41  ? 272 ALA A O   1 
ATOM   793  C  CB  . ALA A 1 115 ? 6.284   1.614   0.015   1.00 29.50  ? 272 ALA A CB  1 
ATOM   794  N  N   . PHE A 1 116 ? 6.841   4.796   0.133   1.00 29.54  ? 273 PHE A N   1 
ATOM   795  C  CA  . PHE A 1 116 ? 7.714   5.998   0.113   1.00 28.71  ? 273 PHE A CA  1 
ATOM   796  C  C   . PHE A 1 116 ? 7.568   6.798   1.422   1.00 29.79  ? 273 PHE A C   1 
ATOM   797  O  O   . PHE A 1 116 ? 8.632   7.226   2.002   1.00 27.79  ? 273 PHE A O   1 
ATOM   798  C  CB  . PHE A 1 116 ? 7.422   6.843   -1.131  1.00 29.63  ? 273 PHE A CB  1 
ATOM   799  C  CG  . PHE A 1 116 ? 8.405   7.960   -1.398  1.00 31.28  ? 273 PHE A CG  1 
ATOM   800  C  CD1 . PHE A 1 116 ? 9.552   7.750   -2.154  1.00 30.31  ? 273 PHE A CD1 1 
ATOM   801  C  CD2 . PHE A 1 116 ? 8.163   9.232   -0.911  1.00 30.85  ? 273 PHE A CD2 1 
ATOM   802  C  CE1 . PHE A 1 116 ? 10.453  8.785   -2.391  1.00 29.72  ? 273 PHE A CE1 1 
ATOM   803  C  CE2 . PHE A 1 116 ? 9.057   10.270  -1.159  1.00 32.13  ? 273 PHE A CE2 1 
ATOM   804  C  CZ  . PHE A 1 116 ? 10.198  10.042  -1.897  1.00 28.99  ? 273 PHE A CZ  1 
ATOM   805  N  N   . VAL A 1 117 ? 6.325   7.007   1.877   1.00 27.10  ? 274 VAL A N   1 
ATOM   806  C  CA  . VAL A 1 117 ? 6.024   7.702   3.156   1.00 28.62  ? 274 VAL A CA  1 
ATOM   807  C  C   . VAL A 1 117 ? 6.586   6.871   4.324   1.00 31.60  ? 274 VAL A C   1 
ATOM   808  O  O   . VAL A 1 117 ? 7.117   7.490   5.284   1.00 32.62  ? 274 VAL A O   1 
ATOM   809  C  CB  . VAL A 1 117 ? 4.523   7.970   3.337   1.00 31.61  ? 274 VAL A CB  1 
ATOM   810  C  CG1 . VAL A 1 117 ? 4.188   8.411   4.767   1.00 30.42  ? 274 VAL A CG1 1 
ATOM   811  C  CG2 . VAL A 1 117 ? 4.019   9.005   2.346   1.00 31.94  ? 274 VAL A CG2 1 
ATOM   812  N  N   . ALA A 1 118 ? 6.462   5.538   4.263   1.00 30.49  ? 275 ALA A N   1 
ATOM   813  C  CA  . ALA A 1 118 ? 6.973   4.613   5.295   1.00 35.44  ? 275 ALA A CA  1 
ATOM   814  C  C   . ALA A 1 118 ? 8.495   4.744   5.396   1.00 35.69  ? 275 ALA A C   1 
ATOM   815  O  O   . ALA A 1 118 ? 9.006   4.674   6.529   1.00 33.57  ? 275 ALA A O   1 
ATOM   816  C  CB  . ALA A 1 118 ? 6.573   3.179   5.029   1.00 31.95  ? 275 ALA A CB  1 
ATOM   817  N  N   . LYS A 1 119 ? 9.212   4.854   4.275   1.00 36.17  ? 276 LYS A N   1 
ATOM   818  C  CA  . LYS A 1 119 ? 10.696  5.019   4.312   1.00 36.45  ? 276 LYS A CA  1 
ATOM   819  C  C   . LYS A 1 119 ? 11.033  6.314   5.063   1.00 39.61  ? 276 LYS A C   1 
ATOM   820  O  O   . LYS A 1 119 ? 11.881  6.264   5.951   1.00 35.46  ? 276 LYS A O   1 
ATOM   821  C  CB  . LYS A 1 119 ? 11.321  5.053   2.925   1.00 37.30  ? 276 LYS A CB  1 
ATOM   822  C  CG  . LYS A 1 119 ? 11.393  3.719   2.212   1.00 40.66  ? 276 LYS A CG  1 
ATOM   823  C  CD  . LYS A 1 119 ? 11.747  3.949   0.765   1.00 44.31  ? 276 LYS A CD  1 
ATOM   824  C  CE  . LYS A 1 119 ? 11.964  2.687   -0.019  1.00 47.25  ? 276 LYS A CE  1 
ATOM   825  N  NZ  . LYS A 1 119 ? 12.332  3.038   -1.403  1.00 52.63  ? 276 LYS A NZ  1 
ATOM   826  N  N   . HIS A 1 120 ? 10.325  7.406   4.760   1.00 36.06  ? 277 HIS A N   1 
ATOM   827  C  CA  . HIS A 1 120 ? 10.456  8.715   5.449   1.00 37.14  ? 277 HIS A CA  1 
ATOM   828  C  C   . HIS A 1 120 ? 10.157  8.574   6.956   1.00 41.99  ? 277 HIS A C   1 
ATOM   829  O  O   . HIS A 1 120 ? 10.902  9.159   7.738   1.00 35.86  ? 277 HIS A O   1 
ATOM   830  C  CB  . HIS A 1 120 ? 9.580   9.762   4.762   1.00 37.02  ? 277 HIS A CB  1 
ATOM   831  C  CG  . HIS A 1 120 ? 9.309   10.984  5.575   1.00 38.89  ? 277 HIS A CG  1 
ATOM   832  N  ND1 . HIS A 1 120 ? 10.189  12.048  5.616   1.00 39.99  ? 277 HIS A ND1 1 
ATOM   833  C  CD2 . HIS A 1 120 ? 8.233   11.349  6.308   1.00 38.12  ? 277 HIS A CD2 1 
ATOM   834  C  CE1 . HIS A 1 120 ? 9.686   12.998  6.377   1.00 39.55  ? 277 HIS A CE1 1 
ATOM   835  N  NE2 . HIS A 1 120 ? 8.490   12.601  6.804   1.00 40.71  ? 277 HIS A NE2 1 
ATOM   836  N  N   . LEU A 1 121 ? 9.095   7.865   7.350   1.00 41.44  ? 278 LEU A N   1 
ATOM   837  C  CA  . LEU A 1 121 ? 8.727   7.677   8.776   1.00 40.34  ? 278 LEU A CA  1 
ATOM   838  C  C   . LEU A 1 121 ? 9.910   7.034   9.523   1.00 45.27  ? 278 LEU A C   1 
ATOM   839  O  O   . LEU A 1 121 ? 10.236  7.541   10.609  1.00 43.76  ? 278 LEU A O   1 
ATOM   840  C  CB  . LEU A 1 121 ? 7.462   6.830   8.906   1.00 36.47  ? 278 LEU A CB  1 
ATOM   841  C  CG  . LEU A 1 121 ? 6.155   7.524   8.511   1.00 35.83  ? 278 LEU A CG  1 
ATOM   842  C  CD1 . LEU A 1 121 ? 4.988   6.566   8.659   1.00 37.88  ? 278 LEU A CD1 1 
ATOM   843  C  CD2 . LEU A 1 121 ? 5.909   8.786   9.316   1.00 35.85  ? 278 LEU A CD2 1 
ATOM   844  N  N   . LYS A 1 122 ? 10.548  6.007   8.955   1.00 45.26  ? 279 LYS A N   1 
ATOM   845  C  CA  . LYS A 1 122 ? 11.772  5.365   9.514   1.00 52.33  ? 279 LYS A CA  1 
ATOM   846  C  C   . LYS A 1 122 ? 12.919  6.391   9.602   1.00 51.44  ? 279 LYS A C   1 
ATOM   847  O  O   . LYS A 1 122 ? 13.487  6.510   10.691  1.00 53.53  ? 279 LYS A O   1 
ATOM   848  C  CB  . LYS A 1 122 ? 12.192  4.143   8.687   1.00 57.85  ? 279 LYS A CB  1 
ATOM   849  C  CG  . LYS A 1 122 ? 13.349  3.329   9.263   1.00 59.58  ? 279 LYS A CG  1 
ATOM   850  C  CD  . LYS A 1 122 ? 13.026  2.676   10.591  1.00 65.34  ? 279 LYS A CD  1 
ATOM   851  C  CE  . LYS A 1 122 ? 13.975  1.547   10.940  1.00 64.49  ? 279 LYS A CE  1 
ATOM   852  N  NZ  . LYS A 1 122 ? 13.677  0.998   12.283  1.00 63.42  ? 279 LYS A NZ  1 
ATOM   853  N  N   . THR A 1 123 ? 13.240  7.145   8.544   1.00 51.73  ? 280 THR A N   1 
ATOM   854  C  CA  . THR A 1 123 ? 14.410  8.068   8.583   1.00 53.02  ? 280 THR A CA  1 
ATOM   855  C  C   . THR A 1 123 ? 14.187  9.185   9.611   1.00 51.89  ? 280 THR A C   1 
ATOM   856  O  O   . THR A 1 123 ? 15.191  9.623   10.186  1.00 55.53  ? 280 THR A O   1 
ATOM   857  C  CB  . THR A 1 123 ? 14.836  8.659   7.233   1.00 50.75  ? 280 THR A CB  1 
ATOM   858  O  OG1 . THR A 1 123 ? 14.139  9.885   7.038   1.00 63.86  ? 280 THR A OG1 1 
ATOM   859  C  CG2 . THR A 1 123 ? 14.656  7.714   6.068   1.00 46.08  ? 280 THR A CG2 1 
ATOM   860  N  N   . ILE A 1 124 ? 12.949  9.625   9.859   1.00 51.08  ? 281 ILE A N   1 
ATOM   861  C  CA  . ILE A 1 124 ? 12.663  10.699  10.861  1.00 48.22  ? 281 ILE A CA  1 
ATOM   862  C  C   . ILE A 1 124 ? 12.400  10.057  12.229  1.00 46.74  ? 281 ILE A C   1 
ATOM   863  O  O   . ILE A 1 124 ? 11.956  10.778  13.135  1.00 49.78  ? 281 ILE A O   1 
ATOM   864  C  CB  . ILE A 1 124 ? 11.510  11.623  10.423  1.00 46.98  ? 281 ILE A CB  1 
ATOM   865  C  CG1 . ILE A 1 124 ? 10.150  10.920  10.434  1.00 45.25  ? 281 ILE A CG1 1 
ATOM   866  C  CG2 . ILE A 1 124 ? 11.812  12.263  9.080   1.00 48.51  ? 281 ILE A CG2 1 
ATOM   867  C  CD1 . ILE A 1 124 ? 8.982   11.872  10.497  1.00 47.60  ? 281 ILE A CD1 1 
ATOM   868  N  N   . ASN A 1 125 ? 12.632  8.747   12.352  1.00 52.09  ? 282 ASN A N   1 
ATOM   869  C  CA  . ASN A 1 125 ? 12.464  7.957   13.602  1.00 57.72  ? 282 ASN A CA  1 
ATOM   870  C  C   . ASN A 1 125 ? 11.038  8.176   14.152  1.00 67.79  ? 282 ASN A C   1 
ATOM   871  O  O   . ASN A 1 125 ? 10.884  8.753   15.268  1.00 68.74  ? 282 ASN A O   1 
ATOM   872  C  CB  . ASN A 1 125 ? 13.606  8.294   14.565  1.00 58.30  ? 282 ASN A CB  1 
ATOM   873  C  CG  . ASN A 1 125 ? 13.565  7.492   15.843  1.00 54.56  ? 282 ASN A CG  1 
ATOM   874  O  OD1 . ASN A 1 125 ? 13.493  8.068   16.921  1.00 52.86  ? 282 ASN A OD1 1 
ATOM   875  N  ND2 . ASN A 1 125 ? 13.582  6.175   15.730  1.00 56.21  ? 282 ASN A ND2 1 
ATOM   876  N  N   . GLN A 1 126 ? 10.034  7.772   13.361  1.00 61.61  ? 283 GLN A N   1 
ATOM   877  C  CA  . GLN A 1 126 ? 8.594   7.710   13.728  1.00 53.81  ? 283 GLN A CA  1 
ATOM   878  C  C   . GLN A 1 126 ? 7.999   6.436   13.137  1.00 49.08  ? 283 GLN A C   1 
ATOM   879  O  O   . GLN A 1 126 ? 6.908   6.525   12.591  1.00 57.04  ? 283 GLN A O   1 
ATOM   880  C  CB  . GLN A 1 126 ? 7.812   8.905   13.191  1.00 56.78  ? 283 GLN A CB  1 
ATOM   881  C  CG  . GLN A 1 126 ? 8.282   10.245  13.725  1.00 64.14  ? 283 GLN A CG  1 
ATOM   882  C  CD  . GLN A 1 126 ? 7.738   10.589  15.091  1.00 66.45  ? 283 GLN A CD  1 
ATOM   883  O  OE1 . GLN A 1 126 ? 6.746   10.022  15.542  1.00 63.49  ? 283 GLN A OE1 1 
ATOM   884  N  NE2 . GLN A 1 126 ? 8.388   11.546  15.745  1.00 61.72  ? 283 GLN A NE2 1 
ATOM   885  N  N   . GLU A 1 127 ? 8.719   5.318   13.247  1.00 46.33  ? 284 GLU A N   1 
ATOM   886  C  CA  . GLU A 1 127 ? 8.401   4.002   12.649  1.00 50.57  ? 284 GLU A CA  1 
ATOM   887  C  C   . GLU A 1 127 ? 7.157   3.367   13.289  1.00 50.60  ? 284 GLU A C   1 
ATOM   888  O  O   . GLU A 1 127 ? 6.641   2.374   12.712  1.00 45.93  ? 284 GLU A O   1 
ATOM   889  C  CB  . GLU A 1 127 ? 9.622   3.081   12.700  1.00 57.69  ? 284 GLU A CB  1 
ATOM   890  C  CG  . GLU A 1 127 ? 10.228  2.894   14.081  1.00 67.90  ? 284 GLU A CG  1 
ATOM   891  C  CD  . GLU A 1 127 ? 10.809  4.153   14.705  1.00 67.73  ? 284 GLU A CD  1 
ATOM   892  O  OE1 . GLU A 1 127 ? 11.279  5.027   13.952  1.00 72.39  ? 284 GLU A OE1 1 
ATOM   893  O  OE2 . GLU A 1 127 ? 10.714  4.294   15.931  1.00 68.02  ? 284 GLU A OE2 1 
ATOM   894  N  N   . SER A 1 128 ? 6.654   3.906   14.401  1.00 51.09  ? 285 SER A N   1 
ATOM   895  C  CA  . SER A 1 128 ? 5.415   3.422   15.063  1.00 52.65  ? 285 SER A CA  1 
ATOM   896  C  C   . SER A 1 128 ? 4.183   3.863   14.247  1.00 50.52  ? 285 SER A C   1 
ATOM   897  O  O   . SER A 1 128 ? 3.098   3.321   14.477  1.00 51.42  ? 285 SER A O   1 
ATOM   898  C  CB  . SER A 1 128 ? 5.342   3.924   16.472  1.00 49.76  ? 285 SER A CB  1 
ATOM   899  O  OG  . SER A 1 128 ? 5.324   5.341   16.470  1.00 48.61  ? 285 SER A OG  1 
ATOM   900  N  N   . CYS A 1 129 ? 4.359   4.826   13.344  1.00 46.27  ? 286 CYS A N   1 
ATOM   901  C  CA  . CYS A 1 129 ? 3.321   5.351   12.423  1.00 51.08  ? 286 CYS A CA  1 
ATOM   902  C  C   . CYS A 1 129 ? 3.140   4.468   11.185  1.00 44.75  ? 286 CYS A C   1 
ATOM   903  O  O   . CYS A 1 129 ? 2.139   4.662   10.490  1.00 50.65  ? 286 CYS A O   1 
ATOM   904  C  CB  . CYS A 1 129 ? 3.666   6.759   11.975  1.00 55.91  ? 286 CYS A CB  1 
ATOM   905  S  SG  . CYS A 1 129 ? 3.356   7.978   13.270  1.00 59.29  ? 286 CYS A SG  1 
ATOM   906  N  N   . ILE A 1 130 ? 4.041   3.527   10.940  1.00 39.12  ? 287 ILE A N   1 
ATOM   907  C  CA  . ILE A 1 130 ? 4.061   2.703   9.703   1.00 42.76  ? 287 ILE A CA  1 
ATOM   908  C  C   . ILE A 1 130 ? 2.824   1.803   9.719   1.00 48.34  ? 287 ILE A C   1 
ATOM   909  O  O   . ILE A 1 130 ? 2.073   1.820   8.741   1.00 41.68  ? 287 ILE A O   1 
ATOM   910  C  CB  . ILE A 1 130 ? 5.373   1.912   9.559   1.00 39.70  ? 287 ILE A CB  1 
ATOM   911  C  CG1 . ILE A 1 130 ? 6.547   2.828   9.204   1.00 39.97  ? 287 ILE A CG1 1 
ATOM   912  C  CG2 . ILE A 1 130 ? 5.230   0.784   8.549   1.00 43.14  ? 287 ILE A CG2 1 
ATOM   913  C  CD1 . ILE A 1 130 ? 7.827   2.084   8.976   1.00 37.91  ? 287 ILE A CD1 1 
ATOM   914  N  N   . GLU A 1 131 ? 2.604   1.067   10.804  1.00 51.65  ? 288 GLU A N   1 
ATOM   915  C  CA  . GLU A 1 131 ? 1.483   0.102   10.876  1.00 47.12  ? 288 GLU A CA  1 
ATOM   916  C  C   . GLU A 1 131 ? 0.165   0.868   10.778  1.00 41.20  ? 288 GLU A C   1 
ATOM   917  O  O   . GLU A 1 131 ? -0.711  0.425   10.069  1.00 42.81  ? 288 GLU A O   1 
ATOM   918  C  CB  . GLU A 1 131 ? 1.586   -0.811  12.099  1.00 50.48  ? 288 GLU A CB  1 
ATOM   919  C  CG  . GLU A 1 131 ? 1.445   -2.282  11.734  0.75 54.82  ? 288 GLU A CG  1 
ATOM   920  C  CD  . GLU A 1 131 ? 0.035   -2.710  11.369  0.50 57.87  ? 288 GLU A CD  1 
ATOM   921  O  OE1 . GLU A 1 131 ? -0.128  -3.697  10.608  0.50 53.53  ? 288 GLU A OE1 1 
ATOM   922  O  OE2 . GLU A 1 131 ? -0.899  -2.070  11.871  0.50 58.74  ? 288 GLU A OE2 1 
ATOM   923  N  N   . PRO A 1 132 ? -0.059  2.020   11.441  1.00 40.01  ? 289 PRO A N   1 
ATOM   924  C  CA  . PRO A 1 132 ? -1.258  2.835   11.185  1.00 42.68  ? 289 PRO A CA  1 
ATOM   925  C  C   . PRO A 1 132 ? -1.434  3.373   9.750   1.00 41.03  ? 289 PRO A C   1 
ATOM   926  O  O   . PRO A 1 132 ? -2.570  3.497   9.278   1.00 40.86  ? 289 PRO A O   1 
ATOM   927  C  CB  . PRO A 1 132 ? -1.097  4.026   12.142  1.00 39.77  ? 289 PRO A CB  1 
ATOM   928  C  CG  . PRO A 1 132 ? -0.244  3.471   13.256  1.00 42.00  ? 289 PRO A CG  1 
ATOM   929  C  CD  . PRO A 1 132 ? 0.718   2.523   12.574  1.00 41.00  ? 289 PRO A CD  1 
ATOM   930  N  N   . LEU A 1 133 ? -0.324  3.741   9.103   1.00 36.88  ? 290 LEU A N   1 
ATOM   931  C  CA  . LEU A 1 133 ? -0.310  4.168   7.680   1.00 31.54  ? 290 LEU A CA  1 
ATOM   932  C  C   . LEU A 1 133 ? -0.850  3.007   6.850   1.00 30.98  ? 290 LEU A C   1 
ATOM   933  O  O   . LEU A 1 133 ? -1.790  3.221   6.051   1.00 31.03  ? 290 LEU A O   1 
ATOM   934  C  CB  . LEU A 1 133 ? 1.114   4.565   7.293   1.00 34.49  ? 290 LEU A CB  1 
ATOM   935  C  CG  . LEU A 1 133 ? 1.388   4.803   5.811   1.00 31.98  ? 290 LEU A CG  1 
ATOM   936  C  CD1 . LEU A 1 133 ? 0.509   5.909   5.287   1.00 33.65  ? 290 LEU A CD1 1 
ATOM   937  C  CD2 . LEU A 1 133 ? 2.843   5.155   5.610   1.00 31.45  ? 290 LEU A CD2 1 
ATOM   938  N  N   . ALA A 1 134 ? -0.345  1.803   7.105   1.00 28.96  ? 291 ALA A N   1 
ATOM   939  C  CA  . ALA A 1 134 ? -0.732  0.564   6.394   1.00 31.50  ? 291 ALA A CA  1 
ATOM   940  C  C   . ALA A 1 134 ? -2.247  0.335   6.522   1.00 31.24  ? 291 ALA A C   1 
ATOM   941  O  O   . ALA A 1 134 ? -2.907  -0.115  5.511   1.00 29.84  ? 291 ALA A O   1 
ATOM   942  C  CB  . ALA A 1 134 ? 0.083   -0.600  6.896   1.00 30.50  ? 291 ALA A CB  1 
ATOM   943  N  N   . GLU A 1 135 ? -2.777  0.542   7.723   1.00 32.24  ? 292 GLU A N   1 
ATOM   944  C  CA  . GLU A 1 135 ? -4.181  0.232   8.081   1.00 35.67  ? 292 GLU A CA  1 
ATOM   945  C  C   . GLU A 1 135 ? -5.043  1.245   7.346   1.00 31.26  ? 292 GLU A C   1 
ATOM   946  O  O   . GLU A 1 135 ? -6.073  0.872   6.855   1.00 31.88  ? 292 GLU A O   1 
ATOM   947  C  CB  . GLU A 1 135 ? -4.437  0.375   9.589   1.00 41.28  ? 292 GLU A CB  1 
ATOM   948  C  CG  . GLU A 1 135 ? -3.706  -0.617  10.469  0.75 46.94  ? 292 GLU A CG  1 
ATOM   949  C  CD  . GLU A 1 135 ? -4.065  -0.525  11.950  0.75 55.03  ? 292 GLU A CD  1 
ATOM   950  O  OE1 . GLU A 1 135 ? -4.650  0.519   12.372  0.75 55.51  ? 292 GLU A OE1 1 
ATOM   951  O  OE2 . GLU A 1 135 ? -3.777  -1.501  12.679  0.75 51.95  ? 292 GLU A OE2 1 
ATOM   952  N  N   . SER A 1 136 ? -4.606  2.495   7.374   1.00 29.67  ? 293 SER A N   1 
ATOM   953  C  CA  . SER A 1 136 ? -5.269  3.646   6.731   1.00 35.13  ? 293 SER A CA  1 
ATOM   954  C  C   . SER A 1 136 ? -5.267  3.472   5.192   1.00 34.46  ? 293 SER A C   1 
ATOM   955  O  O   . SER A 1 136 ? -6.301  3.666   4.568   1.00 32.59  ? 293 SER A O   1 
ATOM   956  C  CB  . SER A 1 136 ? -4.595  4.880   7.209   1.00 35.19  ? 293 SER A CB  1 
ATOM   957  O  OG  . SER A 1 136 ? -5.217  6.004   6.654   1.00 46.30  ? 293 SER A OG  1 
ATOM   958  N  N   . ILE A 1 137 ? -4.184  2.983   4.592   1.00 35.14  ? 294 ILE A N   1 
ATOM   959  C  CA  . ILE A 1 137 ? -4.149  2.690   3.124   1.00 34.71  ? 294 ILE A CA  1 
ATOM   960  C  C   . ILE A 1 137 ? -5.120  1.546   2.799   1.00 32.14  ? 294 ILE A C   1 
ATOM   961  O  O   . ILE A 1 137 ? -5.915  1.683   1.824   1.00 29.03  ? 294 ILE A O   1 
ATOM   962  C  CB  . ILE A 1 137 ? -2.722  2.412   2.632   1.00 33.31  ? 294 ILE A CB  1 
ATOM   963  C  CG1 . ILE A 1 137 ? -1.927  3.721   2.677   1.00 37.71  ? 294 ILE A CG1 1 
ATOM   964  C  CG2 . ILE A 1 137 ? -2.761  1.809   1.236   1.00 34.98  ? 294 ILE A CG2 1 
ATOM   965  C  CD1 . ILE A 1 137 ? -0.482  3.598   2.348   1.00 40.77  ? 294 ILE A CD1 1 
ATOM   966  N  N   . THR A 1 138 ? -5.073  0.471   3.579   1.00 28.33  ? 295 THR A N   1 
ATOM   967  C  CA  . THR A 1 138 ? -5.948  -0.713  3.408   1.00 28.30  ? 295 THR A CA  1 
ATOM   968  C  C   . THR A 1 138 ? -7.406  -0.264  3.511   1.00 27.84  ? 295 THR A C   1 
ATOM   969  O  O   . THR A 1 138 ? -8.235  -0.781  2.724   1.00 30.49  ? 295 THR A O   1 
ATOM   970  C  CB  . THR A 1 138 ? -5.613  -1.826  4.410   1.00 30.28  ? 295 THR A CB  1 
ATOM   971  O  OG1 . THR A 1 138 ? -4.217  -2.102  4.319   1.00 27.97  ? 295 THR A OG1 1 
ATOM   972  C  CG2 . THR A 1 138 ? -6.374  -3.103  4.143   1.00 30.85  ? 295 THR A CG2 1 
ATOM   973  N  N   . ASP A 1 139 ? -7.705  0.624   4.460   1.00 30.02  ? 296 ASP A N   1 
ATOM   974  C  CA  . ASP A 1 139 ? -9.094  1.052   4.740   1.00 34.98  ? 296 ASP A CA  1 
ATOM   975  C  C   . ASP A 1 139 ? -9.591  1.853   3.546   1.00 35.19  ? 296 ASP A C   1 
ATOM   976  O  O   . ASP A 1 139 ? -10.709 1.547   3.059   1.00 32.98  ? 296 ASP A O   1 
ATOM   977  C  CB  . ASP A 1 139 ? -9.238  1.851   6.035   1.00 42.01  ? 296 ASP A CB  1 
ATOM   978  C  CG  . ASP A 1 139 ? -10.603 1.611   6.646   0.75 47.77  ? 296 ASP A CG  1 
ATOM   979  O  OD1 . ASP A 1 139 ? -10.852 0.474   7.118   0.75 53.47  ? 296 ASP A OD1 1 
ATOM   980  O  OD2 . ASP A 1 139 ? -11.434 2.524   6.560   0.75 63.77  ? 296 ASP A OD2 1 
ATOM   981  N  N   . VAL A 1 140 ? -8.771  2.794   3.062   1.00 34.01  ? 297 VAL A N   1 
ATOM   982  C  CA  . VAL A 1 140 ? -9.128  3.617   1.873   1.00 38.50  ? 297 VAL A CA  1 
ATOM   983  C  C   . VAL A 1 140 ? -9.408  2.663   0.712   1.00 35.74  ? 297 VAL A C   1 
ATOM   984  O  O   . VAL A 1 140 ? -10.495 2.764   0.129   1.00 40.39  ? 297 VAL A O   1 
ATOM   985  C  CB  . VAL A 1 140 ? -8.047  4.651   1.519   1.00 41.51  ? 297 VAL A CB  1 
ATOM   986  C  CG1 . VAL A 1 140 ? -8.249  5.180   0.113   1.00 42.54  ? 297 VAL A CG1 1 
ATOM   987  C  CG2 . VAL A 1 140 ? -8.034  5.784   2.538   1.00 43.99  ? 297 VAL A CG2 1 
ATOM   988  N  N   . LEU A 1 141 ? -8.465  1.770   0.420   1.00 33.56  ? 298 LEU A N   1 
ATOM   989  C  CA  . LEU A 1 141 ? -8.534  0.831   -0.725  1.00 30.52  ? 298 LEU A CA  1 
ATOM   990  C  C   . LEU A 1 141 ? -9.790  -0.012  -0.621  1.00 31.91  ? 298 LEU A C   1 
ATOM   991  O  O   . LEU A 1 141 ? -10.577 -0.013  -1.563  1.00 32.51  ? 298 LEU A O   1 
ATOM   992  C  CB  . LEU A 1 141 ? -7.301  -0.071  -0.747  1.00 33.00  ? 298 LEU A CB  1 
ATOM   993  C  CG  . LEU A 1 141 ? -7.313  -1.164  -1.819  1.00 35.05  ? 298 LEU A CG  1 
ATOM   994  C  CD1 . LEU A 1 141 ? -7.496  -0.586  -3.231  1.00 34.72  ? 298 LEU A CD1 1 
ATOM   995  C  CD2 . LEU A 1 141 ? -6.036  -1.999  -1.757  1.00 35.82  ? 298 LEU A CD2 1 
ATOM   996  N  N   . VAL A 1 142 ? -9.940  -0.770  0.464   1.00 32.32  ? 299 VAL A N   1 
ATOM   997  C  CA  . VAL A 1 142 ? -11.012 -1.792  0.562   1.00 33.03  ? 299 VAL A CA  1 
ATOM   998  C  C   . VAL A 1 142 ? -12.362 -1.117  0.788   1.00 32.23  ? 299 VAL A C   1 
ATOM   999  O  O   . VAL A 1 142 ? -13.339 -1.616  0.261   1.00 34.56  ? 299 VAL A O   1 
ATOM   1000 C  CB  . VAL A 1 142 ? -10.693 -2.859  1.617   1.00 33.21  ? 299 VAL A CB  1 
ATOM   1001 C  CG1 . VAL A 1 142 ? -11.826 -3.861  1.748   1.00 35.60  ? 299 VAL A CG1 1 
ATOM   1002 C  CG2 . VAL A 1 142 ? -9.405  -3.560  1.229   1.00 35.66  ? 299 VAL A CG2 1 
ATOM   1003 N  N   . ARG A 1 143 ? -12.409 -0.050  1.565   1.00 34.79  ? 300 ARG A N   1 
ATOM   1004 C  CA  . ARG A 1 143 ? -13.676 0.638   1.898   1.00 37.31  ? 300 ARG A CA  1 
ATOM   1005 C  C   . ARG A 1 143 ? -14.187 1.373   0.652   1.00 35.44  ? 300 ARG A C   1 
ATOM   1006 O  O   . ARG A 1 143 ? -15.385 1.349   0.407   1.00 33.42  ? 300 ARG A O   1 
ATOM   1007 C  CB  . ARG A 1 143 ? -13.437 1.552   3.100   1.00 45.38  ? 300 ARG A CB  1 
ATOM   1008 C  CG  . ARG A 1 143 ? -14.597 2.457   3.477   1.00 61.27  ? 300 ARG A CG  1 
ATOM   1009 C  CD  . ARG A 1 143 ? -14.137 3.507   4.488   1.00 73.90  ? 300 ARG A CD  1 
ATOM   1010 N  NE  . ARG A 1 143 ? -15.248 4.242   5.087   1.00 87.53  ? 300 ARG A NE  1 
ATOM   1011 C  CZ  . ARG A 1 143 ? -16.072 3.763   6.024   1.00 84.47  ? 300 ARG A CZ  1 
ATOM   1012 N  NH1 . ARG A 1 143 ? -15.920 2.532   6.487   1.00 87.44  ? 300 ARG A NH1 1 
ATOM   1013 N  NH2 . ARG A 1 143 ? -17.049 4.521   6.493   1.00 84.31  ? 300 ARG A NH2 1 
ATOM   1014 N  N   . THR A 1 144 ? -13.327 2.014   -0.132  1.00 32.18  ? 301 THR A N   1 
ATOM   1015 C  CA  . THR A 1 144 ? -13.820 2.836   -1.257  1.00 36.39  ? 301 THR A CA  1 
ATOM   1016 C  C   . THR A 1 144 ? -13.904 1.990   -2.522  1.00 34.74  ? 301 THR A C   1 
ATOM   1017 O  O   . THR A 1 144 ? -14.663 2.391   -3.387  1.00 42.44  ? 301 THR A O   1 
ATOM   1018 C  CB  . THR A 1 144 ? -13.006 4.122   -1.430  1.00 36.77  ? 301 THR A CB  1 
ATOM   1019 O  OG1 . THR A 1 144 ? -11.736 3.786   -1.979  1.00 35.54  ? 301 THR A OG1 1 
ATOM   1020 C  CG2 . THR A 1 144 ? -12.866 4.854   -0.115  1.00 42.83  ? 301 THR A CG2 1 
ATOM   1021 N  N   . LYS A 1 145 ? -13.142 0.905   -2.670  1.00 30.40  ? 302 LYS A N   1 
ATOM   1022 C  CA  . LYS A 1 145 ? -13.084 0.181   -3.963  1.00 29.78  ? 302 LYS A CA  1 
ATOM   1023 C  C   . LYS A 1 145 ? -13.578 -1.258  -3.836  1.00 28.19  ? 302 LYS A C   1 
ATOM   1024 O  O   . LYS A 1 145 ? -13.296 -2.030  -4.758  1.00 27.28  ? 302 LYS A O   1 
ATOM   1025 C  CB  . LYS A 1 145 ? -11.672 0.223   -4.536  1.00 31.09  ? 302 LYS A CB  1 
ATOM   1026 C  CG  . LYS A 1 145 ? -11.133 1.621   -4.740  1.00 37.22  ? 302 LYS A CG  1 
ATOM   1027 C  CD  . LYS A 1 145 ? -11.986 2.528   -5.613  1.00 37.43  ? 302 LYS A CD  1 
ATOM   1028 C  CE  . LYS A 1 145 ? -11.094 3.542   -6.299  1.00 45.04  ? 302 LYS A CE  1 
ATOM   1029 N  NZ  . LYS A 1 145 ? -11.852 4.612   -6.983  1.00 50.84  ? 302 LYS A NZ  1 
ATOM   1030 N  N   . ARG A 1 146 ? -14.286 -1.609  -2.756  1.00 27.25  ? 303 ARG A N   1 
ATOM   1031 C  CA  . ARG A 1 146 ? -14.680 -3.014  -2.476  1.00 29.41  ? 303 ARG A CA  1 
ATOM   1032 C  C   . ARG A 1 146 ? -15.246 -3.718  -3.736  1.00 28.05  ? 303 ARG A C   1 
ATOM   1033 O  O   . ARG A 1 146 ? -14.729 -4.798  -4.079  1.00 26.73  ? 303 ARG A O   1 
ATOM   1034 C  CB  . ARG A 1 146 ? -15.705 -3.080  -1.341  1.00 34.22  ? 303 ARG A CB  1 
ATOM   1035 C  CG  . ARG A 1 146 ? -16.403 -4.430  -1.219  1.00 37.22  ? 303 ARG A CG  1 
ATOM   1036 C  CD  . ARG A 1 146 ? -15.858 -5.419  -0.221  1.00 41.58  ? 303 ARG A CD  1 
ATOM   1037 N  NE  . ARG A 1 146 ? -15.515 -4.813  1.058   1.00 44.25  ? 303 ARG A NE  1 
ATOM   1038 C  CZ  . ARG A 1 146 ? -14.876 -5.463  2.029   1.00 39.72  ? 303 ARG A CZ  1 
ATOM   1039 N  NH1 . ARG A 1 146 ? -14.559 -6.740  1.868   1.00 35.10  ? 303 ARG A NH1 1 
ATOM   1040 N  NH2 . ARG A 1 146 ? -14.555 -4.818  3.140   1.00 39.24  ? 303 ARG A NH2 1 
ATOM   1041 N  N   . ASP A 1 147 ? -16.306 -3.192  -4.346  1.00 28.24  ? 304 ASP A N   1 
ATOM   1042 C  CA  . ASP A 1 147 ? -17.029 -3.911  -5.439  1.00 30.82  ? 304 ASP A CA  1 
ATOM   1043 C  C   . ASP A 1 147 ? -16.121 -4.024  -6.671  1.00 26.24  ? 304 ASP A C   1 
ATOM   1044 O  O   . ASP A 1 147 ? -16.117 -5.060  -7.305  1.00 26.69  ? 304 ASP A O   1 
ATOM   1045 C  CB  . ASP A 1 147 ? -18.344 -3.227  -5.804  1.00 29.23  ? 304 ASP A CB  1 
ATOM   1046 C  CG  . ASP A 1 147 ? -19.396 -3.283  -4.715  1.00 32.72  ? 304 ASP A CG  1 
ATOM   1047 O  OD1 . ASP A 1 147 ? -19.194 -4.048  -3.731  1.00 32.16  ? 304 ASP A OD1 1 
ATOM   1048 O  OD2 . ASP A 1 147 ? -20.396 -2.506  -4.839  1.00 36.34  ? 304 ASP A OD2 1 
ATOM   1049 N  N   . TRP A 1 148 ? -15.292 -3.032  -6.957  1.00 29.23  ? 305 TRP A N   1 
ATOM   1050 C  CA  . TRP A 1 148 ? -14.283 -3.192  -8.048  1.00 31.05  ? 305 TRP A CA  1 
ATOM   1051 C  C   . TRP A 1 148 ? -13.284 -4.316  -7.700  1.00 29.90  ? 305 TRP A C   1 
ATOM   1052 O  O   . TRP A 1 148 ? -13.010 -5.204  -8.546  1.00 27.32  ? 305 TRP A O   1 
ATOM   1053 C  CB  . TRP A 1 148 ? -13.602 -1.850  -8.324  1.00 32.77  ? 305 TRP A CB  1 
ATOM   1054 C  CG  . TRP A 1 148 ? -12.683 -1.904  -9.499  1.00 35.29  ? 305 TRP A CG  1 
ATOM   1055 C  CD1 . TRP A 1 148 ? -12.981 -1.551  -10.787 1.00 34.43  ? 305 TRP A CD1 1 
ATOM   1056 C  CD2 . TRP A 1 148 ? -11.330 -2.389  -9.501  1.00 33.97  ? 305 TRP A CD2 1 
ATOM   1057 N  NE1 . TRP A 1 148 ? -11.889 -1.735  -11.586 1.00 36.59  ? 305 TRP A NE1 1 
ATOM   1058 C  CE2 . TRP A 1 148 ? -10.857 -2.244  -10.822 1.00 36.71  ? 305 TRP A CE2 1 
ATOM   1059 C  CE3 . TRP A 1 148 ? -10.458 -2.882  -8.516  1.00 38.77  ? 305 TRP A CE3 1 
ATOM   1060 C  CZ2 . TRP A 1 148 ? -9.562  -2.617  -11.185 1.00 35.24  ? 305 TRP A CZ2 1 
ATOM   1061 C  CZ3 . TRP A 1 148 ? -9.166  -3.214  -8.871  1.00 34.53  ? 305 TRP A CZ3 1 
ATOM   1062 C  CH2 . TRP A 1 148 ? -8.733  -3.102  -10.198 1.00 33.36  ? 305 TRP A CH2 1 
ATOM   1063 N  N   . LEU A 1 149 ? -12.776 -4.365  -6.465  1.00 30.16  ? 306 LEU A N   1 
ATOM   1064 C  CA  . LEU A 1 149 ? -11.783 -5.415  -6.117  1.00 30.08  ? 306 LEU A CA  1 
ATOM   1065 C  C   . LEU A 1 149 ? -12.439 -6.801  -6.237  1.00 28.58  ? 306 LEU A C   1 
ATOM   1066 O  O   . LEU A 1 149 ? -11.796 -7.739  -6.745  1.00 30.44  ? 306 LEU A O   1 
ATOM   1067 C  CB  . LEU A 1 149 ? -11.250 -5.178  -4.703  1.00 31.50  ? 306 LEU A CB  1 
ATOM   1068 C  CG  . LEU A 1 149 ? -10.453 -3.896  -4.516  1.00 33.50  ? 306 LEU A CG  1 
ATOM   1069 C  CD1 . LEU A 1 149 ? -10.227 -3.599  -3.024  1.00 34.13  ? 306 LEU A CD1 1 
ATOM   1070 C  CD2 . LEU A 1 149 ? -9.124  -4.022  -5.244  1.00 32.55  ? 306 LEU A CD2 1 
ATOM   1071 N  N   . VAL A 1 150 ? -13.678 -6.949  -5.788  1.00 27.66  ? 307 VAL A N   1 
ATOM   1072 C  CA  . VAL A 1 150 ? -14.335 -8.282  -5.813  1.00 31.97  ? 307 VAL A CA  1 
ATOM   1073 C  C   . VAL A 1 150 ? -14.537 -8.661  -7.295  1.00 31.58  ? 307 VAL A C   1 
ATOM   1074 O  O   . VAL A 1 150 ? -14.166 -9.780  -7.644  1.00 33.85  ? 307 VAL A O   1 
ATOM   1075 C  CB  . VAL A 1 150 ? -15.626 -8.294  -4.973  1.00 33.53  ? 307 VAL A CB  1 
ATOM   1076 C  CG1 . VAL A 1 150 ? -16.508 -9.499  -5.268  1.00 34.37  ? 307 VAL A CG1 1 
ATOM   1077 C  CG2 . VAL A 1 150 ? -15.313 -8.220  -3.476  1.00 35.82  ? 307 VAL A CG2 1 
ATOM   1078 N  N   . LYS A 1 151 ? -15.020 -7.741  -8.140  1.00 32.24  ? 308 LYS A N   1 
ATOM   1079 C  CA  . LYS A 1 151 ? -15.322 -8.043  -9.573  1.00 39.43  ? 308 LYS A CA  1 
ATOM   1080 C  C   . LYS A 1 151 ? -14.032 -8.473  -10.290 1.00 41.52  ? 308 LYS A C   1 
ATOM   1081 O  O   . LYS A 1 151 ? -14.097 -9.432  -11.065 1.00 41.66  ? 308 LYS A O   1 
ATOM   1082 C  CB  . LYS A 1 151 ? -16.042 -6.877  -10.260 1.00 43.45  ? 308 LYS A CB  1 
ATOM   1083 C  CG  . LYS A 1 151 ? -17.561 -6.957  -10.134 1.00 53.81  ? 308 LYS A CG  1 
ATOM   1084 C  CD  . LYS A 1 151 ? -18.336 -5.846  -10.831 1.00 59.83  ? 308 LYS A CD  1 
ATOM   1085 C  CE  . LYS A 1 151 ? -18.997 -4.870  -9.872  1.00 65.96  ? 308 LYS A CE  1 
ATOM   1086 N  NZ  . LYS A 1 151 ? -20.309 -5.372  -9.387  1.00 63.89  ? 308 LYS A NZ  1 
ATOM   1087 N  N   . GLN A 1 152 ? -12.877 -7.905  -9.936  1.00 44.73  ? 309 GLN A N   1 
ATOM   1088 C  CA  . GLN A 1 152 ? -11.573 -8.226  -10.583 1.00 42.63  ? 309 GLN A CA  1 
ATOM   1089 C  C   . GLN A 1 152 ? -10.893 -9.433  -9.947  1.00 36.62  ? 309 GLN A C   1 
ATOM   1090 O  O   . GLN A 1 152 ? -9.757  -9.693  -10.358 1.00 35.93  ? 309 GLN A O   1 
ATOM   1091 C  CB  . GLN A 1 152 ? -10.542 -7.104  -10.424 1.00 49.82  ? 309 GLN A CB  1 
ATOM   1092 C  CG  . GLN A 1 152 ? -11.100 -5.725  -10.690 1.00 55.77  ? 309 GLN A CG  1 
ATOM   1093 C  CD  . GLN A 1 152 ? -11.716 -5.634  -12.060 1.00 58.31  ? 309 GLN A CD  1 
ATOM   1094 O  OE1 . GLN A 1 152 ? -11.070 -5.959  -13.048 1.00 62.39  ? 309 GLN A OE1 1 
ATOM   1095 N  NE2 . GLN A 1 152 ? -12.962 -5.179  -12.116 1.00 57.70  ? 309 GLN A NE2 1 
ATOM   1096 N  N   . ARG A 1 153 ? -11.505 -10.101 -8.964  1.00 36.37  ? 310 ARG A N   1 
ATOM   1097 C  CA  . ARG A 1 153 ? -10.960 -11.314 -8.280  1.00 38.43  ? 310 ARG A CA  1 
ATOM   1098 C  C   . ARG A 1 153 ? -9.862  -10.946 -7.255  1.00 38.00  ? 310 ARG A C   1 
ATOM   1099 O  O   . ARG A 1 153 ? -8.952  -11.798 -6.958  1.00 35.42  ? 310 ARG A O   1 
ATOM   1100 C  CB  . ARG A 1 153 ? -10.493 -12.353 -9.308  1.00 48.05  ? 310 ARG A CB  1 
ATOM   1101 C  CG  . ARG A 1 153 ? -11.548 -12.690 -10.357 1.00 58.35  ? 310 ARG A CG  1 
ATOM   1102 C  CD  . ARG A 1 153 ? -11.450 -14.105 -10.916 1.00 64.79  ? 310 ARG A CD  1 
ATOM   1103 N  NE  . ARG A 1 153 ? -10.130 -14.419 -11.463 0.75 65.19  ? 310 ARG A NE  1 
ATOM   1104 C  CZ  . ARG A 1 153 ? -9.341  -15.418 -11.059 0.75 67.82  ? 310 ARG A CZ  1 
ATOM   1105 N  NH1 . ARG A 1 153 ? -9.718  -16.239 -10.092 0.75 65.38  ? 310 ARG A NH1 1 
ATOM   1106 N  NH2 . ARG A 1 153 ? -8.166  -15.599 -11.640 0.75 69.53  ? 310 ARG A NH2 1 
ATOM   1107 N  N   . GLY A 1 154 ? -9.966  -9.770  -6.634  1.00 33.58  ? 311 GLY A N   1 
ATOM   1108 C  CA  . GLY A 1 154 ? -9.030  -9.352  -5.578  1.00 31.71  ? 311 GLY A CA  1 
ATOM   1109 C  C   . GLY A 1 154 ? -7.586  -9.525  -5.994  1.00 33.58  ? 311 GLY A C   1 
ATOM   1110 O  O   . GLY A 1 154 ? -7.207  -9.146  -7.127  1.00 33.30  ? 311 GLY A O   1 
ATOM   1111 N  N   . TRP A 1 155 ? -6.784  -10.095 -5.108  1.00 33.07  ? 312 TRP A N   1 
ATOM   1112 C  CA  . TRP A 1 155 ? -5.321  -10.193 -5.291  1.00 35.03  ? 312 TRP A CA  1 
ATOM   1113 C  C   . TRP A 1 155 ? -4.949  -11.264 -6.314  1.00 36.45  ? 312 TRP A C   1 
ATOM   1114 O  O   . TRP A 1 155 ? -3.848  -11.152 -6.855  1.00 40.38  ? 312 TRP A O   1 
ATOM   1115 C  CB  . TRP A 1 155 ? -4.648  -10.381 -3.933  1.00 35.13  ? 312 TRP A CB  1 
ATOM   1116 C  CG  . TRP A 1 155 ? -4.781  -9.151  -3.093  1.00 34.03  ? 312 TRP A CG  1 
ATOM   1117 C  CD1 . TRP A 1 155 ? -5.675  -8.949  -2.086  1.00 29.54  ? 312 TRP A CD1 1 
ATOM   1118 C  CD2 . TRP A 1 155 ? -4.065  -7.911  -3.255  1.00 33.91  ? 312 TRP A CD2 1 
ATOM   1119 N  NE1 . TRP A 1 155 ? -5.515  -7.702  -1.561  1.00 31.19  ? 312 TRP A NE1 1 
ATOM   1120 C  CE2 . TRP A 1 155 ? -4.534  -7.039  -2.250  1.00 29.86  ? 312 TRP A CE2 1 
ATOM   1121 C  CE3 . TRP A 1 155 ? -3.031  -7.475  -4.103  1.00 34.00  ? 312 TRP A CE3 1 
ATOM   1122 C  CZ2 . TRP A 1 155 ? -4.035  -5.747  -2.081  1.00 31.07  ? 312 TRP A CZ2 1 
ATOM   1123 C  CZ3 . TRP A 1 155 ? -2.535  -6.195  -3.937  1.00 32.23  ? 312 TRP A CZ3 1 
ATOM   1124 C  CH2 . TRP A 1 155 ? -3.023  -5.349  -2.931  1.00 32.84  ? 312 TRP A CH2 1 
ATOM   1125 N  N   . ASP A 1 156 ? -5.834  -12.223 -6.608  1.00 41.03  ? 313 ASP A N   1 
ATOM   1126 C  CA  . ASP A 1 156 ? -5.679  -13.154 -7.766  1.00 39.74  ? 313 ASP A CA  1 
ATOM   1127 C  C   . ASP A 1 156 ? -5.769  -12.350 -9.069  1.00 42.06  ? 313 ASP A C   1 
ATOM   1128 O  O   . ASP A 1 156 ? -5.010  -12.654 -10.016 1.00 41.73  ? 313 ASP A O   1 
ATOM   1129 C  CB  . ASP A 1 156 ? -6.726  -14.267 -7.745  1.00 44.21  ? 313 ASP A CB  1 
ATOM   1130 C  CG  . ASP A 1 156 ? -6.555  -15.180 -6.543  1.00 48.60  ? 313 ASP A CG  1 
ATOM   1131 O  OD1 . ASP A 1 156 ? -5.566  -15.935 -6.541  1.00 61.44  ? 313 ASP A OD1 1 
ATOM   1132 O  OD2 . ASP A 1 156 ? -7.362  -15.077 -5.591  1.00 49.65  ? 313 ASP A OD2 1 
ATOM   1133 N  N   . GLY A 1 157 ? -6.660  -11.356 -9.111  1.00 40.18  ? 314 GLY A N   1 
ATOM   1134 C  CA  . GLY A 1 157 ? -6.806  -10.409 -10.235 1.00 39.42  ? 314 GLY A CA  1 
ATOM   1135 C  C   . GLY A 1 157 ? -5.531  -9.621  -10.468 1.00 40.58  ? 314 GLY A C   1 
ATOM   1136 O  O   . GLY A 1 157 ? -5.112  -9.502  -11.631 1.00 42.77  ? 314 GLY A O   1 
ATOM   1137 N  N   . PHE A 1 158 ? -4.930  -9.125  -9.390  1.00 38.28  ? 315 PHE A N   1 
ATOM   1138 C  CA  . PHE A 1 158 ? -3.642  -8.386  -9.352  1.00 38.77  ? 315 PHE A CA  1 
ATOM   1139 C  C   . PHE A 1 158 ? -2.556  -9.208  -10.058 1.00 45.58  ? 315 PHE A C   1 
ATOM   1140 O  O   . PHE A 1 158 ? -1.961  -8.722  -11.039 1.00 45.19  ? 315 PHE A O   1 
ATOM   1141 C  CB  . PHE A 1 158 ? -3.283  -8.073  -7.901  1.00 37.10  ? 315 PHE A CB  1 
ATOM   1142 C  CG  . PHE A 1 158 ? -2.029  -7.270  -7.673  1.00 36.78  ? 315 PHE A CG  1 
ATOM   1143 C  CD1 . PHE A 1 158 ? -1.979  -5.925  -8.000  1.00 40.54  ? 315 PHE A CD1 1 
ATOM   1144 C  CD2 . PHE A 1 158 ? -0.908  -7.848  -7.090  1.00 37.05  ? 315 PHE A CD2 1 
ATOM   1145 C  CE1 . PHE A 1 158 ? -0.839  -5.177  -7.761  1.00 41.27  ? 315 PHE A CE1 1 
ATOM   1146 C  CE2 . PHE A 1 158 ? 0.228   -7.092  -6.834  1.00 36.79  ? 315 PHE A CE2 1 
ATOM   1147 C  CZ  . PHE A 1 158 ? 0.260   -5.760  -7.159  1.00 37.36  ? 315 PHE A CZ  1 
ATOM   1148 N  N   . VAL A 1 159 ? -2.318  -10.419 -9.557  1.00 48.65  ? 316 VAL A N   1 
ATOM   1149 C  CA  . VAL A 1 159 ? -1.272  -11.368 -10.041 1.00 47.30  ? 316 VAL A CA  1 
ATOM   1150 C  C   . VAL A 1 159 ? -1.528  -11.698 -11.518 1.00 54.83  ? 316 VAL A C   1 
ATOM   1151 O  O   . VAL A 1 159 ? -0.552  -11.786 -12.286 1.00 64.66  ? 316 VAL A O   1 
ATOM   1152 C  CB  . VAL A 1 159 ? -1.256  -12.642 -9.172  1.00 44.71  ? 316 VAL A CB  1 
ATOM   1153 C  CG1 . VAL A 1 159 ? -0.394  -13.736 -9.785  1.00 45.48  ? 316 VAL A CG1 1 
ATOM   1154 C  CG2 . VAL A 1 159 ? -0.793  -12.362 -7.752  1.00 41.83  ? 316 VAL A CG2 1 
ATOM   1155 N  N   . GLU A 1 160 ? -2.790  -11.904 -11.897 1.00 52.82  ? 317 GLU A N   1 
ATOM   1156 C  CA  . GLU A 1 160 ? -3.180  -12.264 -13.280 1.00 51.40  ? 317 GLU A CA  1 
ATOM   1157 C  C   . GLU A 1 160 ? -2.928  -11.083 -14.213 1.00 56.06  ? 317 GLU A C   1 
ATOM   1158 O  O   . GLU A 1 160 ? -2.613  -11.332 -15.389 1.00 62.74  ? 317 GLU A O   1 
ATOM   1159 C  CB  . GLU A 1 160 ? -4.646  -12.670 -13.380 1.00 52.47  ? 317 GLU A CB  1 
ATOM   1160 C  CG  . GLU A 1 160 ? -4.846  -14.125 -13.738 0.75 55.16  ? 317 GLU A CG  1 
ATOM   1161 C  CD  . GLU A 1 160 ? -6.290  -14.484 -14.040 0.50 54.51  ? 317 GLU A CD  1 
ATOM   1162 O  OE1 . GLU A 1 160 ? -6.530  -15.191 -15.045 0.50 58.28  ? 317 GLU A OE1 1 
ATOM   1163 O  OE2 . GLU A 1 160 ? -7.168  -14.065 -13.262 0.50 52.18  ? 317 GLU A OE2 1 
ATOM   1164 N  N   . PHE A 1 161 ? -3.121  -9.859  -13.728 1.00 47.35  ? 318 PHE A N   1 
ATOM   1165 C  CA  . PHE A 1 161 ? -3.072  -8.628  -14.541 1.00 48.26  ? 318 PHE A CA  1 
ATOM   1166 C  C   . PHE A 1 161 ? -1.636  -8.418  -15.014 1.00 52.01  ? 318 PHE A C   1 
ATOM   1167 O  O   . PHE A 1 161 ? -1.454  -7.965  -16.153 1.00 52.56  ? 318 PHE A O   1 
ATOM   1168 C  CB  . PHE A 1 161 ? -3.565  -7.424  -13.733 1.00 52.23  ? 318 PHE A CB  1 
ATOM   1169 C  CG  . PHE A 1 161 ? -3.444  -6.089  -14.422 1.00 49.51  ? 318 PHE A CG  1 
ATOM   1170 C  CD1 . PHE A 1 161 ? -4.275  -5.750  -15.480 1.00 54.51  ? 318 PHE A CD1 1 
ATOM   1171 C  CD2 . PHE A 1 161 ? -2.527  -5.152  -13.981 1.00 52.53  ? 318 PHE A CD2 1 
ATOM   1172 C  CE1 . PHE A 1 161 ? -4.182  -4.504  -16.083 1.00 50.32  ? 318 PHE A CE1 1 
ATOM   1173 C  CE2 . PHE A 1 161 ? -2.439  -3.906  -14.584 1.00 52.81  ? 318 PHE A CE2 1 
ATOM   1174 C  CZ  . PHE A 1 161 ? -3.266  -3.588  -15.636 1.00 53.33  ? 318 PHE A CZ  1 
ATOM   1175 N  N   . PHE A 1 162 ? -0.661  -8.704  -14.150 1.00 51.78  ? 319 PHE A N   1 
ATOM   1176 C  CA  . PHE A 1 162 ? 0.784   -8.517  -14.444 1.00 60.73  ? 319 PHE A CA  1 
ATOM   1177 C  C   . PHE A 1 162 ? 1.355   -9.804  -15.064 1.00 66.66  ? 319 PHE A C   1 
ATOM   1178 O  O   . PHE A 1 162 ? 2.587   -9.897  -15.220 1.00 77.53  ? 319 PHE A O   1 
ATOM   1179 C  CB  . PHE A 1 162 ? 1.506   -8.028  -13.190 1.00 53.75  ? 319 PHE A CB  1 
ATOM   1180 C  CG  . PHE A 1 162 ? 1.101   -6.653  -12.720 1.00 52.05  ? 319 PHE A CG  1 
ATOM   1181 C  CD1 . PHE A 1 162 ? 1.556   -5.514  -13.365 1.00 57.11  ? 319 PHE A CD1 1 
ATOM   1182 C  CD2 . PHE A 1 162 ? 0.261   -6.490  -11.629 1.00 55.67  ? 319 PHE A CD2 1 
ATOM   1183 C  CE1 . PHE A 1 162 ? 1.194   -4.248  -12.926 1.00 49.66  ? 319 PHE A CE1 1 
ATOM   1184 C  CE2 . PHE A 1 162 ? -0.098  -5.225  -11.189 1.00 51.13  ? 319 PHE A CE2 1 
ATOM   1185 C  CZ  . PHE A 1 162 ? 0.367   -4.107  -11.838 1.00 56.30  ? 319 PHE A CZ  1 
ATOM   1186 N  N   . HIS A 1 163 ? 0.470   -10.746 -15.420 1.00 70.67  ? 320 HIS A N   1 
ATOM   1187 C  CA  . HIS A 1 163 ? 0.732   -12.016 -16.158 1.00 76.90  ? 320 HIS A CA  1 
ATOM   1188 C  C   . HIS A 1 163 ? 1.913   -12.799 -15.543 1.00 78.93  ? 320 HIS A C   1 
ATOM   1189 O  O   . HIS A 1 163 ? 2.619   -13.487 -16.318 1.00 74.44  ? 320 HIS A O   1 
ATOM   1190 C  CB  . HIS A 1 163 ? 0.884   -11.712 -17.661 1.00 71.10  ? 320 HIS A CB  1 
ATOM   1191 N  N   . VAL A 1 164 ? 2.070   -12.782 -14.208 1.00 74.02  ? 321 VAL A N   1 
ATOM   1192 C  CA  . VAL A 1 164 ? 3.269   -13.341 -13.501 1.00 78.87  ? 321 VAL A CA  1 
ATOM   1193 C  C   . VAL A 1 164 ? 3.197   -14.876 -13.590 1.00 84.45  ? 321 VAL A C   1 
ATOM   1194 O  O   . VAL A 1 164 ? 4.219   -15.489 -13.972 1.00 84.13  ? 321 VAL A O   1 
ATOM   1195 C  CB  . VAL A 1 164 ? 3.450   -12.809 -12.052 1.00 73.54  ? 321 VAL A CB  1 
ATOM   1196 C  CG1 . VAL A 1 164 ? 2.610   -11.578 -11.755 1.00 71.23  ? 321 VAL A CG1 1 
ATOM   1197 C  CG2 . VAL A 1 164 ? 3.222   -13.847 -10.962 1.00 68.35  ? 321 VAL A CG2 1 
ATOM   1198 N  N   . GLU A 1 165 ? 2.023   -15.451 -13.294 1.00 89.03  ? 322 GLU A N   1 
ATOM   1199 C  CA  . GLU A 1 165 ? 1.700   -16.902 -13.380 1.00 86.26  ? 322 GLU A CA  1 
ATOM   1200 C  C   . GLU A 1 165 ? 0.344   -17.163 -12.708 1.00 91.38  ? 322 GLU A C   1 
ATOM   1201 O  O   . GLU A 1 165 ? 0.243   -17.483 -11.519 1.00 90.67  ? 322 GLU A O   1 
ATOM   1202 C  CB  . GLU A 1 165 ? 2.795   -17.776 -12.756 1.00 90.24  ? 322 GLU A CB  1 
ATOM   1203 C  CG  . GLU A 1 165 ? 3.347   -17.339 -11.408 1.00 87.76  ? 322 GLU A CG  1 
ATOM   1204 C  CD  . GLU A 1 165 ? 4.835   -17.610 -11.267 1.00 87.89  ? 322 GLU A CD  1 
ATOM   1205 O  OE1 . GLU A 1 165 ? 5.619   -16.676 -11.547 1.00 88.23  ? 322 GLU A OE1 1 
ATOM   1206 O  OE2 . GLU A 1 165 ? 5.208   -18.746 -10.880 1.00 77.98  ? 322 GLU A OE2 1 
HETATM 1207 C  C6  . JL8 B 2 .   ? -1.553  10.308  -4.007  1.00 31.77  ? 401 JL8 A C6  1 
HETATM 1208 C  C8  . JL8 B 2 .   ? -2.085  9.179   -5.967  1.00 29.38  ? 401 JL8 A C8  1 
HETATM 1209 C  C10 . JL8 B 2 .   ? -0.927  11.410  -3.135  1.00 35.61  ? 401 JL8 A C10 1 
HETATM 1210 C  C13 . JL8 B 2 .   ? -0.904  9.858   -10.454 1.00 26.29  ? 401 JL8 A C13 1 
HETATM 1211 C  C17 . JL8 B 2 .   ? 0.537   9.562   -10.218 1.00 26.66  ? 401 JL8 A C17 1 
HETATM 1212 C  C21 . JL8 B 2 .   ? 2.399   8.158   -10.543 1.00 28.79  ? 401 JL8 A C21 1 
HETATM 1213 C  C24 . JL8 B 2 .   ? -0.681  11.373  -6.053  1.00 30.45  ? 401 JL8 A C24 1 
HETATM 1214 C  C28 . JL8 B 2 .   ? 1.384   12.538  -6.516  1.00 31.62  ? 401 JL8 A C28 1 
HETATM 1215 C  C2  . JL8 B 2 .   ? -3.364  6.906   -6.676  1.00 30.92  ? 401 JL8 A C2  1 
HETATM 1216 C  C9  . JL8 B 2 .   ? -2.655  8.360   -5.014  1.00 32.66  ? 401 JL8 A C9  1 
HETATM 1217 C  C18 . JL8 B 2 .   ? 1.071   8.433   -10.790 1.00 27.36  ? 401 JL8 A C18 1 
HETATM 1218 C  C23 . JL8 B 2 .   ? 1.300   10.444  -9.457  1.00 27.20  ? 401 JL8 A C23 1 
HETATM 1219 C  C27 . JL8 B 2 .   ? -0.737  13.382  -7.405  1.00 30.61  ? 401 JL8 A C27 1 
HETATM 1220 C  C29 . JL8 B 2 .   ? -1.398  12.330  -6.780  1.00 32.91  ? 401 JL8 A C29 1 
HETATM 1221 C  C30 . JL8 B 2 .   ? 1.549   10.501  -5.137  1.00 34.69  ? 401 JL8 A C30 1 
HETATM 1222 C  C25 . JL8 B 2 .   ? 0.716   11.491  -5.929  1.00 30.91  ? 401 JL8 A C25 1 
HETATM 1223 CL CL  . JL8 B 2 .   ? 3.105   12.718  -6.400  1.00 36.27  ? 401 JL8 A CL  1 
HETATM 1224 C  C26 . JL8 B 2 .   ? 0.653   13.476  -7.260  1.00 37.22  ? 401 JL8 A C26 1 
HETATM 1225 O  O31 . JL8 B 2 .   ? 1.331   14.491  -7.845  1.00 35.79  ? 401 JL8 A O31 1 
HETATM 1226 C  C7  . JL8 B 2 .   ? -1.431  10.282  -5.390  1.00 28.63  ? 401 JL8 A C7  1 
HETATM 1227 C  C22 . JL8 B 2 .   ? -1.667  11.457  -1.826  1.00 40.61  ? 401 JL8 A C22 1 
HETATM 1228 S  S5  . JL8 B 2 .   ? -2.438  9.014   -3.387  1.00 32.70  ? 401 JL8 A S5  1 
HETATM 1229 N  N3  . JL8 B 2 .   ? -3.292  7.245   -5.367  1.00 26.24  ? 401 JL8 A N3  1 
HETATM 1230 N  N1  . JL8 B 2 .   ? -2.827  7.695   -7.657  1.00 26.14  ? 401 JL8 A N1  1 
HETATM 1231 C  C4  . JL8 B 2 .   ? -2.177  8.793   -7.299  1.00 26.98  ? 401 JL8 A C4  1 
HETATM 1232 O  O11 . JL8 B 2 .   ? -1.578  9.558   -8.224  1.00 27.65  ? 401 JL8 A O11 1 
HETATM 1233 C  C12 . JL8 B 2 .   ? -1.839  9.123   -9.586  1.00 28.70  ? 401 JL8 A C12 1 
HETATM 1234 C  C14 . JL8 B 2 .   ? -3.317  9.375   -9.997  1.00 30.55  ? 401 JL8 A C14 1 
HETATM 1235 O  O16 . JL8 B 2 .   ? -3.788  8.725   -10.931 1.00 32.61  ? 401 JL8 A O16 1 
HETATM 1236 O  O15 . JL8 B 2 .   ? -3.987  10.189  -9.362  1.00 30.38  ? 401 JL8 A O15 1 
HETATM 1237 C  C19 . JL8 B 2 .   ? 3.185   9.034   -9.826  1.00 26.44  ? 401 JL8 A C19 1 
HETATM 1238 C  C20 . JL8 B 2 .   ? 2.634   10.149  -9.232  1.00 28.07  ? 401 JL8 A C20 1 
HETATM 1239 O  O   . HOH C 3 .   ? 1.092   -18.635 -9.790  1.00 55.04  ? 501 HOH A O   1 
HETATM 1240 O  O   . HOH C 3 .   ? 12.879  -0.190  -10.843 1.00 46.48  ? 502 HOH A O   1 
HETATM 1241 O  O   . HOH C 3 .   ? -0.971  -5.859  10.029  1.00 54.33  ? 503 HOH A O   1 
HETATM 1242 O  O   . HOH C 3 .   ? -7.891  -11.678 -2.909  1.00 40.04  ? 504 HOH A O   1 
HETATM 1243 O  O   . HOH C 3 .   ? 0.282   16.336  -9.051  0.50 47.18  ? 505 HOH A O   1 
HETATM 1244 O  O   . HOH C 3 .   ? -19.346 -14.988 10.795  1.00 62.25  ? 506 HOH A O   1 
HETATM 1245 O  O   . HOH C 3 .   ? -6.595  -15.155 -2.707  1.00 45.14  ? 507 HOH A O   1 
HETATM 1246 O  O   . HOH C 3 .   ? 14.625  10.278  17.023  1.00 26.69  ? 508 HOH A O   1 
HETATM 1247 O  O   . HOH C 3 .   ? 11.233  -3.132  -10.020 1.00 37.02  ? 509 HOH A O   1 
HETATM 1248 O  O   . HOH C 3 .   ? -20.647 -4.752  -1.718  1.00 35.60  ? 510 HOH A O   1 
HETATM 1249 O  O   . HOH C 3 .   ? 4.592   0.782   12.744  1.00 51.08  ? 511 HOH A O   1 
HETATM 1250 O  O   . HOH C 3 .   ? -6.651  -9.728  -13.723 1.00 51.35  ? 512 HOH A O   1 
HETATM 1251 O  O   . HOH C 3 .   ? -18.094 -6.743  -7.019  1.00 48.87  ? 513 HOH A O   1 
HETATM 1252 O  O   . HOH C 3 .   ? 10.586  -4.452  -0.333  1.00 46.89  ? 514 HOH A O   1 
HETATM 1253 O  O   . HOH C 3 .   ? 14.902  7.154   -9.171  1.00 39.47  ? 515 HOH A O   1 
HETATM 1254 O  O   . HOH C 3 .   ? -14.974 -8.682  0.099   1.00 47.52  ? 516 HOH A O   1 
HETATM 1255 O  O   . HOH C 3 .   ? 6.338   4.528   -14.337 1.00 30.84  ? 517 HOH A O   1 
HETATM 1256 O  O   . HOH C 3 .   ? -4.133  -9.316  7.939   1.00 44.32  ? 518 HOH A O   1 
HETATM 1257 O  O   . HOH C 3 .   ? 4.692   16.220  -6.766  1.00 39.83  ? 519 HOH A O   1 
HETATM 1258 O  O   . HOH C 3 .   ? 6.531   -0.222  -11.937 1.00 36.85  ? 520 HOH A O   1 
HETATM 1259 O  O   . HOH C 3 .   ? -3.917  12.861  -8.729  1.00 55.22  ? 521 HOH A O   1 
HETATM 1260 O  O   . HOH C 3 .   ? -15.978 -2.190  1.800   1.00 37.49  ? 522 HOH A O   1 
HETATM 1261 O  O   . HOH C 3 .   ? -6.108  9.615   -12.164 1.00 28.23  ? 523 HOH A O   1 
HETATM 1262 O  O   . HOH C 3 .   ? 11.167  8.364   1.426   1.00 33.14  ? 524 HOH A O   1 
HETATM 1263 O  O   . HOH C 3 .   ? -12.644 -10.234 -13.387 1.00 60.02  ? 525 HOH A O   1 
HETATM 1264 O  O   . HOH C 3 .   ? 12.510  1.510   -5.469  1.00 44.96  ? 526 HOH A O   1 
HETATM 1265 O  O   . HOH C 3 .   ? 10.771  3.452   -16.548 1.00 47.03  ? 527 HOH A O   1 
HETATM 1266 O  O   . HOH C 3 .   ? 12.001  10.765  1.205   1.00 47.85  ? 528 HOH A O   1 
HETATM 1267 O  O   . HOH C 3 .   ? -9.680  3.292   -14.899 1.00 47.56  ? 529 HOH A O   1 
HETATM 1268 O  O   . HOH C 3 .   ? -8.518  12.561  -8.399  1.00 63.80  ? 530 HOH A O   1 
HETATM 1269 O  O   . HOH C 3 .   ? 15.409  6.208   -6.993  1.00 58.69  ? 531 HOH A O   1 
HETATM 1270 O  O   . HOH C 3 .   ? 0.853   17.718  -7.127  1.00 64.04  ? 532 HOH A O   1 
HETATM 1271 O  O   . HOH C 3 .   ? -13.805 5.474   -11.112 1.00 63.24  ? 533 HOH A O   1 
HETATM 1272 O  O   . HOH C 3 .   ? 13.552  8.906   3.566   1.00 54.64  ? 534 HOH A O   1 
HETATM 1273 O  O   . HOH C 3 .   ? 1.847   2.231   -12.225 1.00 37.44  ? 535 HOH A O   1 
HETATM 1274 O  O   . HOH C 3 .   ? 3.005   5.539   -15.348 1.00 33.36  ? 536 HOH A O   1 
HETATM 1275 O  O   . HOH C 3 .   ? -1.692  -7.956  9.278   1.00 46.26  ? 537 HOH A O   1 
HETATM 1276 O  O   . HOH C 3 .   ? 0.820   -4.072  -17.150 1.00 58.03  ? 538 HOH A O   1 
HETATM 1277 O  O   . HOH C 3 .   ? 5.337   22.451  -7.698  1.00 70.62  ? 539 HOH A O   1 
HETATM 1278 O  O   . HOH C 3 .   ? 3.459   -0.213  -13.428 1.00 57.09  ? 540 HOH A O   1 
HETATM 1279 O  O   . HOH C 3 .   ? 2.906   -1.947  -15.463 1.00 61.81  ? 541 HOH A O   1 
# 
